data_9DB6
#
_entry.id   9DB6
#
_cell.length_a   80.248
_cell.length_b   149.520
_cell.length_c   100.437
_cell.angle_alpha   90.000
_cell.angle_beta   113.299
_cell.angle_gamma   90.000
#
_symmetry.space_group_name_H-M   'P 1 21 1'
#
loop_
_entity.id
_entity.type
_entity.pdbx_description
1 polymer 'BNR/Asp-box repeat protein'
2 non-polymer '2-DEOXY-2,3-DEHYDRO-N-ACETYL-NEURAMINIC ACID'
3 water water
#
_entity_poly.entity_id   1
_entity_poly.type   'polypeptide(L)'
_entity_poly.pdbx_seq_one_letter_code
;MSDAVRASDTVFIRETQTPILIERQDNVLFYIRLDAKDSKLLNEVVLDFSKSTPLHDIQSVKLYYGGTEALQHRDKKRMA
PVEYISGFHPGTTLSANPSYSVKCAEVVRPSNKVVLKSNYKLFPGVNFFWISLQMKKGTSLYTRINSELCAVKVDGKVLD
CKYLSPKNISHRMAIGVRHAGDDGSAAFRIPGLVTTNKGTLLGVYDVRYNSSVDLQEYVDVGLSRSTDGGETWEKMRLPL
SFGEYGGLPKAQNGVGDPSILVDTKTNTVWIVAAWTHGMGNQRAWWSSHPGMDMNHTAQLMMVKSTDDGKTWSEPINITE
QVKDPSWYFLLQGPGRGITMSDGTLVFPTQFIDSTRIPNAGIMYSKDRGKTWKMHNMARTNTTEAQVVEIEPGVLMLNMR
DNRGGSRAVSITKDLGKSWTEHASSRKALNEPVCMASLLNVKAQDNVLNKDILLFSNPNTVKGRDHITIKASLDKGLTWL
PEHQLLLDEDPGWGYSCLTMIDKETIGILYESSVAHMTFQAVKLTDLIKEHHHHHHHHHH
;
_entity_poly.pdbx_strand_id   A,B,C,D
#
loop_
_chem_comp.id
_chem_comp.type
_chem_comp.name
_chem_comp.formula
DAN D-saccharide '2-DEOXY-2,3-DEHYDRO-N-ACETYL-NEURAMINIC ACID' 'C11 H17 N O8'
#
# COMPACT_ATOMS: atom_id res chain seq x y z
N ASP A 9 3.06 8.41 45.02
CA ASP A 9 2.93 8.11 43.61
C ASP A 9 2.72 6.57 43.45
N THR A 10 2.68 6.13 42.20
CA THR A 10 2.63 4.73 41.81
C THR A 10 3.81 4.41 40.89
N VAL A 11 4.34 3.22 41.05
CA VAL A 11 5.48 2.82 40.22
C VAL A 11 5.07 1.51 39.45
N PHE A 12 4.85 1.59 38.12
CA PHE A 12 4.49 0.40 37.30
C PHE A 12 5.70 -0.47 37.15
N ILE A 13 5.50 -1.74 37.44
CA ILE A 13 6.54 -2.75 37.37
C ILE A 13 6.07 -3.86 36.44
N ARG A 14 6.93 -4.25 35.49
CA ARG A 14 6.70 -5.42 34.65
C ARG A 14 7.92 -6.32 34.78
N GLU A 15 7.74 -7.48 35.40
CA GLU A 15 8.74 -8.54 35.39
C GLU A 15 8.63 -9.30 34.07
N THR A 16 9.77 -9.70 33.51
CA THR A 16 9.76 -10.33 32.20
C THR A 16 9.56 -11.84 32.32
N GLN A 17 9.13 -12.45 31.22
CA GLN A 17 9.03 -13.91 31.08
C GLN A 17 9.71 -14.24 29.75
N THR A 18 11.03 -14.25 29.77
CA THR A 18 11.86 -14.32 28.57
C THR A 18 13.10 -15.11 28.91
N PRO A 19 13.69 -15.79 27.93
CA PRO A 19 14.88 -16.60 28.21
C PRO A 19 16.03 -15.71 28.65
N ILE A 20 16.73 -16.14 29.70
CA ILE A 20 17.94 -15.46 30.18
C ILE A 20 19.12 -16.11 29.47
N LEU A 21 19.72 -15.39 28.54
CA LEU A 21 20.87 -15.93 27.81
C LEU A 21 22.11 -15.91 28.69
N ILE A 22 22.67 -17.09 28.94
CA ILE A 22 23.80 -17.19 29.85
C ILE A 22 24.94 -16.30 29.37
N GLU A 23 25.17 -16.26 28.06
CA GLU A 23 26.30 -15.53 27.50
C GLU A 23 26.05 -14.03 27.36
N ARG A 24 24.85 -13.54 27.66
CA ARG A 24 24.56 -12.12 27.48
C ARG A 24 25.15 -11.28 28.61
N GLN A 25 25.65 -10.10 28.26
CA GLN A 25 26.10 -9.16 29.28
C GLN A 25 24.94 -8.46 29.97
N ASP A 26 23.76 -8.42 29.34
CA ASP A 26 22.56 -7.85 29.92
C ASP A 26 21.35 -8.71 29.54
N ASN A 27 20.40 -8.81 30.47
CA ASN A 27 19.12 -9.47 30.25
C ASN A 27 18.07 -8.66 31.01
N VAL A 28 16.98 -8.28 30.34
CA VAL A 28 15.99 -7.44 31.00
C VAL A 28 15.19 -8.31 31.98
N LEU A 29 15.35 -8.04 33.28
CA LEU A 29 14.61 -8.74 34.32
C LEU A 29 13.35 -7.98 34.72
N PHE A 30 13.46 -6.65 34.92
CA PHE A 30 12.31 -5.82 35.28
C PHE A 30 12.28 -4.56 34.44
N TYR A 31 11.09 -4.14 34.02
CA TYR A 31 10.84 -2.81 33.52
C TYR A 31 10.20 -1.99 34.64
N ILE A 32 10.58 -0.72 34.75
CA ILE A 32 10.04 0.18 35.76
C ILE A 32 9.61 1.48 35.09
N ARG A 33 8.39 1.93 35.38
CA ARG A 33 7.87 3.20 34.86
C ARG A 33 7.38 4.06 36.02
N LEU A 34 7.85 5.29 36.09
CA LEU A 34 7.44 6.27 37.10
C LEU A 34 6.79 7.45 36.39
N ASP A 35 5.56 7.78 36.79
CA ASP A 35 4.79 8.78 36.06
C ASP A 35 4.79 10.17 36.70
N ALA A 36 5.27 10.30 37.93
CA ALA A 36 5.21 11.59 38.61
C ALA A 36 6.04 12.63 37.88
N LYS A 37 5.47 13.83 37.74
CA LYS A 37 6.16 14.97 37.14
C LYS A 37 6.85 15.85 38.17
N ASP A 38 6.50 15.68 39.45
CA ASP A 38 7.00 16.48 40.55
C ASP A 38 8.27 15.92 41.18
N SER A 39 8.71 14.74 40.74
CA SER A 39 9.77 14.05 41.45
C SER A 39 11.14 14.63 41.12
N LYS A 40 12.10 14.38 41.99
CA LYS A 40 13.44 14.91 41.83
C LYS A 40 14.50 13.83 41.76
N LEU A 41 14.46 12.82 42.64
CA LEU A 41 15.54 11.86 42.72
C LEU A 41 15.03 10.46 42.95
N LEU A 42 15.58 9.50 42.19
CA LEU A 42 15.36 8.07 42.45
C LEU A 42 16.48 7.60 43.39
N ASN A 43 16.13 7.37 44.66
CA ASN A 43 17.17 7.05 45.63
C ASN A 43 17.73 5.65 45.40
N GLU A 44 16.86 4.65 45.29
CA GLU A 44 17.32 3.27 45.22
C GLU A 44 16.19 2.34 44.82
N VAL A 45 16.56 1.13 44.44
CA VAL A 45 15.66 0.03 44.12
C VAL A 45 16.13 -1.18 44.90
N VAL A 46 15.20 -1.92 45.51
CA VAL A 46 15.55 -3.03 46.38
C VAL A 46 15.02 -4.33 45.82
N LEU A 47 15.88 -5.35 45.81
CA LEU A 47 15.64 -6.60 45.12
C LEU A 47 16.03 -7.76 46.04
N ASP A 48 15.29 -8.86 45.92
CA ASP A 48 15.55 -10.06 46.69
C ASP A 48 15.49 -11.25 45.75
N PHE A 49 16.65 -11.84 45.48
CA PHE A 49 16.73 -13.16 44.87
C PHE A 49 16.52 -14.19 45.98
N SER A 50 15.69 -15.19 45.72
CA SER A 50 15.17 -16.02 46.79
C SER A 50 16.19 -17.08 47.21
N LYS A 51 15.84 -17.87 48.23
CA LYS A 51 16.74 -18.93 48.68
C LYS A 51 16.96 -19.95 47.58
N SER A 52 15.91 -20.27 46.82
CA SER A 52 16.05 -21.20 45.69
C SER A 52 17.11 -20.72 44.72
N THR A 53 17.23 -19.41 44.53
CA THR A 53 18.20 -18.89 43.59
C THR A 53 19.60 -19.39 43.93
N PRO A 54 20.29 -20.09 43.00
CA PRO A 54 21.74 -20.26 43.16
C PRO A 54 22.39 -18.89 43.00
N LEU A 55 22.70 -18.21 44.11
CA LEU A 55 23.23 -16.87 44.00
C LEU A 55 24.64 -16.87 43.39
N HIS A 56 25.38 -17.96 43.60
CA HIS A 56 26.72 -18.05 43.06
C HIS A 56 26.77 -18.02 41.54
N ASP A 57 25.61 -18.08 40.87
CA ASP A 57 25.57 -18.06 39.41
C ASP A 57 25.29 -16.68 38.83
N ILE A 58 25.01 -15.69 39.67
CA ILE A 58 24.72 -14.34 39.21
C ILE A 58 26.01 -13.52 39.20
N GLN A 59 26.42 -13.08 38.01
CA GLN A 59 27.62 -12.25 37.91
C GLN A 59 27.35 -10.82 38.36
N SER A 60 26.19 -10.26 38.00
CA SER A 60 25.88 -8.91 38.43
C SER A 60 24.42 -8.56 38.16
N VAL A 61 23.94 -7.58 38.91
CA VAL A 61 22.62 -6.99 38.73
C VAL A 61 22.81 -5.50 38.59
N LYS A 62 22.18 -4.90 37.58
CA LYS A 62 22.41 -3.51 37.22
C LYS A 62 21.09 -2.76 37.13
N LEU A 63 21.14 -1.46 37.43
CA LEU A 63 20.02 -0.56 37.29
C LEU A 63 20.35 0.39 36.14
N TYR A 64 19.45 0.46 35.15
CA TYR A 64 19.62 1.30 33.97
C TYR A 64 18.51 2.33 33.89
N TYR A 65 18.86 3.53 33.44
CA TYR A 65 17.90 4.59 33.16
C TYR A 65 17.67 4.67 31.66
N GLY A 66 16.39 4.60 31.25
CA GLY A 66 15.99 4.68 29.87
C GLY A 66 15.41 6.00 29.43
N GLY A 67 15.35 6.99 30.32
CA GLY A 67 14.91 8.31 29.92
C GLY A 67 13.42 8.53 30.03
N THR A 68 12.86 9.25 29.08
CA THR A 68 11.47 9.69 29.17
C THR A 68 10.73 9.34 27.89
N GLU A 69 9.48 9.78 27.75
CA GLU A 69 8.64 9.37 26.65
C GLU A 69 8.09 10.60 25.94
N ALA A 70 7.85 10.45 24.63
CA ALA A 70 7.13 11.47 23.88
C ALA A 70 5.83 11.82 24.60
N LEU A 71 5.54 13.12 24.69
CA LEU A 71 4.38 13.58 25.44
C LEU A 71 3.07 13.07 24.84
N GLN A 72 3.01 12.94 23.52
CA GLN A 72 1.78 12.49 22.87
C GLN A 72 1.65 10.97 22.86
N HIS A 73 2.75 10.25 23.06
CA HIS A 73 2.76 8.79 23.07
C HIS A 73 2.51 8.22 24.46
N ARG A 74 2.38 9.06 25.49
CA ARG A 74 2.11 8.55 26.83
C ARG A 74 0.79 7.80 26.89
N ASP A 75 -0.08 7.98 25.89
CA ASP A 75 -1.33 7.24 25.85
C ASP A 75 -1.12 5.75 25.92
N LYS A 76 0.00 5.24 25.38
CA LYS A 76 0.12 3.81 25.17
C LYS A 76 0.48 3.03 26.43
N LYS A 77 0.97 3.71 27.47
CA LYS A 77 1.23 3.04 28.75
C LYS A 77 2.30 1.96 28.58
N ARG A 78 3.31 2.27 27.76
CA ARG A 78 4.42 1.36 27.53
C ARG A 78 5.37 1.40 28.72
N MET A 79 6.11 0.31 28.88
CA MET A 79 7.04 0.15 30.00
C MET A 79 8.47 0.49 29.63
N ALA A 80 8.73 0.85 28.39
CA ALA A 80 10.05 1.23 27.91
C ALA A 80 9.88 2.07 26.66
N PRO A 81 10.79 3.02 26.39
CA PRO A 81 10.64 3.83 25.18
C PRO A 81 11.22 3.19 23.95
N VAL A 82 11.98 2.09 24.09
CA VAL A 82 12.72 1.50 22.98
C VAL A 82 13.15 0.11 23.41
N GLU A 83 13.46 -0.74 22.44
CA GLU A 83 14.09 -2.02 22.74
C GLU A 83 15.47 -1.76 23.34
N TYR A 84 15.68 -2.21 24.58
CA TYR A 84 16.97 -1.96 25.22
C TYR A 84 18.07 -2.89 24.70
N ILE A 85 17.70 -4.12 24.32
CA ILE A 85 18.65 -5.13 23.88
C ILE A 85 18.04 -5.83 22.67
N SER A 86 18.79 -5.88 21.57
CA SER A 86 18.26 -6.46 20.35
C SER A 86 18.58 -7.94 20.26
N GLY A 87 17.59 -8.73 19.87
CA GLY A 87 17.81 -10.10 19.49
C GLY A 87 18.05 -10.29 18.00
N PHE A 88 18.18 -9.20 17.24
CA PHE A 88 18.13 -9.30 15.79
C PHE A 88 19.16 -8.49 15.02
N HIS A 89 19.75 -7.43 15.58
CA HIS A 89 20.78 -6.68 14.85
C HIS A 89 22.06 -7.52 14.79
N PRO A 90 22.51 -7.94 13.60
CA PRO A 90 23.69 -8.81 13.55
C PRO A 90 24.87 -8.22 14.30
N GLY A 91 25.50 -9.07 15.12
CA GLY A 91 26.75 -8.73 15.78
C GLY A 91 26.64 -7.96 17.07
N THR A 92 25.45 -7.51 17.47
CA THR A 92 25.33 -6.67 18.65
C THR A 92 24.24 -7.16 19.60
N THR A 93 23.93 -8.45 19.58
CA THR A 93 22.79 -8.96 20.33
C THR A 93 23.13 -9.34 21.77
N LEU A 94 24.39 -9.25 22.17
CA LEU A 94 24.80 -9.73 23.49
C LEU A 94 24.90 -8.65 24.55
N SER A 95 24.73 -7.38 24.18
CA SER A 95 24.84 -6.28 25.12
C SER A 95 23.72 -5.27 24.89
N ALA A 96 23.36 -4.56 25.95
CA ALA A 96 22.41 -3.45 25.84
C ALA A 96 23.00 -2.33 25.01
N ASN A 97 22.19 -1.73 24.16
CA ASN A 97 22.67 -0.62 23.35
C ASN A 97 23.01 0.54 24.27
N PRO A 98 24.28 0.91 24.43
CA PRO A 98 24.61 1.92 25.44
C PRO A 98 24.02 3.28 25.16
N SER A 99 23.61 3.55 23.92
CA SER A 99 22.96 4.81 23.59
C SER A 99 21.51 4.89 24.07
N TYR A 100 20.91 3.77 24.49
CA TYR A 100 19.52 3.75 24.95
C TYR A 100 19.38 3.66 26.46
N SER A 101 20.46 3.34 27.18
CA SER A 101 20.39 3.15 28.62
C SER A 101 21.62 3.76 29.29
N VAL A 102 21.39 4.43 30.42
CA VAL A 102 22.45 4.97 31.27
C VAL A 102 22.52 4.12 32.53
N LYS A 103 23.69 3.55 32.82
CA LYS A 103 23.84 2.74 34.00
C LYS A 103 23.87 3.63 35.25
N CYS A 104 22.92 3.42 36.16
CA CYS A 104 22.87 4.18 37.39
C CYS A 104 23.52 3.45 38.56
N ALA A 105 23.46 2.12 38.58
CA ALA A 105 23.91 1.36 39.74
C ALA A 105 24.17 -0.08 39.32
N GLU A 106 24.93 -0.78 40.14
CA GLU A 106 25.30 -2.15 39.86
C GLU A 106 25.86 -2.84 41.11
N VAL A 107 25.39 -4.04 41.39
CA VAL A 107 25.93 -4.90 42.44
C VAL A 107 26.54 -6.11 41.77
N VAL A 108 27.83 -6.34 41.99
CA VAL A 108 28.56 -7.47 41.43
C VAL A 108 28.51 -8.63 42.42
N ARG A 109 28.44 -9.84 41.87
CA ARG A 109 28.38 -11.06 42.66
C ARG A 109 27.42 -10.92 43.84
N PRO A 110 26.15 -10.69 43.60
CA PRO A 110 25.23 -10.30 44.66
C PRO A 110 24.83 -11.45 45.58
N SER A 111 24.39 -11.05 46.78
CA SER A 111 23.82 -11.97 47.75
C SER A 111 22.30 -11.98 47.59
N ASN A 112 21.57 -12.47 48.60
CA ASN A 112 20.12 -12.54 48.50
C ASN A 112 19.49 -11.17 48.42
N LYS A 113 19.94 -10.22 49.24
CA LYS A 113 19.38 -8.88 49.27
C LYS A 113 20.27 -7.97 48.43
N VAL A 114 19.66 -7.26 47.49
CA VAL A 114 20.35 -6.42 46.52
C VAL A 114 19.77 -5.02 46.60
N VAL A 115 20.59 -4.05 46.95
CA VAL A 115 20.19 -2.64 47.04
C VAL A 115 20.96 -1.86 45.97
N LEU A 116 20.23 -1.30 45.02
CA LEU A 116 20.80 -0.52 43.93
C LEU A 116 20.60 0.96 44.28
N LYS A 117 21.62 1.57 44.86
CA LYS A 117 21.56 2.97 45.28
C LYS A 117 22.03 3.85 44.12
N SER A 118 21.18 4.79 43.71
CA SER A 118 21.52 5.64 42.57
C SER A 118 21.52 7.13 42.91
N ASN A 119 20.48 7.63 43.56
CA ASN A 119 20.29 9.07 43.68
C ASN A 119 20.35 9.71 42.29
N TYR A 120 19.42 9.30 41.43
CA TYR A 120 19.46 9.67 40.03
C TYR A 120 18.45 10.76 39.72
N LYS A 121 18.93 11.83 39.10
CA LYS A 121 18.09 12.97 38.77
C LYS A 121 17.01 12.55 37.78
N LEU A 122 15.77 12.87 38.10
CA LEU A 122 14.62 12.45 37.30
C LEU A 122 14.17 13.57 36.38
N PHE A 123 13.66 13.17 35.23
CA PHE A 123 13.01 14.08 34.30
C PHE A 123 11.70 14.58 34.94
N PRO A 124 11.30 15.82 34.66
CA PRO A 124 9.99 16.29 35.16
C PRO A 124 8.87 15.74 34.28
N GLY A 125 8.62 14.45 34.44
CA GLY A 125 7.68 13.74 33.59
C GLY A 125 7.90 12.24 33.74
N VAL A 126 7.49 11.49 32.71
CA VAL A 126 7.67 10.04 32.75
C VAL A 126 9.15 9.71 32.78
N ASN A 127 9.53 8.82 33.68
CA ASN A 127 10.89 8.28 33.77
C ASN A 127 10.84 6.77 33.66
N PHE A 128 11.72 6.21 32.82
CA PHE A 128 11.82 4.76 32.62
C PHE A 128 13.12 4.26 33.23
N PHE A 129 13.05 3.15 33.98
CA PHE A 129 14.23 2.42 34.42
C PHE A 129 14.08 0.94 34.04
N TRP A 130 15.18 0.19 34.13
CA TRP A 130 15.07 -1.25 34.07
C TRP A 130 16.22 -1.92 34.80
N ILE A 131 16.03 -3.19 35.12
CA ILE A 131 16.97 -3.98 35.90
C ILE A 131 17.56 -5.05 34.99
N SER A 132 18.88 -5.17 35.01
CA SER A 132 19.60 -6.10 34.17
C SER A 132 20.12 -7.26 35.02
N LEU A 133 20.00 -8.46 34.49
CA LEU A 133 20.55 -9.67 35.11
C LEU A 133 21.65 -10.22 34.22
N GLN A 134 22.83 -10.41 34.79
CA GLN A 134 23.97 -10.98 34.08
C GLN A 134 24.45 -12.22 34.83
N MET A 135 24.44 -13.36 34.14
CA MET A 135 24.87 -14.63 34.72
C MET A 135 26.37 -14.83 34.54
N LYS A 136 26.94 -15.71 35.37
CA LYS A 136 28.34 -16.07 35.24
C LYS A 136 28.55 -17.07 34.11
N LYS A 137 29.74 -16.99 33.50
CA LYS A 137 30.03 -17.71 32.26
C LYS A 137 29.58 -19.17 32.32
N GLY A 138 29.92 -19.89 33.38
CA GLY A 138 29.68 -21.32 33.40
C GLY A 138 28.35 -21.77 33.97
N THR A 139 27.37 -20.87 34.02
CA THR A 139 26.10 -21.21 34.66
C THR A 139 25.44 -22.37 33.92
N SER A 140 24.72 -23.19 34.68
CA SER A 140 24.08 -24.36 34.11
C SER A 140 22.74 -23.99 33.48
N LEU A 141 22.39 -24.72 32.41
CA LEU A 141 21.10 -24.53 31.77
C LEU A 141 19.92 -24.70 32.72
N TYR A 142 20.14 -25.28 33.91
CA TYR A 142 19.07 -25.62 34.82
C TYR A 142 18.88 -24.62 35.95
N THR A 143 19.77 -23.64 36.08
CA THR A 143 19.60 -22.60 37.09
C THR A 143 18.27 -21.90 36.89
N ARG A 144 17.57 -21.67 38.00
CA ARG A 144 16.32 -20.92 38.02
C ARG A 144 16.49 -19.73 38.95
N ILE A 145 16.07 -18.56 38.49
CA ILE A 145 16.24 -17.30 39.21
C ILE A 145 14.85 -16.79 39.61
N ASN A 146 14.63 -16.65 40.91
CA ASN A 146 13.40 -16.09 41.46
C ASN A 146 13.76 -14.74 42.08
N SER A 147 13.13 -13.67 41.57
CA SER A 147 13.51 -12.32 41.96
C SER A 147 12.28 -11.53 42.37
N GLU A 148 12.35 -10.93 43.55
CA GLU A 148 11.31 -10.05 44.08
C GLU A 148 11.83 -8.62 44.06
N LEU A 149 11.05 -7.72 43.47
CA LEU A 149 11.36 -6.29 43.52
C LEU A 149 10.66 -5.73 44.75
N CYS A 150 11.45 -5.46 45.79
CA CYS A 150 10.88 -5.15 47.10
C CYS A 150 10.48 -3.68 47.27
N ALA A 151 11.28 -2.75 46.75
CA ALA A 151 11.00 -1.35 47.01
C ALA A 151 11.60 -0.47 45.94
N VAL A 152 10.86 0.58 45.60
CA VAL A 152 11.33 1.70 44.79
C VAL A 152 11.20 2.96 45.62
N LYS A 153 12.30 3.65 45.86
CA LYS A 153 12.36 4.78 46.78
C LYS A 153 12.65 6.05 46.00
N VAL A 154 11.73 7.00 46.06
CA VAL A 154 11.84 8.27 45.34
C VAL A 154 11.69 9.41 46.34
N ASP A 155 12.75 10.21 46.49
CA ASP A 155 12.76 11.36 47.39
C ASP A 155 12.48 10.93 48.83
N GLY A 156 13.17 9.87 49.26
CA GLY A 156 13.11 9.40 50.63
C GLY A 156 11.93 8.53 50.97
N LYS A 157 10.99 8.34 50.05
CA LYS A 157 9.71 7.71 50.32
C LYS A 157 9.54 6.50 49.43
N VAL A 158 9.27 5.35 50.04
CA VAL A 158 9.02 4.12 49.31
C VAL A 158 7.60 4.16 48.76
N LEU A 159 7.46 3.88 47.48
CA LEU A 159 6.20 4.13 46.78
C LEU A 159 5.36 2.87 46.66
N ASP A 160 4.10 3.08 46.28
CA ASP A 160 3.18 1.99 45.99
C ASP A 160 3.42 1.49 44.57
N CYS A 161 3.79 0.21 44.45
CA CYS A 161 4.01 -0.40 43.15
C CYS A 161 2.76 -1.13 42.68
N LYS A 162 2.44 -0.99 41.40
CA LYS A 162 1.44 -1.82 40.73
C LYS A 162 2.16 -2.76 39.78
N TYR A 163 2.07 -4.06 40.06
CA TYR A 163 2.71 -5.06 39.22
C TYR A 163 1.83 -5.40 38.03
N LEU A 164 2.38 -5.32 36.82
CA LEU A 164 1.67 -5.72 35.61
C LEU A 164 2.00 -7.16 35.21
N SER A 165 2.72 -7.90 36.04
CA SER A 165 3.16 -9.25 35.73
C SER A 165 2.85 -10.16 36.91
N PRO A 166 2.55 -11.43 36.64
CA PRO A 166 2.16 -12.35 37.71
C PRO A 166 3.28 -12.58 38.71
N LYS A 167 2.91 -13.18 39.85
CA LYS A 167 3.85 -13.52 40.90
C LYS A 167 4.46 -14.90 40.65
N ASN A 168 5.58 -15.15 41.34
CA ASN A 168 6.28 -16.44 41.31
C ASN A 168 6.81 -16.79 39.92
N ILE A 169 7.21 -15.80 39.14
CA ILE A 169 7.87 -16.08 37.87
C ILE A 169 9.23 -16.71 38.15
N SER A 170 9.51 -17.82 37.48
CA SER A 170 10.83 -18.44 37.53
C SER A 170 11.55 -18.13 36.23
N HIS A 171 12.67 -17.44 36.32
CA HIS A 171 13.44 -17.06 35.14
C HIS A 171 14.37 -18.21 34.77
N ARG A 172 14.30 -18.64 33.51
CA ARG A 172 15.00 -19.80 33.02
C ARG A 172 16.17 -19.40 32.13
N MET A 173 17.22 -20.20 32.18
CA MET A 173 18.41 -19.97 31.38
C MET A 173 18.21 -20.45 29.94
N ALA A 174 19.06 -19.96 29.05
CA ALA A 174 19.09 -20.38 27.66
C ALA A 174 20.51 -20.19 27.16
N ILE A 175 20.86 -20.92 26.11
CA ILE A 175 22.09 -20.68 25.36
C ILE A 175 21.72 -20.32 23.93
N GLY A 176 22.34 -19.27 23.41
CA GLY A 176 22.18 -18.95 22.01
C GLY A 176 23.10 -19.78 21.15
N VAL A 177 22.59 -20.89 20.64
CA VAL A 177 23.40 -21.73 19.77
C VAL A 177 23.86 -20.93 18.55
N ARG A 178 23.00 -20.08 18.02
CA ARG A 178 23.36 -19.19 16.93
C ARG A 178 22.75 -17.82 17.18
N HIS A 179 23.54 -16.76 17.01
CA HIS A 179 23.09 -15.39 17.11
C HIS A 179 23.21 -14.73 15.75
N ALA A 180 22.38 -13.72 15.50
CA ALA A 180 22.51 -12.94 14.28
C ALA A 180 23.93 -12.42 14.11
N GLY A 181 24.50 -12.66 12.93
CA GLY A 181 25.85 -12.26 12.61
C GLY A 181 26.91 -13.32 12.83
N ASP A 182 26.60 -14.36 13.58
CA ASP A 182 27.59 -15.39 13.88
C ASP A 182 28.12 -16.00 12.58
N ASP A 183 29.42 -16.26 12.56
CA ASP A 183 30.11 -16.87 11.42
C ASP A 183 29.74 -16.19 10.10
N GLY A 184 29.55 -14.87 10.16
CA GLY A 184 29.36 -14.12 8.93
C GLY A 184 28.02 -14.30 8.26
N SER A 185 27.03 -14.87 8.95
CA SER A 185 25.69 -15.03 8.42
C SER A 185 24.75 -14.04 9.09
N ALA A 186 23.98 -13.31 8.29
CA ALA A 186 23.05 -12.34 8.86
C ALA A 186 22.04 -13.03 9.77
N ALA A 187 21.58 -14.22 9.39
CA ALA A 187 20.50 -14.85 10.14
C ALA A 187 20.58 -16.37 10.13
N PHE A 188 19.85 -16.96 11.08
CA PHE A 188 19.62 -18.39 11.17
C PHE A 188 18.14 -18.61 11.43
N ARG A 189 17.53 -19.55 10.70
CA ARG A 189 16.11 -19.82 10.83
C ARG A 189 15.82 -21.30 10.64
N ILE A 190 14.62 -21.70 11.08
CA ILE A 190 14.00 -22.99 10.80
C ILE A 190 14.71 -24.10 11.56
N PRO A 191 14.47 -24.23 12.86
CA PRO A 191 15.24 -25.19 13.65
C PRO A 191 14.70 -26.62 13.59
N GLY A 192 15.64 -27.57 13.58
CA GLY A 192 15.32 -28.96 13.83
C GLY A 192 16.27 -29.54 14.86
N LEU A 193 15.75 -30.49 15.65
CA LEU A 193 16.51 -31.00 16.79
C LEU A 193 16.20 -32.47 17.03
N VAL A 194 17.26 -33.28 17.21
CA VAL A 194 17.11 -34.69 17.56
C VAL A 194 18.18 -35.07 18.58
N THR A 195 18.00 -36.24 19.18
CA THR A 195 18.93 -36.87 20.12
C THR A 195 19.30 -38.24 19.56
N THR A 196 20.59 -38.50 19.36
CA THR A 196 20.96 -39.79 18.80
C THR A 196 20.87 -40.88 19.86
N ASN A 197 21.07 -42.13 19.42
CA ASN A 197 21.09 -43.26 20.34
C ASN A 197 22.19 -43.14 21.39
N LYS A 198 23.24 -42.37 21.11
CA LYS A 198 24.32 -42.15 22.06
C LYS A 198 24.09 -40.92 22.94
N GLY A 199 22.90 -40.31 22.86
CA GLY A 199 22.63 -39.12 23.65
C GLY A 199 23.14 -37.82 23.06
N THR A 200 23.67 -37.84 21.84
CA THR A 200 24.20 -36.64 21.22
C THR A 200 23.06 -35.78 20.69
N LEU A 201 23.12 -34.47 20.93
CA LEU A 201 22.14 -33.54 20.41
C LEU A 201 22.63 -33.01 19.07
N LEU A 202 21.71 -32.97 18.10
CA LEU A 202 21.98 -32.45 16.76
C LEU A 202 20.89 -31.45 16.42
N GLY A 203 21.25 -30.18 16.29
CA GLY A 203 20.32 -29.13 15.90
C GLY A 203 20.72 -28.60 14.53
N VAL A 204 19.72 -28.53 13.64
CA VAL A 204 19.94 -28.03 12.27
C VAL A 204 19.09 -26.78 12.05
N TYR A 205 19.43 -26.03 11.01
CA TYR A 205 18.81 -24.74 10.73
C TYR A 205 19.29 -24.22 9.38
N ASP A 206 18.48 -23.36 8.78
CA ASP A 206 18.93 -22.52 7.67
C ASP A 206 20.04 -21.61 8.15
N VAL A 207 21.10 -21.49 7.34
CA VAL A 207 22.09 -20.43 7.48
C VAL A 207 21.81 -19.41 6.37
N ARG A 208 21.19 -18.29 6.73
CA ARG A 208 20.73 -17.29 5.75
C ARG A 208 21.72 -16.12 5.76
N TYR A 209 22.73 -16.20 4.89
CA TYR A 209 23.90 -15.34 5.02
C TYR A 209 23.58 -13.88 4.74
N ASN A 210 22.76 -13.61 3.72
CA ASN A 210 22.57 -12.23 3.29
C ASN A 210 21.48 -11.51 4.09
N SER A 211 20.45 -12.23 4.54
CA SER A 211 19.31 -11.61 5.19
C SER A 211 18.39 -12.72 5.70
N SER A 212 17.29 -12.33 6.32
CA SER A 212 16.36 -13.31 6.87
C SER A 212 15.36 -13.82 5.85
N VAL A 213 15.43 -13.39 4.59
CA VAL A 213 14.41 -13.73 3.61
C VAL A 213 14.49 -15.21 3.24
N ASP A 214 13.34 -15.79 2.89
CA ASP A 214 13.26 -17.20 2.51
C ASP A 214 13.96 -17.45 1.16
N LEU A 215 14.14 -18.74 0.84
CA LEU A 215 14.58 -19.13 -0.50
C LEU A 215 13.69 -18.45 -1.55
N GLN A 216 14.26 -18.06 -2.69
CA GLN A 216 15.65 -18.25 -3.07
C GLN A 216 16.59 -17.21 -2.51
N GLU A 217 17.80 -17.66 -2.16
CA GLU A 217 18.85 -16.80 -1.64
C GLU A 217 20.08 -17.64 -1.32
N TYR A 218 21.14 -17.00 -0.84
CA TYR A 218 22.35 -17.69 -0.39
C TYR A 218 22.04 -18.31 0.97
N VAL A 219 21.70 -19.60 0.97
CA VAL A 219 21.29 -20.32 2.16
C VAL A 219 21.93 -21.70 2.18
N ASP A 220 22.49 -22.08 3.33
CA ASP A 220 22.98 -23.43 3.58
C ASP A 220 22.20 -24.06 4.71
N VAL A 221 22.34 -25.37 4.88
CA VAL A 221 21.84 -26.06 6.05
C VAL A 221 23.03 -26.29 6.99
N GLY A 222 22.93 -25.76 8.22
CA GLY A 222 23.96 -25.86 9.21
C GLY A 222 23.53 -26.81 10.32
N LEU A 223 24.52 -27.20 11.10
CA LEU A 223 24.31 -28.19 12.15
C LEU A 223 25.23 -27.91 13.33
N SER A 224 24.63 -27.83 14.52
CA SER A 224 25.35 -27.71 15.78
C SER A 224 25.21 -29.01 16.55
N ARG A 225 26.32 -29.52 17.06
CA ARG A 225 26.37 -30.81 17.71
C ARG A 225 26.83 -30.65 19.15
N SER A 226 26.13 -31.30 20.08
CA SER A 226 26.47 -31.22 21.49
C SER A 226 26.53 -32.62 22.10
N THR A 227 27.64 -32.90 22.79
CA THR A 227 27.84 -34.18 23.45
C THR A 227 27.64 -34.09 24.95
N ASP A 228 27.22 -32.93 25.47
CA ASP A 228 27.06 -32.74 26.91
C ASP A 228 25.67 -32.20 27.23
N GLY A 229 24.66 -32.78 26.60
CA GLY A 229 23.27 -32.42 26.90
C GLY A 229 22.92 -30.97 26.61
N GLY A 230 23.64 -30.33 25.69
CA GLY A 230 23.29 -29.00 25.26
C GLY A 230 23.97 -27.87 26.01
N GLU A 231 24.85 -28.20 26.95
CA GLU A 231 25.56 -27.14 27.67
C GLU A 231 26.52 -26.40 26.75
N THR A 232 27.21 -27.13 25.88
CA THR A 232 28.13 -26.53 24.91
C THR A 232 27.92 -27.18 23.54
N TRP A 233 28.31 -26.46 22.50
CA TRP A 233 28.04 -26.86 21.13
C TRP A 233 29.29 -26.72 20.26
N GLU A 234 29.54 -27.74 19.44
CA GLU A 234 30.68 -27.77 18.54
C GLU A 234 30.50 -26.77 17.40
N LYS A 235 31.64 -26.41 16.80
CA LYS A 235 31.65 -25.52 15.65
C LYS A 235 30.66 -25.99 14.58
N MET A 236 30.00 -25.03 13.95
CA MET A 236 28.94 -25.32 12.99
C MET A 236 29.48 -26.12 11.81
N ARG A 237 28.75 -27.18 11.44
CA ARG A 237 29.00 -27.93 10.23
C ARG A 237 27.95 -27.57 9.17
N LEU A 238 28.20 -27.96 7.93
CA LEU A 238 27.30 -27.68 6.81
C LEU A 238 26.95 -28.98 6.10
N PRO A 239 25.98 -29.74 6.64
CA PRO A 239 25.61 -30.99 5.98
C PRO A 239 25.12 -30.80 4.56
N LEU A 240 24.56 -29.62 4.22
CA LEU A 240 24.11 -29.37 2.86
C LEU A 240 24.49 -27.97 2.44
N SER A 241 25.11 -27.87 1.26
CA SER A 241 25.50 -26.60 0.68
C SER A 241 25.87 -26.90 -0.77
N PHE A 242 25.48 -26.02 -1.67
CA PHE A 242 25.63 -26.27 -3.10
C PHE A 242 26.48 -25.25 -3.82
N GLY A 243 26.98 -24.24 -3.11
CA GLY A 243 27.88 -23.28 -3.71
C GLY A 243 27.40 -22.81 -5.07
N GLU A 244 28.33 -22.75 -6.01
CA GLU A 244 28.07 -22.28 -7.38
C GLU A 244 27.75 -23.43 -8.33
N TYR A 245 26.93 -24.38 -7.86
CA TYR A 245 26.57 -25.53 -8.68
C TYR A 245 26.06 -25.05 -10.03
N GLY A 246 26.50 -25.73 -11.10
CA GLY A 246 26.10 -25.38 -12.45
C GLY A 246 26.59 -24.04 -12.92
N GLY A 247 27.48 -23.40 -12.19
CA GLY A 247 27.97 -22.10 -12.58
C GLY A 247 27.10 -20.92 -12.18
N LEU A 248 26.04 -21.13 -11.45
CA LEU A 248 25.18 -20.02 -11.02
C LEU A 248 25.65 -19.45 -9.69
N PRO A 249 25.30 -18.20 -9.41
CA PRO A 249 25.71 -17.59 -8.13
C PRO A 249 25.24 -18.43 -6.95
N LYS A 250 25.98 -18.29 -5.85
CA LYS A 250 25.58 -19.01 -4.63
C LYS A 250 24.18 -18.63 -4.17
N ALA A 251 23.75 -17.39 -4.41
CA ALA A 251 22.43 -16.94 -4.00
C ALA A 251 21.34 -17.48 -4.90
N GLN A 252 21.67 -18.15 -6.00
CA GLN A 252 20.70 -18.90 -6.79
C GLN A 252 20.92 -20.40 -6.63
N ASN A 253 21.34 -20.82 -5.42
CA ASN A 253 21.59 -22.23 -5.13
C ASN A 253 21.35 -22.55 -3.66
N GLY A 254 20.40 -21.88 -3.01
CA GLY A 254 20.15 -22.11 -1.61
C GLY A 254 19.48 -23.45 -1.34
N VAL A 255 19.67 -23.94 -0.12
CA VAL A 255 19.02 -25.16 0.36
C VAL A 255 18.59 -24.91 1.81
N GLY A 256 17.37 -25.33 2.16
CA GLY A 256 16.86 -24.97 3.47
C GLY A 256 15.56 -25.66 3.82
N ASP A 257 14.96 -25.20 4.91
CA ASP A 257 13.81 -25.80 5.59
C ASP A 257 14.14 -27.23 6.04
N PRO A 258 15.25 -27.42 6.75
CA PRO A 258 15.68 -28.80 7.06
C PRO A 258 14.74 -29.54 7.99
N SER A 259 14.69 -30.85 7.77
CA SER A 259 14.06 -31.80 8.67
C SER A 259 15.07 -32.91 8.93
N ILE A 260 15.22 -33.30 10.20
CA ILE A 260 16.25 -34.24 10.63
C ILE A 260 15.58 -35.38 11.38
N LEU A 261 16.11 -36.59 11.22
CA LEU A 261 15.62 -37.72 11.98
C LEU A 261 16.76 -38.67 12.33
N VAL A 262 16.53 -39.43 13.39
CA VAL A 262 17.43 -40.49 13.82
C VAL A 262 16.78 -41.82 13.50
N ASP A 263 17.45 -42.63 12.69
CA ASP A 263 17.08 -44.04 12.48
C ASP A 263 17.46 -44.78 13.74
N THR A 264 16.47 -45.01 14.61
CA THR A 264 16.78 -45.56 15.92
C THR A 264 17.24 -47.01 15.85
N LYS A 265 17.01 -47.70 14.73
CA LYS A 265 17.46 -49.07 14.61
C LYS A 265 18.98 -49.13 14.47
N THR A 266 19.60 -48.09 13.91
CA THR A 266 21.02 -48.15 13.59
C THR A 266 21.81 -46.92 14.04
N ASN A 267 21.17 -45.90 14.58
CA ASN A 267 21.75 -44.60 14.88
C ASN A 267 22.21 -43.83 13.64
N THR A 268 21.85 -44.25 12.44
CA THR A 268 22.09 -43.43 11.27
C THR A 268 21.18 -42.19 11.32
N VAL A 269 21.75 -41.02 11.06
CA VAL A 269 21.03 -39.75 11.14
C VAL A 269 20.82 -39.22 9.72
N TRP A 270 19.59 -38.80 9.41
CA TRP A 270 19.23 -38.30 8.09
C TRP A 270 18.77 -36.86 8.18
N ILE A 271 19.15 -36.07 7.17
CA ILE A 271 18.66 -34.70 6.99
C ILE A 271 18.13 -34.56 5.57
N VAL A 272 16.90 -34.08 5.45
CA VAL A 272 16.31 -33.76 4.16
C VAL A 272 16.09 -32.25 4.10
N ALA A 273 16.42 -31.65 2.96
CA ALA A 273 16.14 -30.24 2.75
C ALA A 273 15.77 -30.03 1.29
N ALA A 274 15.33 -28.81 0.98
CA ALA A 274 14.88 -28.43 -0.34
C ALA A 274 15.90 -27.50 -0.98
N TRP A 275 16.42 -27.89 -2.14
CA TRP A 275 17.44 -27.15 -2.86
C TRP A 275 16.78 -26.44 -4.04
N THR A 276 16.96 -25.12 -4.09
CA THR A 276 16.39 -24.29 -5.16
C THR A 276 17.53 -23.75 -6.02
N HIS A 277 17.39 -23.95 -7.33
CA HIS A 277 18.42 -23.65 -8.33
C HIS A 277 17.87 -22.57 -9.26
N GLY A 278 18.66 -21.55 -9.52
CA GLY A 278 18.23 -20.40 -10.30
C GLY A 278 17.22 -19.51 -9.63
N MET A 279 16.13 -19.16 -10.32
CA MET A 279 14.98 -18.46 -9.77
C MET A 279 15.24 -17.00 -9.47
N GLY A 280 16.27 -16.39 -10.05
CA GLY A 280 16.59 -15.02 -9.72
C GLY A 280 16.72 -14.83 -8.23
N ASN A 281 16.15 -13.75 -7.72
CA ASN A 281 16.16 -13.43 -6.30
C ASN A 281 14.73 -13.42 -5.75
N GLN A 282 13.87 -14.26 -6.32
CA GLN A 282 12.47 -14.33 -5.95
C GLN A 282 12.24 -15.48 -4.97
N ARG A 283 11.05 -15.47 -4.38
CA ARG A 283 10.71 -16.48 -3.39
C ARG A 283 10.37 -17.80 -4.07
N ALA A 284 10.92 -18.89 -3.54
CA ALA A 284 10.69 -20.20 -4.12
C ALA A 284 9.22 -20.58 -4.05
N TRP A 285 8.49 -20.05 -3.07
CA TRP A 285 7.08 -20.36 -2.94
C TRP A 285 6.33 -20.07 -4.23
N TRP A 286 6.77 -19.08 -5.00
CA TRP A 286 6.17 -18.73 -6.28
C TRP A 286 7.02 -19.11 -7.48
N SER A 287 8.34 -19.28 -7.31
CA SER A 287 9.21 -19.48 -8.46
C SER A 287 9.45 -20.96 -8.79
N SER A 288 9.23 -21.86 -7.84
CA SER A 288 9.29 -23.28 -8.15
C SER A 288 8.08 -23.65 -9.01
N HIS A 289 8.32 -24.38 -10.10
CA HIS A 289 7.29 -24.69 -11.08
C HIS A 289 7.22 -26.16 -11.45
N PRO A 290 6.17 -26.58 -12.15
CA PRO A 290 6.03 -27.98 -12.52
C PRO A 290 7.21 -28.48 -13.35
N GLY A 291 7.41 -29.79 -13.30
CA GLY A 291 8.59 -30.43 -13.85
C GLY A 291 9.30 -31.21 -12.77
N MET A 292 10.53 -31.61 -13.08
CA MET A 292 11.29 -32.48 -12.18
C MET A 292 12.76 -32.11 -12.03
N ASP A 293 13.39 -31.53 -13.03
CA ASP A 293 14.82 -31.22 -12.92
C ASP A 293 15.02 -29.88 -12.22
N MET A 294 16.28 -29.61 -11.86
CA MET A 294 16.59 -28.43 -11.06
C MET A 294 16.32 -27.13 -11.80
N ASN A 295 16.26 -27.16 -13.13
CA ASN A 295 16.01 -25.94 -13.89
C ASN A 295 14.55 -25.51 -13.86
N HIS A 296 13.68 -26.33 -13.30
CA HIS A 296 12.25 -26.05 -13.24
C HIS A 296 11.69 -26.01 -11.82
N THR A 297 12.18 -26.87 -10.92
CA THR A 297 11.49 -27.13 -9.67
C THR A 297 12.50 -27.41 -8.57
N ALA A 298 12.10 -27.11 -7.33
CA ALA A 298 12.96 -27.36 -6.18
C ALA A 298 13.21 -28.86 -6.02
N GLN A 299 14.46 -29.20 -5.70
CA GLN A 299 14.90 -30.58 -5.54
C GLN A 299 14.94 -31.01 -4.07
N LEU A 300 14.51 -32.23 -3.81
CA LEU A 300 14.47 -32.81 -2.48
C LEU A 300 15.76 -33.59 -2.26
N MET A 301 16.62 -33.06 -1.39
CA MET A 301 17.97 -33.58 -1.20
C MET A 301 18.13 -34.14 0.21
N MET A 302 18.87 -35.23 0.31
CA MET A 302 19.01 -35.99 1.54
C MET A 302 20.47 -36.31 1.76
N VAL A 303 20.91 -36.20 3.02
CA VAL A 303 22.25 -36.63 3.41
C VAL A 303 22.10 -37.48 4.66
N LYS A 304 23.13 -38.29 4.92
CA LYS A 304 23.14 -39.15 6.09
C LYS A 304 24.48 -39.08 6.79
N SER A 305 24.45 -39.43 8.08
CA SER A 305 25.64 -39.55 8.92
C SER A 305 25.58 -40.89 9.62
N THR A 306 26.68 -41.65 9.54
CA THR A 306 26.79 -42.92 10.26
C THR A 306 27.81 -42.86 11.39
N ASP A 307 28.34 -41.68 11.68
CA ASP A 307 29.25 -41.48 12.79
C ASP A 307 28.69 -40.47 13.80
N ASP A 308 27.42 -40.62 14.13
CA ASP A 308 26.79 -39.85 15.19
C ASP A 308 26.72 -38.36 14.88
N GLY A 309 26.75 -38.00 13.60
CA GLY A 309 26.55 -36.64 13.18
C GLY A 309 27.81 -35.83 12.99
N LYS A 310 28.99 -36.47 13.06
CA LYS A 310 30.23 -35.73 12.87
C LYS A 310 30.49 -35.43 11.40
N THR A 311 30.13 -36.36 10.50
CA THR A 311 30.40 -36.17 9.08
C THR A 311 29.20 -36.65 8.28
N TRP A 312 29.08 -36.11 7.05
CA TRP A 312 27.87 -36.22 6.25
C TRP A 312 28.17 -36.59 4.82
N SER A 313 27.34 -37.47 4.27
CA SER A 313 27.50 -37.93 2.89
C SER A 313 27.22 -36.78 1.92
N GLU A 314 27.57 -37.02 0.66
CA GLU A 314 27.19 -36.10 -0.41
C GLU A 314 25.68 -36.19 -0.62
N PRO A 315 25.05 -35.09 -1.05
CA PRO A 315 23.58 -35.09 -1.14
C PRO A 315 23.05 -36.09 -2.15
N ILE A 316 21.95 -36.75 -1.80
CA ILE A 316 21.23 -37.65 -2.67
C ILE A 316 19.97 -36.92 -3.14
N ASN A 317 19.72 -36.94 -4.45
CA ASN A 317 18.53 -36.33 -5.01
C ASN A 317 17.43 -37.39 -5.09
N ILE A 318 16.45 -37.31 -4.18
CA ILE A 318 15.37 -38.28 -4.16
C ILE A 318 14.10 -37.73 -4.82
N THR A 319 14.21 -36.59 -5.51
CA THR A 319 13.02 -35.97 -6.11
C THR A 319 12.26 -36.96 -6.98
N GLU A 320 12.95 -37.61 -7.92
CA GLU A 320 12.30 -38.49 -8.87
C GLU A 320 11.53 -39.60 -8.18
N GLN A 321 11.89 -39.95 -6.93
CA GLN A 321 11.23 -41.05 -6.25
C GLN A 321 9.83 -40.69 -5.74
N VAL A 322 9.60 -39.43 -5.38
CA VAL A 322 8.37 -39.06 -4.68
C VAL A 322 7.62 -37.91 -5.30
N LYS A 323 8.21 -37.10 -6.18
CA LYS A 323 7.52 -35.92 -6.68
C LYS A 323 6.68 -36.25 -7.90
N ASP A 324 5.41 -35.84 -7.88
CA ASP A 324 4.57 -35.85 -9.07
C ASP A 324 4.96 -34.68 -9.96
N PRO A 325 5.17 -34.90 -11.26
CA PRO A 325 5.64 -33.80 -12.11
C PRO A 325 4.70 -32.60 -12.12
N SER A 326 3.40 -32.80 -11.89
CA SER A 326 2.45 -31.70 -12.00
C SER A 326 2.54 -30.71 -10.84
N TRP A 327 3.13 -31.11 -9.73
CA TRP A 327 3.23 -30.22 -8.57
C TRP A 327 4.18 -29.08 -8.87
N TYR A 328 3.83 -27.87 -8.39
CA TYR A 328 4.75 -26.74 -8.46
C TYR A 328 6.00 -26.96 -7.58
N PHE A 329 5.79 -27.47 -6.36
CA PHE A 329 6.76 -27.44 -5.28
C PHE A 329 6.51 -28.69 -4.45
N LEU A 330 7.58 -29.42 -4.13
CA LEU A 330 7.54 -30.48 -3.13
C LEU A 330 8.69 -30.25 -2.16
N LEU A 331 8.39 -30.25 -0.87
CA LEU A 331 9.46 -30.21 0.12
C LEU A 331 9.03 -30.90 1.41
N GLN A 332 10.01 -31.13 2.27
CA GLN A 332 9.78 -31.66 3.60
C GLN A 332 9.10 -30.62 4.49
N GLY A 333 8.47 -31.10 5.55
CA GLY A 333 8.04 -30.23 6.61
C GLY A 333 9.18 -30.04 7.60
N PRO A 334 9.54 -28.78 7.86
CA PRO A 334 10.75 -28.52 8.66
C PRO A 334 10.62 -29.03 10.09
N GLY A 335 11.75 -29.39 10.66
CA GLY A 335 11.78 -29.87 12.03
C GLY A 335 12.44 -31.23 12.12
N ARG A 336 11.63 -32.26 12.38
CA ARG A 336 12.16 -33.61 12.50
C ARG A 336 11.19 -34.64 11.96
N GLY A 337 11.72 -35.87 11.77
CA GLY A 337 10.92 -37.03 11.47
C GLY A 337 11.00 -38.05 12.60
N ILE A 338 10.55 -39.29 12.35
CA ILE A 338 10.50 -40.34 13.36
C ILE A 338 11.01 -41.64 12.74
N THR A 339 11.25 -42.61 13.63
CA THR A 339 11.39 -44.01 13.26
C THR A 339 10.27 -44.76 13.99
N MET A 340 9.37 -45.37 13.23
CA MET A 340 8.29 -46.13 13.83
C MET A 340 8.85 -47.36 14.53
N SER A 341 8.03 -47.99 15.36
CA SER A 341 8.50 -49.16 16.12
C SER A 341 8.91 -50.31 15.20
N ASP A 342 8.29 -50.41 14.03
CA ASP A 342 8.61 -51.47 13.08
C ASP A 342 9.76 -51.09 12.15
N GLY A 343 10.42 -49.96 12.39
CA GLY A 343 11.61 -49.58 11.66
C GLY A 343 11.37 -48.65 10.48
N THR A 344 10.11 -48.36 10.15
CA THR A 344 9.82 -47.44 9.04
C THR A 344 10.30 -46.04 9.40
N LEU A 345 11.05 -45.41 8.49
CA LEU A 345 11.43 -44.01 8.64
C LEU A 345 10.35 -43.14 8.01
N VAL A 346 9.98 -42.05 8.68
CA VAL A 346 8.92 -41.17 8.19
C VAL A 346 9.35 -39.71 8.31
N PHE A 347 9.19 -38.97 7.22
CA PHE A 347 9.38 -37.53 7.16
C PHE A 347 8.06 -36.86 6.80
N PRO A 348 7.63 -35.84 7.53
CA PRO A 348 6.51 -35.03 7.03
C PRO A 348 6.89 -34.34 5.72
N THR A 349 5.88 -34.10 4.88
CA THR A 349 6.07 -33.48 3.58
C THR A 349 4.95 -32.48 3.31
N GLN A 350 5.14 -31.67 2.28
CA GLN A 350 4.15 -30.71 1.83
C GLN A 350 4.40 -30.43 0.35
N PHE A 351 3.33 -30.36 -0.43
CA PHE A 351 3.48 -30.05 -1.85
C PHE A 351 2.40 -29.08 -2.31
N ILE A 352 2.79 -28.16 -3.17
CA ILE A 352 1.85 -27.27 -3.85
C ILE A 352 1.39 -27.97 -5.11
N ASP A 353 0.10 -28.27 -5.21
CA ASP A 353 -0.39 -29.04 -6.34
C ASP A 353 -0.62 -28.12 -7.55
N SER A 354 -1.15 -28.71 -8.61
CA SER A 354 -1.29 -27.99 -9.87
C SER A 354 -2.24 -26.80 -9.77
N THR A 355 -3.09 -26.77 -8.76
CA THR A 355 -4.02 -25.67 -8.54
C THR A 355 -3.45 -24.59 -7.63
N ARG A 356 -2.16 -24.66 -7.32
CA ARG A 356 -1.47 -23.68 -6.48
C ARG A 356 -1.88 -23.78 -5.00
N ILE A 357 -2.39 -24.92 -4.58
CA ILE A 357 -2.84 -25.13 -3.21
C ILE A 357 -1.85 -26.06 -2.53
N PRO A 358 -1.35 -25.74 -1.34
CA PRO A 358 -0.43 -26.64 -0.64
C PRO A 358 -1.17 -27.67 0.21
N ASN A 359 -0.56 -28.85 0.33
CA ASN A 359 -1.16 -29.96 1.05
C ASN A 359 -0.10 -30.73 1.83
N ALA A 360 -0.37 -30.99 3.10
CA ALA A 360 0.56 -31.71 3.96
C ALA A 360 0.37 -33.22 3.86
N GLY A 361 1.42 -33.94 4.20
CA GLY A 361 1.39 -35.40 4.15
C GLY A 361 2.67 -35.95 4.73
N ILE A 362 2.99 -37.19 4.35
CA ILE A 362 4.22 -37.84 4.80
C ILE A 362 4.81 -38.67 3.67
N MET A 363 6.13 -38.79 3.69
CA MET A 363 6.86 -39.78 2.91
C MET A 363 7.51 -40.75 3.89
N TYR A 364 7.78 -41.98 3.42
CA TYR A 364 8.31 -43.01 4.28
C TYR A 364 9.29 -43.88 3.51
N SER A 365 10.17 -44.55 4.25
CA SER A 365 11.11 -45.51 3.72
C SER A 365 11.08 -46.78 4.57
N LYS A 366 11.00 -47.94 3.90
CA LYS A 366 11.00 -49.22 4.58
C LYS A 366 12.33 -49.95 4.48
N ASP A 367 13.31 -49.40 3.77
CA ASP A 367 14.60 -50.04 3.58
C ASP A 367 15.74 -49.19 4.14
N ARG A 368 15.53 -48.63 5.32
CA ARG A 368 16.56 -47.90 6.07
C ARG A 368 17.00 -46.62 5.35
N GLY A 369 16.13 -46.04 4.55
CA GLY A 369 16.41 -44.78 3.91
C GLY A 369 16.93 -44.86 2.50
N LYS A 370 16.94 -46.05 1.89
CA LYS A 370 17.45 -46.19 0.54
C LYS A 370 16.45 -45.71 -0.51
N THR A 371 15.16 -45.89 -0.27
CA THR A 371 14.11 -45.49 -1.20
C THR A 371 12.94 -44.92 -0.41
N TRP A 372 12.26 -43.92 -0.97
CA TRP A 372 11.21 -43.19 -0.29
C TRP A 372 9.95 -43.20 -1.13
N LYS A 373 8.79 -43.15 -0.48
CA LYS A 373 7.52 -43.24 -1.17
C LYS A 373 6.45 -42.35 -0.52
N MET A 374 5.64 -41.72 -1.36
CA MET A 374 4.51 -40.90 -0.93
C MET A 374 3.23 -41.47 -1.48
N HIS A 375 2.15 -41.41 -0.68
CA HIS A 375 0.85 -41.92 -1.10
C HIS A 375 -0.12 -40.79 -1.46
N ASN A 376 -0.83 -40.25 -0.47
CA ASN A 376 -1.81 -39.19 -0.70
C ASN A 376 -1.75 -38.15 0.43
N MET A 377 -2.19 -36.93 0.12
CA MET A 377 -2.17 -35.85 1.10
C MET A 377 -3.11 -36.14 2.27
N ALA A 378 -2.81 -35.53 3.42
CA ALA A 378 -3.68 -35.70 4.57
C ALA A 378 -4.86 -34.74 4.55
N ARG A 379 -4.64 -33.48 4.12
CA ARG A 379 -5.65 -32.44 4.16
C ARG A 379 -5.26 -31.32 3.22
N THR A 380 -6.24 -30.73 2.55
CA THR A 380 -5.94 -29.67 1.61
C THR A 380 -5.63 -28.37 2.33
N ASN A 381 -4.88 -27.51 1.64
CA ASN A 381 -4.54 -26.17 2.12
C ASN A 381 -3.88 -26.22 3.49
N THR A 382 -2.92 -27.13 3.64
CA THR A 382 -2.05 -27.24 4.79
C THR A 382 -0.61 -27.16 4.31
N THR A 383 0.30 -26.76 5.20
CA THR A 383 1.69 -26.63 4.78
C THR A 383 2.61 -27.42 5.73
N GLU A 384 3.24 -26.75 6.68
CA GLU A 384 4.23 -27.40 7.53
C GLU A 384 3.57 -28.29 8.57
N ALA A 385 4.12 -29.49 8.74
CA ALA A 385 3.56 -30.43 9.68
C ALA A 385 4.67 -31.25 10.35
N GLN A 386 4.32 -31.84 11.49
CA GLN A 386 5.17 -32.78 12.21
C GLN A 386 4.35 -34.00 12.57
N VAL A 387 5.02 -35.14 12.69
CA VAL A 387 4.37 -36.43 12.80
C VAL A 387 4.96 -37.23 13.96
N VAL A 388 4.09 -38.02 14.60
CA VAL A 388 4.49 -38.95 15.66
C VAL A 388 3.75 -40.26 15.43
N GLU A 389 4.27 -41.32 16.04
CA GLU A 389 3.55 -42.60 16.10
C GLU A 389 2.78 -42.64 17.42
N ILE A 390 1.49 -42.30 17.36
CA ILE A 390 0.71 -42.13 18.58
C ILE A 390 0.33 -43.49 19.18
N GLU A 391 0.13 -44.49 18.33
CA GLU A 391 -0.09 -45.87 18.72
C GLU A 391 0.62 -46.74 17.70
N PRO A 392 0.93 -47.99 18.05
CA PRO A 392 1.64 -48.85 17.09
C PRO A 392 0.95 -48.93 15.74
N GLY A 393 1.64 -48.49 14.69
CA GLY A 393 1.10 -48.48 13.35
C GLY A 393 0.15 -47.34 13.05
N VAL A 394 0.00 -46.38 13.96
CA VAL A 394 -0.90 -45.24 13.76
C VAL A 394 -0.06 -43.98 13.81
N LEU A 395 -0.08 -43.22 12.72
CA LEU A 395 0.64 -41.96 12.63
C LEU A 395 -0.33 -40.80 12.85
N MET A 396 0.06 -39.84 13.68
CA MET A 396 -0.66 -38.61 13.91
C MET A 396 0.10 -37.46 13.25
N LEU A 397 -0.55 -36.77 12.33
CA LEU A 397 0.03 -35.66 11.61
C LEU A 397 -0.62 -34.36 12.08
N ASN A 398 0.21 -33.43 12.54
CA ASN A 398 -0.22 -32.17 13.15
C ASN A 398 0.23 -31.02 12.25
N MET A 399 -0.73 -30.22 11.76
CA MET A 399 -0.51 -29.41 10.57
C MET A 399 -0.83 -27.93 10.76
N ARG A 400 0.03 -27.10 10.18
CA ARG A 400 -0.23 -25.69 9.93
C ARG A 400 -1.35 -25.55 8.89
N ASP A 401 -2.44 -24.91 9.28
CA ASP A 401 -3.66 -24.87 8.48
C ASP A 401 -3.89 -23.43 8.01
N ASN A 402 -3.94 -23.24 6.70
CA ASN A 402 -4.11 -21.88 6.17
C ASN A 402 -5.51 -21.32 6.41
N ARG A 403 -6.45 -22.13 6.89
CA ARG A 403 -7.74 -21.58 7.27
C ARG A 403 -7.61 -20.68 8.49
N GLY A 404 -6.60 -20.91 9.32
CA GLY A 404 -6.28 -20.02 10.42
C GLY A 404 -6.84 -20.49 11.74
N GLY A 405 -6.15 -20.12 12.82
CA GLY A 405 -6.69 -20.22 14.16
C GLY A 405 -6.29 -21.46 14.95
N SER A 406 -6.10 -22.60 14.28
CA SER A 406 -5.85 -23.83 15.02
C SER A 406 -5.19 -24.86 14.12
N ARG A 407 -4.47 -25.77 14.77
CA ARG A 407 -3.80 -26.85 14.07
C ARG A 407 -4.80 -27.90 13.61
N ALA A 408 -4.61 -28.40 12.39
CA ALA A 408 -5.31 -29.60 11.93
C ALA A 408 -4.56 -30.84 12.39
N VAL A 409 -5.31 -31.89 12.76
CA VAL A 409 -4.73 -33.15 13.22
C VAL A 409 -5.45 -34.29 12.51
N SER A 410 -4.68 -35.13 11.83
CA SER A 410 -5.21 -36.28 11.12
C SER A 410 -4.40 -37.53 11.46
N ILE A 411 -5.03 -38.68 11.24
CA ILE A 411 -4.48 -39.98 11.61
C ILE A 411 -4.46 -40.87 10.39
N THR A 412 -3.40 -41.67 10.25
CA THR A 412 -3.37 -42.69 9.21
C THR A 412 -2.78 -43.98 9.78
N LYS A 413 -3.44 -45.10 9.51
CA LYS A 413 -2.95 -46.42 9.87
C LYS A 413 -2.33 -47.14 8.68
N ASP A 414 -2.26 -46.50 7.51
CA ASP A 414 -1.77 -47.12 6.29
C ASP A 414 -0.74 -46.24 5.60
N LEU A 415 0.04 -45.50 6.38
CA LEU A 415 1.17 -44.71 5.88
C LEU A 415 0.74 -43.68 4.83
N GLY A 416 -0.49 -43.20 4.95
CA GLY A 416 -0.96 -42.11 4.12
C GLY A 416 -1.83 -42.51 2.95
N LYS A 417 -2.11 -43.80 2.76
CA LYS A 417 -3.07 -44.19 1.74
C LYS A 417 -4.44 -43.58 2.03
N SER A 418 -4.88 -43.67 3.28
CA SER A 418 -6.13 -43.07 3.72
C SER A 418 -5.91 -42.33 5.03
N TRP A 419 -6.74 -41.32 5.28
CA TRP A 419 -6.61 -40.50 6.47
C TRP A 419 -7.97 -40.31 7.15
N THR A 420 -7.92 -40.17 8.47
CA THR A 420 -9.06 -39.84 9.31
C THR A 420 -8.72 -38.60 10.13
N GLU A 421 -9.74 -37.77 10.36
CA GLU A 421 -9.54 -36.57 11.16
C GLU A 421 -9.57 -36.92 12.65
N HIS A 422 -8.61 -36.39 13.40
CA HIS A 422 -8.55 -36.65 14.83
C HIS A 422 -9.59 -35.81 15.56
N ALA A 423 -10.03 -36.32 16.71
CA ALA A 423 -11.05 -35.62 17.49
C ALA A 423 -10.56 -34.24 17.93
N SER A 424 -9.24 -34.07 18.08
CA SER A 424 -8.68 -32.78 18.47
C SER A 424 -8.51 -31.81 17.30
N SER A 425 -8.78 -32.24 16.07
CA SER A 425 -8.45 -31.40 14.92
C SER A 425 -9.25 -30.11 14.95
N ARG A 426 -8.56 -28.98 14.75
CA ARG A 426 -9.16 -27.65 14.72
C ARG A 426 -9.82 -27.29 16.06
N LYS A 427 -9.37 -27.93 17.14
CA LYS A 427 -9.74 -27.59 18.51
C LYS A 427 -8.56 -28.05 19.37
N ALA A 428 -8.52 -27.61 20.62
CA ALA A 428 -7.53 -28.06 21.59
C ALA A 428 -6.11 -27.59 21.25
N LEU A 429 -5.89 -26.88 20.14
CA LEU A 429 -4.55 -26.39 19.82
C LEU A 429 -4.64 -25.16 18.92
N ASN A 430 -4.38 -23.99 19.47
CA ASN A 430 -4.44 -22.73 18.74
C ASN A 430 -3.10 -22.40 18.11
N GLU A 431 -3.12 -21.58 17.06
CA GLU A 431 -1.89 -21.17 16.42
C GLU A 431 -2.14 -19.88 15.65
N PRO A 432 -1.07 -19.12 15.34
CA PRO A 432 -1.22 -17.96 14.45
C PRO A 432 -0.86 -18.29 13.01
N VAL A 433 -0.83 -19.58 12.69
CA VAL A 433 -0.40 -20.09 11.38
C VAL A 433 1.11 -19.98 11.31
N CYS A 434 1.80 -21.03 11.79
CA CYS A 434 3.23 -21.02 12.03
C CYS A 434 3.67 -22.46 12.19
N MET A 435 4.97 -22.69 12.08
CA MET A 435 5.49 -24.03 12.36
C MET A 435 5.22 -24.37 13.83
N ALA A 436 4.98 -25.66 14.09
CA ALA A 436 4.82 -26.16 15.45
C ALA A 436 5.49 -27.52 15.55
N SER A 437 5.99 -27.84 16.74
CA SER A 437 6.69 -29.09 16.98
C SER A 437 5.80 -30.04 17.78
N LEU A 438 5.87 -31.33 17.44
CA LEU A 438 5.16 -32.39 18.13
C LEU A 438 6.12 -33.55 18.36
N LEU A 439 6.13 -34.08 19.57
CA LEU A 439 7.03 -35.15 19.95
C LEU A 439 6.30 -36.04 20.93
N ASN A 440 6.29 -37.35 20.67
CA ASN A 440 5.66 -38.32 21.55
C ASN A 440 6.73 -39.06 22.33
N VAL A 441 6.55 -39.16 23.64
CA VAL A 441 7.54 -39.75 24.53
C VAL A 441 6.89 -40.95 25.20
N LYS A 442 7.33 -42.15 24.83
CA LYS A 442 6.69 -43.37 25.31
C LYS A 442 6.99 -43.61 26.78
N ALA A 443 6.08 -44.30 27.44
CA ALA A 443 6.17 -44.48 28.89
C ALA A 443 7.53 -45.03 29.31
N GLN A 444 8.03 -46.03 28.60
CA GLN A 444 9.30 -46.62 29.01
C GLN A 444 10.49 -45.68 28.84
N ASP A 445 10.30 -44.53 28.18
CA ASP A 445 11.41 -43.62 27.91
C ASP A 445 11.34 -42.34 28.73
N ASN A 446 10.54 -42.31 29.80
CA ASN A 446 10.56 -41.15 30.69
C ASN A 446 10.26 -41.59 32.10
N VAL A 447 10.64 -40.72 33.04
CA VAL A 447 10.63 -41.05 34.46
C VAL A 447 9.23 -41.11 35.03
N LEU A 448 8.24 -40.55 34.34
CA LEU A 448 6.84 -40.69 34.76
C LEU A 448 6.19 -41.98 34.31
N ASN A 449 6.91 -42.82 33.55
CA ASN A 449 6.39 -44.09 33.04
C ASN A 449 4.99 -43.93 32.48
N LYS A 450 4.76 -42.83 31.77
CA LYS A 450 3.50 -42.57 31.08
C LYS A 450 3.80 -42.09 29.66
N ASP A 451 2.96 -42.48 28.70
CA ASP A 451 3.02 -41.86 27.38
C ASP A 451 2.68 -40.38 27.49
N ILE A 452 3.54 -39.51 26.96
CA ILE A 452 3.36 -38.07 27.04
C ILE A 452 3.61 -37.46 25.66
N LEU A 453 2.60 -36.77 25.13
CA LEU A 453 2.72 -36.04 23.88
C LEU A 453 3.04 -34.59 24.18
N LEU A 454 4.11 -34.09 23.55
CA LEU A 454 4.61 -32.73 23.76
C LEU A 454 4.41 -31.92 22.48
N PHE A 455 4.13 -30.63 22.68
CA PHE A 455 3.79 -29.70 21.60
C PHE A 455 4.39 -28.35 21.94
N SER A 456 4.91 -27.64 20.94
CA SER A 456 5.45 -26.31 21.18
C SER A 456 5.15 -25.42 19.99
N ASN A 457 4.71 -24.19 20.29
CA ASN A 457 4.43 -23.20 19.27
C ASN A 457 4.13 -21.87 19.95
N PRO A 458 3.90 -20.80 19.18
CA PRO A 458 3.45 -19.53 19.78
C PRO A 458 2.00 -19.67 20.22
N ASN A 459 1.75 -19.47 21.51
CA ASN A 459 0.44 -19.76 22.08
C ASN A 459 -0.49 -18.57 21.88
N THR A 460 -0.90 -18.39 20.62
CA THR A 460 -1.70 -17.23 20.25
C THR A 460 -2.59 -17.56 19.07
N VAL A 461 -3.47 -16.62 18.75
CA VAL A 461 -4.21 -16.62 17.49
C VAL A 461 -3.63 -15.62 16.49
N LYS A 462 -2.82 -14.67 16.94
CA LYS A 462 -2.19 -13.72 16.04
C LYS A 462 -0.86 -13.30 16.66
N GLY A 463 0.17 -13.26 15.84
CA GLY A 463 1.47 -12.83 16.32
C GLY A 463 2.33 -13.98 16.81
N ARG A 464 3.62 -13.92 16.50
CA ARG A 464 4.55 -14.99 16.83
C ARG A 464 5.28 -14.60 18.10
N ASP A 465 4.64 -14.88 19.22
CA ASP A 465 5.20 -14.65 20.53
C ASP A 465 4.59 -15.65 21.50
N HIS A 466 5.04 -15.61 22.74
CA HIS A 466 4.53 -16.50 23.79
C HIS A 466 4.79 -17.96 23.42
N ILE A 467 6.05 -18.24 23.05
CA ILE A 467 6.46 -19.61 22.79
C ILE A 467 6.22 -20.43 24.04
N THR A 468 5.49 -21.54 23.88
CA THR A 468 4.99 -22.34 24.99
C THR A 468 5.06 -23.82 24.65
N ILE A 469 5.48 -24.62 25.61
CA ILE A 469 5.39 -26.06 25.53
C ILE A 469 4.09 -26.50 26.20
N LYS A 470 3.37 -27.41 25.55
CA LYS A 470 2.14 -27.99 26.09
C LYS A 470 2.27 -29.51 26.09
N ALA A 471 1.77 -30.13 27.16
CA ALA A 471 1.83 -31.58 27.33
C ALA A 471 0.42 -32.16 27.34
N SER A 472 0.27 -33.34 26.75
CA SER A 472 -0.98 -34.09 26.80
C SER A 472 -0.72 -35.48 27.37
N LEU A 473 -1.61 -35.92 28.25
CA LEU A 473 -1.49 -37.22 28.88
C LEU A 473 -2.44 -38.25 28.29
N ASP A 474 -3.32 -37.85 27.37
CA ASP A 474 -4.31 -38.73 26.77
C ASP A 474 -4.15 -38.77 25.25
N LYS A 475 -2.91 -38.88 24.78
CA LYS A 475 -2.62 -39.12 23.38
C LYS A 475 -3.13 -37.97 22.49
N GLY A 476 -3.24 -36.78 23.06
CA GLY A 476 -3.55 -35.60 22.29
C GLY A 476 -5.01 -35.20 22.29
N LEU A 477 -5.86 -35.86 23.07
CA LEU A 477 -7.27 -35.47 23.10
C LEU A 477 -7.46 -34.16 23.87
N THR A 478 -6.75 -34.01 24.99
CA THR A 478 -6.85 -32.81 25.81
C THR A 478 -5.47 -32.26 26.10
N TRP A 479 -5.41 -30.93 26.23
CA TRP A 479 -4.18 -30.18 26.53
C TRP A 479 -4.50 -29.27 27.71
N LEU A 480 -4.33 -29.79 28.94
CA LEU A 480 -4.76 -29.05 30.12
C LEU A 480 -3.85 -27.85 30.34
N PRO A 481 -4.42 -26.70 30.72
CA PRO A 481 -3.57 -25.52 30.96
C PRO A 481 -2.47 -25.75 31.98
N GLU A 482 -2.74 -26.54 33.02
CA GLU A 482 -1.75 -26.75 34.06
C GLU A 482 -0.50 -27.47 33.56
N HIS A 483 -0.58 -28.14 32.40
CA HIS A 483 0.59 -28.83 31.85
C HIS A 483 1.19 -28.06 30.68
N GLN A 484 1.40 -26.76 30.86
CA GLN A 484 1.97 -25.89 29.83
C GLN A 484 3.01 -25.01 30.48
N LEU A 485 4.03 -24.62 29.70
CA LEU A 485 5.09 -23.76 30.21
C LEU A 485 5.40 -22.67 29.19
N LEU A 486 5.22 -21.42 29.61
CA LEU A 486 5.61 -20.28 28.79
C LEU A 486 7.12 -20.08 28.85
N LEU A 487 7.74 -20.06 27.68
CA LEU A 487 9.19 -19.84 27.57
C LEU A 487 9.58 -18.41 27.17
N ASP A 488 8.81 -17.76 26.30
CA ASP A 488 9.27 -16.50 25.71
C ASP A 488 8.05 -15.67 25.31
N GLU A 489 7.80 -14.60 26.08
CA GLU A 489 6.63 -13.77 25.83
C GLU A 489 6.83 -12.73 24.72
N ASP A 490 8.08 -12.42 24.36
CA ASP A 490 8.33 -11.34 23.41
C ASP A 490 8.25 -11.84 21.97
N PRO A 491 8.15 -10.92 21.01
CA PRO A 491 8.02 -11.34 19.61
C PRO A 491 9.30 -11.99 19.08
N GLY A 492 9.12 -13.04 18.29
CA GLY A 492 10.20 -13.69 17.58
C GLY A 492 9.72 -14.24 16.24
N TRP A 493 10.50 -15.11 15.59
CA TRP A 493 10.10 -15.67 14.30
C TRP A 493 9.29 -16.97 14.43
N GLY A 494 9.26 -17.59 15.61
CA GLY A 494 8.17 -18.47 15.99
C GLY A 494 8.38 -19.96 15.84
N TYR A 495 9.36 -20.40 15.05
CA TYR A 495 9.55 -21.83 14.84
C TYR A 495 10.26 -22.47 16.03
N SER A 496 9.99 -23.77 16.23
CA SER A 496 10.57 -24.51 17.35
C SER A 496 10.68 -25.99 17.02
N CYS A 497 11.55 -26.68 17.74
CA CYS A 497 11.63 -28.13 17.62
C CYS A 497 12.08 -28.76 18.94
N LEU A 498 11.38 -29.82 19.32
CA LEU A 498 11.56 -30.48 20.60
C LEU A 498 12.34 -31.78 20.45
N THR A 499 12.96 -32.20 21.55
CA THR A 499 13.60 -33.51 21.67
C THR A 499 13.64 -33.84 23.16
N MET A 500 13.95 -35.09 23.46
CA MET A 500 14.22 -35.50 24.84
C MET A 500 15.72 -35.55 25.03
N ILE A 501 16.22 -34.74 25.96
CA ILE A 501 17.64 -34.78 26.31
C ILE A 501 17.98 -36.08 27.01
N ASP A 502 17.10 -36.50 27.93
CA ASP A 502 17.26 -37.73 28.69
C ASP A 502 15.88 -38.08 29.23
N LYS A 503 15.80 -39.17 30.00
CA LYS A 503 14.49 -39.65 30.43
C LYS A 503 13.75 -38.65 31.31
N GLU A 504 14.43 -37.62 31.80
CA GLU A 504 13.80 -36.65 32.68
C GLU A 504 13.68 -35.26 32.07
N THR A 505 14.27 -35.01 30.91
CA THR A 505 14.46 -33.64 30.46
C THR A 505 14.17 -33.45 28.98
N ILE A 506 13.36 -32.44 28.70
CA ILE A 506 13.05 -31.99 27.35
C ILE A 506 14.09 -30.98 26.92
N GLY A 507 14.46 -31.01 25.65
CA GLY A 507 15.23 -29.95 25.04
C GLY A 507 14.44 -29.31 23.92
N ILE A 508 14.67 -28.02 23.71
CA ILE A 508 13.95 -27.26 22.70
C ILE A 508 14.93 -26.29 22.04
N LEU A 509 14.93 -26.27 20.72
CA LEU A 509 15.68 -25.31 19.92
C LEU A 509 14.65 -24.48 19.18
N TYR A 510 14.68 -23.15 19.38
CA TYR A 510 13.67 -22.33 18.74
C TYR A 510 14.15 -20.92 18.46
N GLU A 511 13.41 -20.26 17.56
CA GLU A 511 13.59 -18.86 17.23
C GLU A 511 12.93 -18.05 18.33
N SER A 512 13.73 -17.31 19.08
CA SER A 512 13.22 -16.56 20.22
C SER A 512 13.40 -15.07 19.99
N SER A 513 12.94 -14.30 20.98
CA SER A 513 13.14 -12.86 21.01
C SER A 513 14.56 -12.46 21.42
N VAL A 514 15.38 -13.40 21.86
CA VAL A 514 16.74 -13.08 22.32
C VAL A 514 17.82 -13.69 21.44
N ALA A 515 17.53 -14.74 20.66
CA ALA A 515 18.55 -15.36 19.81
C ALA A 515 17.88 -16.16 18.71
N HIS A 516 18.47 -16.11 17.51
CA HIS A 516 17.88 -16.77 16.35
C HIS A 516 17.71 -18.26 16.59
N MET A 517 18.70 -18.90 17.22
CA MET A 517 18.61 -20.31 17.61
C MET A 517 18.86 -20.39 19.11
N THR A 518 17.77 -20.57 19.87
CA THR A 518 17.81 -20.58 21.33
C THR A 518 17.54 -21.98 21.87
N PHE A 519 18.43 -22.48 22.72
CA PHE A 519 18.26 -23.79 23.30
C PHE A 519 17.94 -23.68 24.80
N GLN A 520 16.92 -24.42 25.22
CA GLN A 520 16.58 -24.49 26.64
C GLN A 520 16.30 -25.94 27.02
N ALA A 521 16.54 -26.25 28.29
CA ALA A 521 16.30 -27.57 28.86
C ALA A 521 15.25 -27.43 29.94
N VAL A 522 14.21 -28.25 29.87
CA VAL A 522 13.06 -28.15 30.76
C VAL A 522 12.78 -29.52 31.37
N LYS A 523 12.77 -29.60 32.70
CA LYS A 523 12.44 -30.84 33.38
C LYS A 523 10.99 -31.24 33.13
N LEU A 524 10.79 -32.52 32.82
CA LEU A 524 9.44 -33.04 32.56
C LEU A 524 8.53 -32.87 33.78
N THR A 525 9.07 -32.99 34.99
CA THR A 525 8.22 -32.84 36.17
C THR A 525 7.73 -31.41 36.35
N ASP A 526 8.34 -30.44 35.68
CA ASP A 526 7.85 -29.07 35.74
C ASP A 526 6.60 -28.86 34.91
N LEU A 527 6.42 -29.66 33.86
CA LEU A 527 5.20 -29.60 33.08
C LEU A 527 4.09 -30.43 33.70
N ILE A 528 4.44 -31.61 34.21
CA ILE A 528 3.47 -32.56 34.75
C ILE A 528 3.93 -32.90 36.16
N LYS A 529 3.32 -32.26 37.16
CA LYS A 529 3.64 -32.54 38.55
C LYS A 529 2.79 -33.69 39.10
N ASP B 9 20.32 -14.26 -32.08
CA ASP B 9 19.60 -13.84 -30.90
C ASP B 9 19.77 -12.28 -30.75
N THR B 10 19.26 -11.75 -29.66
CA THR B 10 19.41 -10.37 -29.23
C THR B 10 20.03 -10.32 -27.83
N VAL B 11 20.81 -9.30 -27.57
CA VAL B 11 21.43 -9.09 -26.26
C VAL B 11 21.08 -7.68 -25.75
N PHE B 12 20.23 -7.65 -24.74
CA PHE B 12 19.86 -6.36 -24.17
C PHE B 12 21.02 -5.76 -23.38
N ILE B 13 21.31 -4.48 -23.61
CA ILE B 13 22.44 -3.79 -23.00
C ILE B 13 21.93 -2.54 -22.30
N ARG B 14 22.30 -2.36 -21.03
CA ARG B 14 22.07 -1.09 -20.34
C ARG B 14 23.36 -0.57 -19.72
N GLU B 15 23.92 0.49 -20.29
CA GLU B 15 25.02 1.23 -19.70
C GLU B 15 24.50 2.09 -18.56
N THR B 16 25.25 2.16 -17.46
CA THR B 16 24.79 2.87 -16.28
C THR B 16 25.14 4.35 -16.36
N GLN B 17 24.37 5.16 -15.61
CA GLN B 17 24.65 6.58 -15.44
C GLN B 17 24.64 6.86 -13.93
N THR B 18 25.70 6.42 -13.26
CA THR B 18 25.82 6.44 -11.81
C THR B 18 27.25 6.81 -11.45
N PRO B 19 27.47 7.39 -10.28
CA PRO B 19 28.84 7.77 -9.90
C PRO B 19 29.73 6.55 -9.74
N ILE B 20 30.95 6.66 -10.28
CA ILE B 20 31.99 5.66 -10.12
C ILE B 20 32.79 6.08 -8.89
N LEU B 21 32.66 5.32 -7.81
CA LEU B 21 33.42 5.59 -6.59
C LEU B 21 34.86 5.14 -6.80
N ILE B 22 35.81 6.07 -6.60
CA ILE B 22 37.21 5.75 -6.86
C ILE B 22 37.67 4.62 -5.95
N GLU B 23 37.22 4.63 -4.70
CA GLU B 23 37.64 3.64 -3.71
C GLU B 23 36.91 2.30 -3.82
N ARG B 24 35.94 2.16 -4.73
CA ARG B 24 35.21 0.90 -4.82
C ARG B 24 36.06 -0.15 -5.54
N GLN B 25 35.94 -1.40 -5.09
CA GLN B 25 36.53 -2.52 -5.81
C GLN B 25 35.74 -2.89 -7.06
N ASP B 26 34.46 -2.55 -7.11
CA ASP B 26 33.60 -2.82 -8.24
C ASP B 26 32.66 -1.64 -8.43
N ASN B 27 32.34 -1.36 -9.70
CA ASN B 27 31.33 -0.38 -10.10
C ASN B 27 30.62 -0.91 -11.32
N VAL B 28 29.28 -0.91 -11.31
CA VAL B 28 28.56 -1.49 -12.44
C VAL B 28 28.62 -0.53 -13.63
N LEU B 29 29.26 -0.96 -14.71
CA LEU B 29 29.37 -0.16 -15.92
C LEU B 29 28.32 -0.52 -16.97
N PHE B 30 28.10 -1.81 -17.21
CA PHE B 30 27.09 -2.29 -18.13
C PHE B 30 26.30 -3.42 -17.49
N TYR B 31 25.00 -3.44 -17.72
CA TYR B 31 24.17 -4.61 -17.49
C TYR B 31 23.95 -5.31 -18.83
N ILE B 32 23.98 -6.63 -18.82
CA ILE B 32 23.81 -7.45 -20.02
C ILE B 32 22.75 -8.51 -19.72
N ARG B 33 21.78 -8.66 -20.62
CA ARG B 33 20.76 -9.68 -20.46
C ARG B 33 20.53 -10.40 -21.78
N LEU B 34 20.59 -11.73 -21.75
CA LEU B 34 20.41 -12.58 -22.92
C LEU B 34 19.22 -13.50 -22.69
N ASP B 35 18.28 -13.50 -23.63
CA ASP B 35 17.03 -14.24 -23.47
C ASP B 35 17.03 -15.58 -24.22
N ALA B 36 18.11 -15.90 -24.94
CA ALA B 36 18.12 -17.09 -25.77
C ALA B 36 18.17 -18.35 -24.90
N LYS B 37 17.26 -19.29 -25.17
CA LYS B 37 17.16 -20.53 -24.41
C LYS B 37 17.91 -21.70 -25.04
N ASP B 38 18.24 -21.62 -26.32
CA ASP B 38 18.98 -22.66 -27.01
C ASP B 38 20.48 -22.45 -26.97
N SER B 39 20.95 -21.30 -26.48
CA SER B 39 22.37 -20.97 -26.52
C SER B 39 23.14 -21.72 -25.45
N LYS B 40 24.42 -21.95 -25.71
CA LYS B 40 25.26 -22.76 -24.85
C LYS B 40 26.40 -22.00 -24.19
N LEU B 41 27.07 -21.10 -24.90
CA LEU B 41 28.29 -20.48 -24.39
C LEU B 41 28.32 -18.98 -24.68
N LEU B 42 28.67 -18.20 -23.66
CA LEU B 42 29.09 -16.82 -23.85
C LEU B 42 30.60 -16.85 -24.10
N ASN B 43 30.99 -16.69 -25.37
CA ASN B 43 32.40 -16.77 -25.73
C ASN B 43 33.18 -15.61 -25.13
N GLU B 44 32.73 -14.38 -25.39
CA GLU B 44 33.48 -13.21 -24.92
C GLU B 44 32.63 -11.94 -25.03
N VAL B 45 33.11 -10.91 -24.35
CA VAL B 45 32.59 -9.55 -24.47
C VAL B 45 33.77 -8.65 -24.79
N VAL B 46 33.60 -7.75 -25.75
CA VAL B 46 34.67 -6.84 -26.15
C VAL B 46 34.22 -5.41 -25.87
N LEU B 47 35.08 -4.66 -25.17
CA LEU B 47 34.83 -3.28 -24.83
C LEU B 47 35.92 -2.39 -25.43
N ASP B 48 35.59 -1.12 -25.64
CA ASP B 48 36.53 -0.13 -26.14
C ASP B 48 36.49 1.09 -25.23
N PHE B 49 37.65 1.57 -24.82
CA PHE B 49 37.78 2.83 -24.09
C PHE B 49 38.38 3.87 -25.01
N SER B 50 37.68 5.00 -25.17
CA SER B 50 38.17 6.11 -25.98
C SER B 50 39.57 6.51 -25.53
N LYS B 51 40.27 7.28 -26.36
CA LYS B 51 41.58 7.80 -25.95
C LYS B 51 41.45 9.07 -25.10
N SER B 52 40.26 9.67 -25.04
CA SER B 52 39.98 10.67 -24.02
C SER B 52 40.12 10.06 -22.62
N THR B 53 39.69 8.82 -22.48
CA THR B 53 39.87 8.09 -21.23
C THR B 53 41.35 8.06 -20.83
N PRO B 54 41.72 8.60 -19.68
CA PRO B 54 43.06 8.32 -19.15
C PRO B 54 43.11 6.83 -18.85
N LEU B 55 43.70 6.03 -19.75
CA LEU B 55 43.66 4.59 -19.52
C LEU B 55 44.47 4.21 -18.28
N HIS B 56 45.50 5.00 -17.97
CA HIS B 56 46.36 4.70 -16.84
C HIS B 56 45.62 4.71 -15.52
N ASP B 57 44.36 5.17 -15.49
CA ASP B 57 43.62 5.27 -14.24
C ASP B 57 42.74 4.06 -13.95
N ILE B 58 42.63 3.09 -14.86
CA ILE B 58 41.77 1.94 -14.68
C ILE B 58 42.60 0.78 -14.12
N GLN B 59 42.23 0.34 -12.91
CA GLN B 59 42.89 -0.80 -12.30
C GLN B 59 42.44 -2.11 -12.94
N SER B 60 41.15 -2.24 -13.25
CA SER B 60 40.66 -3.53 -13.71
C SER B 60 39.28 -3.37 -14.34
N VAL B 61 39.01 -4.25 -15.30
CA VAL B 61 37.69 -4.44 -15.91
C VAL B 61 37.35 -5.91 -15.74
N LYS B 62 36.12 -6.20 -15.29
CA LYS B 62 35.72 -7.56 -14.99
C LYS B 62 34.40 -7.90 -15.66
N LEU B 63 34.23 -9.19 -15.97
CA LEU B 63 32.98 -9.74 -16.44
C LEU B 63 32.41 -10.66 -15.35
N TYR B 64 31.16 -10.42 -14.97
CA TYR B 64 30.49 -11.15 -13.91
C TYR B 64 29.24 -11.83 -14.45
N TYR B 65 28.94 -13.02 -13.94
CA TYR B 65 27.71 -13.71 -14.27
C TYR B 65 26.75 -13.56 -13.09
N GLY B 66 25.52 -13.16 -13.39
CA GLY B 66 24.52 -12.95 -12.34
C GLY B 66 23.44 -14.00 -12.31
N GLY B 67 23.56 -15.03 -13.15
CA GLY B 67 22.63 -16.13 -13.10
C GLY B 67 21.39 -15.93 -13.96
N THR B 68 20.25 -16.41 -13.46
CA THR B 68 19.02 -16.38 -14.24
C THR B 68 17.90 -15.65 -13.51
N GLU B 69 16.66 -15.78 -14.03
CA GLU B 69 15.51 -15.07 -13.49
C GLU B 69 14.40 -16.05 -13.20
N ALA B 70 13.57 -15.71 -12.21
CA ALA B 70 12.37 -16.49 -11.95
C ALA B 70 11.49 -16.53 -13.19
N LEU B 71 10.88 -17.68 -13.46
CA LEU B 71 10.17 -17.88 -14.71
C LEU B 71 8.96 -16.96 -14.81
N GLN B 72 8.28 -16.69 -13.71
CA GLN B 72 7.13 -15.81 -13.71
C GLN B 72 7.49 -14.33 -13.77
N HIS B 73 8.76 -14.00 -13.57
CA HIS B 73 9.26 -12.63 -13.47
C HIS B 73 9.87 -12.15 -14.78
N ARG B 74 10.02 -13.03 -15.78
CA ARG B 74 10.86 -12.71 -16.92
C ARG B 74 10.24 -11.64 -17.83
N ASP B 75 8.91 -11.61 -17.94
CA ASP B 75 8.26 -10.65 -18.82
C ASP B 75 8.49 -9.22 -18.36
N LYS B 76 8.91 -9.00 -17.12
CA LYS B 76 9.19 -7.65 -16.65
C LYS B 76 10.46 -7.08 -17.27
N LYS B 77 11.30 -7.93 -17.84
CA LYS B 77 12.47 -7.48 -18.61
C LYS B 77 13.42 -6.65 -17.76
N ARG B 78 13.64 -7.07 -16.51
CA ARG B 78 14.66 -6.45 -15.69
C ARG B 78 16.05 -6.80 -16.23
N MET B 79 17.01 -5.93 -15.96
CA MET B 79 18.37 -6.08 -16.46
C MET B 79 19.30 -6.78 -15.47
N ALA B 80 18.79 -7.14 -14.30
CA ALA B 80 19.54 -7.87 -13.29
C ALA B 80 18.56 -8.56 -12.37
N PRO B 81 18.95 -9.66 -11.72
CA PRO B 81 18.04 -10.33 -10.80
C PRO B 81 18.02 -9.72 -9.42
N VAL B 82 19.01 -8.88 -9.12
CA VAL B 82 19.27 -8.42 -7.76
C VAL B 82 20.24 -7.25 -7.86
N GLU B 83 20.33 -6.47 -6.79
CA GLU B 83 21.32 -5.41 -6.69
C GLU B 83 22.71 -6.01 -6.45
N TYR B 84 23.63 -5.79 -7.39
CA TYR B 84 24.92 -6.48 -7.32
C TYR B 84 25.84 -5.86 -6.27
N ILE B 85 25.78 -4.53 -6.11
CA ILE B 85 26.59 -3.78 -5.17
C ILE B 85 25.64 -2.94 -4.34
N SER B 86 25.80 -2.97 -3.03
CA SER B 86 24.94 -2.23 -2.12
C SER B 86 25.58 -0.90 -1.76
N GLY B 87 24.80 0.17 -1.84
CA GLY B 87 25.18 1.45 -1.28
C GLY B 87 24.69 1.66 0.15
N PHE B 88 24.11 0.65 0.77
CA PHE B 88 23.38 0.87 2.01
C PHE B 88 23.61 -0.15 3.11
N HIS B 89 24.12 -1.34 2.84
CA HIS B 89 24.39 -2.31 3.90
C HIS B 89 25.66 -1.91 4.64
N PRO B 90 25.58 -1.57 5.93
CA PRO B 90 26.76 -1.01 6.60
C PRO B 90 27.97 -1.92 6.50
N GLY B 91 29.12 -1.32 6.16
CA GLY B 91 30.38 -2.02 6.14
C GLY B 91 30.67 -2.86 4.92
N THR B 92 29.73 -2.96 3.97
CA THR B 92 29.93 -3.84 2.83
C THR B 92 29.60 -3.15 1.52
N THR B 93 29.76 -1.84 1.43
CA THR B 93 29.34 -1.10 0.26
C THR B 93 30.43 -0.95 -0.78
N LEU B 94 31.66 -1.41 -0.52
CA LEU B 94 32.77 -1.13 -1.42
C LEU B 94 33.12 -2.30 -2.35
N SER B 95 32.44 -3.42 -2.23
CA SER B 95 32.71 -4.58 -3.06
C SER B 95 31.40 -5.21 -3.50
N ALA B 96 31.43 -5.88 -4.66
CA ALA B 96 30.27 -6.66 -5.08
C ALA B 96 30.03 -7.81 -4.10
N ASN B 97 28.77 -8.08 -3.82
CA ASN B 97 28.39 -9.21 -3.00
C ASN B 97 28.72 -10.49 -3.76
N PRO B 98 29.69 -11.29 -3.31
CA PRO B 98 30.13 -12.43 -4.13
C PRO B 98 29.11 -13.54 -4.22
N SER B 99 28.10 -13.58 -3.35
CA SER B 99 27.05 -14.57 -3.52
C SER B 99 26.09 -14.25 -4.65
N TYR B 100 26.11 -13.03 -5.19
CA TYR B 100 25.22 -12.63 -6.27
C TYR B 100 25.89 -12.62 -7.64
N SER B 101 27.22 -12.70 -7.70
CA SER B 101 27.96 -12.61 -8.96
C SER B 101 29.11 -13.60 -8.96
N VAL B 102 29.27 -14.32 -10.07
CA VAL B 102 30.41 -15.21 -10.32
C VAL B 102 31.35 -14.53 -11.32
N LYS B 103 32.62 -14.41 -10.96
CA LYS B 103 33.58 -13.74 -11.84
C LYS B 103 33.94 -14.67 -12.99
N CYS B 104 33.70 -14.21 -14.23
CA CYS B 104 34.01 -14.97 -15.43
C CYS B 104 35.36 -14.57 -16.03
N ALA B 105 35.72 -13.29 -15.97
CA ALA B 105 36.94 -12.84 -16.62
C ALA B 105 37.37 -11.51 -16.02
N GLU B 106 38.64 -11.17 -16.26
CA GLU B 106 39.22 -9.96 -15.72
C GLU B 106 40.39 -9.53 -16.60
N VAL B 107 40.45 -8.25 -16.90
CA VAL B 107 41.58 -7.65 -17.57
C VAL B 107 42.15 -6.61 -16.62
N VAL B 108 43.32 -6.89 -16.06
CA VAL B 108 44.02 -5.93 -15.21
C VAL B 108 44.79 -4.96 -16.09
N ARG B 109 44.85 -3.71 -15.68
CA ARG B 109 45.55 -2.67 -16.43
C ARG B 109 45.11 -2.70 -17.90
N PRO B 110 43.85 -2.45 -18.19
CA PRO B 110 43.39 -2.60 -19.58
C PRO B 110 43.97 -1.54 -20.50
N SER B 111 44.14 -1.93 -21.76
CA SER B 111 44.45 -0.98 -22.83
C SER B 111 43.12 -0.48 -23.42
N ASN B 112 43.18 0.15 -24.60
CA ASN B 112 41.96 0.71 -25.17
C ASN B 112 40.96 -0.37 -25.54
N LYS B 113 41.41 -1.46 -26.16
CA LYS B 113 40.56 -2.57 -26.55
C LYS B 113 40.65 -3.66 -25.48
N VAL B 114 39.50 -4.04 -24.93
CA VAL B 114 39.41 -4.95 -23.79
C VAL B 114 38.60 -6.16 -24.22
N VAL B 115 39.22 -7.34 -24.17
CA VAL B 115 38.57 -8.59 -24.56
C VAL B 115 38.43 -9.43 -23.29
N LEU B 116 37.18 -9.66 -22.88
CA LEU B 116 36.88 -10.50 -21.72
C LEU B 116 36.46 -11.86 -22.26
N LYS B 117 37.41 -12.80 -22.25
CA LYS B 117 37.15 -14.16 -22.74
C LYS B 117 36.61 -14.99 -21.59
N SER B 118 35.42 -15.54 -21.77
CA SER B 118 34.78 -16.29 -20.69
C SER B 118 34.46 -17.73 -21.03
N ASN B 119 33.98 -18.00 -22.24
CA ASN B 119 33.47 -19.31 -22.63
C ASN B 119 32.64 -19.90 -21.48
N TYR B 120 31.60 -19.16 -21.13
CA TYR B 120 30.82 -19.44 -19.93
C TYR B 120 29.57 -20.22 -20.29
N LYS B 121 29.32 -21.31 -19.56
CA LYS B 121 28.14 -22.13 -19.79
C LYS B 121 26.89 -21.34 -19.43
N LEU B 122 25.92 -21.33 -20.33
CA LEU B 122 24.70 -20.54 -20.17
C LEU B 122 23.56 -21.40 -19.64
N PHE B 123 22.74 -20.79 -18.80
CA PHE B 123 21.50 -21.39 -18.36
C PHE B 123 20.55 -21.53 -19.55
N PRO B 124 19.76 -22.61 -19.63
CA PRO B 124 18.75 -22.71 -20.71
C PRO B 124 17.55 -21.81 -20.46
N GLY B 125 17.79 -20.51 -20.59
CA GLY B 125 16.81 -19.49 -20.25
C GLY B 125 17.49 -18.13 -20.21
N VAL B 126 16.92 -17.23 -19.41
CA VAL B 126 17.51 -15.90 -19.24
C VAL B 126 18.87 -16.02 -18.57
N ASN B 127 19.83 -15.26 -19.07
CA ASN B 127 21.18 -15.17 -18.50
C ASN B 127 21.51 -13.71 -18.26
N PHE B 128 22.04 -13.40 -17.09
CA PHE B 128 22.45 -12.06 -16.72
C PHE B 128 23.97 -12.01 -16.64
N PHE B 129 24.56 -10.97 -17.20
CA PHE B 129 25.96 -10.66 -16.96
C PHE B 129 26.10 -9.19 -16.63
N TRP B 130 27.27 -8.79 -16.16
CA TRP B 130 27.56 -7.38 -16.03
C TRP B 130 29.05 -7.14 -16.04
N ILE B 131 29.42 -5.90 -16.35
CA ILE B 131 30.81 -5.49 -16.47
C ILE B 131 31.13 -4.53 -15.35
N SER B 132 32.24 -4.79 -14.66
CA SER B 132 32.67 -4.01 -13.51
C SER B 132 33.88 -3.18 -13.90
N LEU B 133 33.89 -1.92 -13.45
CA LEU B 133 35.00 -1.02 -13.65
C LEU B 133 35.59 -0.67 -12.29
N GLN B 134 36.91 -0.88 -12.14
CA GLN B 134 37.61 -0.58 -10.91
C GLN B 134 38.74 0.39 -11.22
N MET B 135 38.74 1.54 -10.54
CA MET B 135 39.74 2.56 -10.74
C MET B 135 40.94 2.37 -9.82
N LYS B 136 42.05 3.00 -10.21
CA LYS B 136 43.29 2.96 -9.44
C LYS B 136 43.20 3.92 -8.25
N LYS B 137 43.87 3.54 -7.16
CA LYS B 137 43.73 4.26 -5.89
C LYS B 137 43.84 5.78 -6.06
N GLY B 138 44.80 6.25 -6.85
CA GLY B 138 45.07 7.67 -6.88
C GLY B 138 44.35 8.46 -7.95
N THR B 139 43.27 7.92 -8.51
CA THR B 139 42.60 8.55 -9.65
C THR B 139 42.01 9.90 -9.24
N SER B 140 41.99 10.82 -10.18
CA SER B 140 41.51 12.16 -9.93
C SER B 140 40.00 12.24 -10.07
N LEU B 141 39.39 13.15 -9.30
CA LEU B 141 37.95 13.38 -9.38
C LEU B 141 37.48 13.84 -10.75
N TYR B 142 38.41 14.28 -11.61
CA TYR B 142 38.04 14.80 -12.92
C TYR B 142 38.16 13.77 -14.03
N THR B 143 38.65 12.57 -13.73
CA THR B 143 38.75 11.54 -14.74
C THR B 143 37.37 11.22 -15.28
N ARG B 144 37.31 11.01 -16.60
CA ARG B 144 36.08 10.69 -17.31
C ARG B 144 36.32 9.43 -18.12
N ILE B 145 35.40 8.48 -18.02
CA ILE B 145 35.52 7.19 -18.70
C ILE B 145 34.40 7.11 -19.73
N ASN B 146 34.79 6.95 -20.99
CA ASN B 146 33.85 6.72 -22.09
C ASN B 146 34.13 5.31 -22.60
N SER B 147 33.08 4.50 -22.69
CA SER B 147 33.25 3.09 -22.99
C SER B 147 32.20 2.63 -23.99
N GLU B 148 32.65 1.89 -24.98
CA GLU B 148 31.79 1.35 -26.03
C GLU B 148 31.75 -0.17 -25.89
N LEU B 149 30.56 -0.74 -26.00
CA LEU B 149 30.37 -2.19 -25.97
C LEU B 149 30.45 -2.66 -27.43
N CYS B 150 31.59 -3.26 -27.78
CA CYS B 150 31.82 -3.59 -29.18
C CYS B 150 31.10 -4.86 -29.62
N ALA B 151 31.12 -5.90 -28.81
CA ALA B 151 30.52 -7.16 -29.23
C ALA B 151 30.22 -8.05 -28.03
N VAL B 152 29.10 -8.75 -28.12
CA VAL B 152 28.76 -9.86 -27.25
C VAL B 152 28.65 -11.10 -28.13
N LYS B 153 29.51 -12.09 -27.88
CA LYS B 153 29.63 -13.27 -28.75
C LYS B 153 29.11 -14.50 -28.04
N VAL B 154 28.02 -15.07 -28.58
CA VAL B 154 27.37 -16.26 -28.02
C VAL B 154 27.39 -17.34 -29.10
N ASP B 155 27.97 -18.50 -28.76
CA ASP B 155 28.06 -19.64 -29.67
C ASP B 155 28.69 -19.22 -30.99
N GLY B 156 29.79 -18.46 -30.89
CA GLY B 156 30.56 -18.04 -32.03
C GLY B 156 30.01 -16.85 -32.81
N LYS B 157 28.82 -16.38 -32.48
CA LYS B 157 28.14 -15.37 -33.29
C LYS B 157 28.04 -14.06 -32.52
N VAL B 158 28.41 -12.95 -33.18
CA VAL B 158 28.23 -11.63 -32.59
C VAL B 158 26.76 -11.27 -32.64
N LEU B 159 26.18 -10.93 -31.50
CA LEU B 159 24.75 -10.76 -31.42
C LEU B 159 24.34 -9.32 -31.72
N ASP B 160 23.05 -9.16 -32.02
CA ASP B 160 22.47 -7.84 -32.24
C ASP B 160 22.15 -7.20 -30.90
N CYS B 161 22.68 -6.01 -30.66
CA CYS B 161 22.53 -5.33 -29.39
C CYS B 161 21.32 -4.40 -29.43
N LYS B 162 20.47 -4.52 -28.41
CA LYS B 162 19.35 -3.61 -28.19
C LYS B 162 19.69 -2.80 -26.96
N TYR B 163 20.00 -1.52 -27.15
CA TYR B 163 20.43 -0.65 -26.06
C TYR B 163 19.23 -0.05 -25.35
N LEU B 164 19.27 -0.07 -24.02
CA LEU B 164 18.30 0.63 -23.20
C LEU B 164 18.84 1.96 -22.70
N SER B 165 20.05 2.33 -23.07
CA SER B 165 20.69 3.52 -22.54
C SER B 165 21.19 4.37 -23.70
N PRO B 166 21.25 5.69 -23.52
CA PRO B 166 21.65 6.57 -24.62
C PRO B 166 23.13 6.37 -24.96
N LYS B 167 23.49 6.93 -26.11
CA LYS B 167 24.88 7.00 -26.53
C LYS B 167 25.57 8.19 -25.87
N ASN B 168 26.90 8.19 -25.93
CA ASN B 168 27.73 9.29 -25.46
C ASN B 168 27.65 9.50 -23.94
N ILE B 169 27.50 8.42 -23.19
CA ILE B 169 27.57 8.52 -21.74
C ILE B 169 29.02 8.75 -21.33
N SER B 170 29.25 9.71 -20.44
CA SER B 170 30.55 9.92 -19.83
C SER B 170 30.43 9.55 -18.36
N HIS B 171 31.19 8.55 -17.92
CA HIS B 171 31.12 8.11 -16.53
C HIS B 171 32.03 8.97 -15.66
N ARG B 172 31.47 9.50 -14.57
CA ARG B 172 32.15 10.45 -13.72
C ARG B 172 32.57 9.79 -12.42
N MET B 173 33.73 10.24 -11.91
CA MET B 173 34.23 9.77 -10.64
C MET B 173 33.48 10.43 -9.49
N ALA B 174 33.59 9.79 -8.33
CA ALA B 174 33.02 10.30 -7.09
C ALA B 174 33.89 9.77 -5.96
N ILE B 175 33.86 10.47 -4.84
CA ILE B 175 34.49 9.98 -3.61
C ILE B 175 33.40 9.90 -2.55
N GLY B 176 33.32 8.76 -1.87
CA GLY B 176 32.40 8.61 -0.77
C GLY B 176 33.01 9.19 0.49
N VAL B 177 32.62 10.42 0.82
CA VAL B 177 33.16 11.06 2.01
C VAL B 177 32.73 10.28 3.23
N ARG B 178 31.52 9.74 3.22
CA ARG B 178 31.03 8.87 4.30
C ARG B 178 30.28 7.71 3.69
N HIS B 179 30.55 6.50 4.17
CA HIS B 179 29.82 5.31 3.76
C HIS B 179 29.09 4.71 4.95
N ALA B 180 28.01 3.98 4.66
CA ALA B 180 27.29 3.27 5.71
C ALA B 180 28.26 2.41 6.52
N GLY B 181 28.23 2.59 7.84
CA GLY B 181 29.08 1.86 8.75
C GLY B 181 30.33 2.58 9.19
N ASP B 182 30.76 3.62 8.46
CA ASP B 182 32.02 4.29 8.80
C ASP B 182 31.97 4.85 10.23
N ASP B 183 33.11 4.74 10.91
CA ASP B 183 33.29 5.34 12.24
C ASP B 183 32.19 4.91 13.18
N GLY B 184 31.69 3.69 12.99
CA GLY B 184 30.73 3.13 13.91
C GLY B 184 29.30 3.57 13.74
N SER B 185 28.99 4.32 12.69
CA SER B 185 27.66 4.88 12.50
C SER B 185 26.98 4.12 11.37
N ALA B 186 25.74 3.68 11.62
CA ALA B 186 24.98 2.98 10.60
C ALA B 186 24.75 3.85 9.38
N ALA B 187 24.52 5.15 9.58
CA ALA B 187 24.09 5.98 8.47
C ALA B 187 24.58 7.42 8.62
N PHE B 188 24.62 8.10 7.49
CA PHE B 188 24.89 9.53 7.40
C PHE B 188 23.84 10.12 6.47
N ARG B 189 23.29 11.26 6.83
CA ARG B 189 22.25 11.87 6.04
C ARG B 189 22.28 13.39 6.14
N ILE B 190 21.59 14.03 5.21
CA ILE B 190 21.25 15.46 5.25
C ILE B 190 22.51 16.28 5.01
N PRO B 191 23.00 16.39 3.79
CA PRO B 191 24.27 17.08 3.56
C PRO B 191 24.13 18.60 3.46
N GLY B 192 25.16 19.28 3.94
CA GLY B 192 25.38 20.68 3.62
C GLY B 192 26.83 20.87 3.26
N LEU B 193 27.08 21.85 2.39
CA LEU B 193 28.44 22.03 1.87
C LEU B 193 28.71 23.49 1.52
N VAL B 194 29.89 23.99 1.93
CA VAL B 194 30.32 25.34 1.60
C VAL B 194 31.81 25.35 1.33
N THR B 195 32.23 26.46 0.73
CA THR B 195 33.63 26.79 0.47
C THR B 195 33.99 28.03 1.29
N THR B 196 35.01 27.93 2.13
CA THR B 196 35.44 29.12 2.88
C THR B 196 36.18 30.08 1.95
N ASN B 197 36.47 31.27 2.47
CA ASN B 197 37.23 32.27 1.73
C ASN B 197 38.61 31.76 1.33
N LYS B 198 39.10 30.71 1.99
CA LYS B 198 40.41 30.15 1.69
C LYS B 198 40.35 28.95 0.75
N GLY B 199 39.17 28.64 0.21
CA GLY B 199 39.01 27.51 -0.69
C GLY B 199 38.78 26.19 0.00
N THR B 200 38.64 26.19 1.32
CA THR B 200 38.44 24.96 2.08
C THR B 200 36.98 24.51 1.94
N LEU B 201 36.80 23.22 1.68
CA LEU B 201 35.47 22.63 1.60
C LEU B 201 35.08 22.10 2.97
N LEU B 202 33.87 22.42 3.38
CA LEU B 202 33.31 21.95 4.65
C LEU B 202 31.97 21.28 4.36
N GLY B 203 31.91 19.97 4.62
CA GLY B 203 30.70 19.20 4.43
C GLY B 203 30.17 18.70 5.77
N VAL B 204 28.91 19.00 6.04
CA VAL B 204 28.26 18.62 7.29
C VAL B 204 27.13 17.66 6.99
N TYR B 205 26.70 16.94 8.03
CA TYR B 205 25.72 15.87 7.85
C TYR B 205 25.30 15.35 9.21
N ASP B 206 24.16 14.67 9.25
CA ASP B 206 23.78 13.85 10.40
C ASP B 206 24.69 12.64 10.49
N VAL B 207 25.15 12.32 11.69
CA VAL B 207 25.76 11.03 11.99
C VAL B 207 24.68 10.24 12.73
N ARG B 208 24.01 9.31 12.03
CA ARG B 208 22.88 8.55 12.58
C ARG B 208 23.39 7.17 12.98
N TYR B 209 23.79 7.05 14.24
CA TYR B 209 24.59 5.91 14.66
C TYR B 209 23.81 4.60 14.61
N ASN B 210 22.52 4.62 14.98
CA ASN B 210 21.79 3.37 15.15
C ASN B 210 21.08 2.90 13.89
N SER B 211 20.60 3.83 13.07
CA SER B 211 19.82 3.52 11.89
C SER B 211 19.67 4.80 11.09
N SER B 212 18.96 4.71 9.97
CA SER B 212 18.72 5.85 9.11
C SER B 212 17.53 6.71 9.58
N VAL B 213 16.87 6.35 10.66
CA VAL B 213 15.61 7.00 11.03
C VAL B 213 15.86 8.43 11.51
N ASP B 214 14.85 9.28 11.34
CA ASP B 214 14.94 10.68 11.72
C ASP B 214 14.96 10.83 13.25
N LEU B 215 15.36 12.02 13.70
CA LEU B 215 15.19 12.38 15.11
C LEU B 215 13.76 12.07 15.55
N GLN B 216 13.59 11.65 16.81
CA GLN B 216 14.65 11.51 17.81
C GLN B 216 15.44 10.20 17.72
N GLU B 217 16.73 10.30 18.02
CA GLU B 217 17.64 9.14 18.05
C GLU B 217 19.03 9.63 18.42
N TYR B 218 19.98 8.70 18.54
CA TYR B 218 21.39 9.03 18.78
C TYR B 218 21.98 9.60 17.50
N VAL B 219 22.03 10.93 17.41
CA VAL B 219 22.45 11.64 16.21
C VAL B 219 23.36 12.79 16.62
N ASP B 220 24.50 12.92 15.93
CA ASP B 220 25.39 14.06 16.02
C ASP B 220 25.41 14.78 14.67
N VAL B 221 25.93 16.00 14.68
CA VAL B 221 26.30 16.69 13.45
C VAL B 221 27.79 16.48 13.24
N GLY B 222 28.15 15.87 12.11
CA GLY B 222 29.52 15.62 11.75
C GLY B 222 29.99 16.57 10.65
N LEU B 223 31.31 16.61 10.47
CA LEU B 223 31.90 17.53 9.51
C LEU B 223 33.15 16.92 8.92
N SER B 224 33.22 16.92 7.59
CA SER B 224 34.41 16.52 6.85
C SER B 224 35.01 17.76 6.19
N ARG B 225 36.32 17.92 6.32
CA ARG B 225 37.04 19.11 5.89
C ARG B 225 38.08 18.73 4.86
N SER B 226 38.13 19.47 3.75
CA SER B 226 39.10 19.20 2.70
C SER B 226 39.81 20.49 2.31
N THR B 227 41.14 20.40 2.22
CA THR B 227 41.98 21.52 1.81
C THR B 227 42.51 21.38 0.39
N ASP B 228 42.12 20.35 -0.35
CA ASP B 228 42.62 20.11 -1.70
C ASP B 228 41.47 19.98 -2.68
N GLY B 229 40.43 20.78 -2.50
CA GLY B 229 39.33 20.77 -3.45
C GLY B 229 38.52 19.51 -3.47
N GLY B 230 38.58 18.70 -2.42
CA GLY B 230 37.72 17.55 -2.27
C GLY B 230 38.35 16.22 -2.65
N GLU B 231 39.63 16.21 -3.04
CA GLU B 231 40.27 14.94 -3.36
C GLU B 231 40.49 14.10 -2.12
N THR B 232 40.82 14.74 -0.99
CA THR B 232 41.02 14.07 0.29
C THR B 232 40.26 14.83 1.36
N TRP B 233 39.89 14.11 2.42
CA TRP B 233 39.04 14.65 3.46
C TRP B 233 39.61 14.31 4.82
N GLU B 234 39.62 15.30 5.69
CA GLU B 234 40.18 15.13 7.03
C GLU B 234 39.26 14.30 7.90
N LYS B 235 39.83 13.75 8.97
CA LYS B 235 39.09 12.93 9.92
C LYS B 235 37.84 13.65 10.40
N MET B 236 36.76 12.89 10.52
CA MET B 236 35.48 13.47 10.87
C MET B 236 35.57 14.22 12.20
N ARG B 237 34.99 15.41 12.22
CA ARG B 237 34.79 16.18 13.44
C ARG B 237 33.30 16.19 13.81
N LEU B 238 33.00 16.62 15.04
CA LEU B 238 31.63 16.71 15.53
C LEU B 238 31.36 18.11 16.06
N PRO B 239 30.98 19.05 15.18
CA PRO B 239 30.70 20.41 15.65
C PRO B 239 29.56 20.49 16.66
N LEU B 240 28.57 19.60 16.58
CA LEU B 240 27.48 19.56 17.53
C LEU B 240 27.25 18.13 17.99
N SER B 241 27.29 17.92 19.30
CA SER B 241 26.96 16.64 19.92
C SER B 241 26.60 16.95 21.37
N PHE B 242 25.62 16.22 21.90
CA PHE B 242 25.13 16.52 23.23
C PHE B 242 25.17 15.37 24.21
N GLY B 243 25.49 14.15 23.78
CA GLY B 243 25.75 13.08 24.71
C GLY B 243 24.57 12.80 25.63
N GLU B 244 24.88 12.64 26.91
CA GLU B 244 23.85 12.34 27.92
C GLU B 244 23.41 13.58 28.66
N TYR B 245 23.18 14.66 27.93
CA TYR B 245 22.77 15.92 28.54
C TYR B 245 21.57 15.72 29.45
N GLY B 246 21.64 16.31 30.64
CA GLY B 246 20.58 16.20 31.61
C GLY B 246 20.42 14.83 32.23
N GLY B 247 21.31 13.88 31.93
CA GLY B 247 21.18 12.54 32.41
C GLY B 247 20.32 11.62 31.57
N LEU B 248 19.85 12.06 30.41
CA LEU B 248 19.07 11.22 29.54
C LEU B 248 19.97 10.46 28.56
N PRO B 249 19.51 9.34 28.03
CA PRO B 249 20.33 8.57 27.09
C PRO B 249 20.77 9.42 25.90
N LYS B 250 21.87 8.99 25.28
CA LYS B 250 22.34 9.66 24.08
C LYS B 250 21.28 9.66 22.97
N ALA B 251 20.45 8.64 22.90
CA ALA B 251 19.41 8.56 21.89
C ALA B 251 18.23 9.47 22.18
N GLN B 252 18.21 10.11 23.35
CA GLN B 252 17.24 11.15 23.67
C GLN B 252 17.97 12.48 23.77
N ASN B 253 18.87 12.73 22.80
CA ASN B 253 19.68 13.95 22.81
C ASN B 253 20.22 14.28 21.42
N GLY B 254 19.59 13.80 20.35
CA GLY B 254 20.16 13.97 19.03
C GLY B 254 20.05 15.39 18.52
N VAL B 255 20.91 15.69 17.54
CA VAL B 255 20.93 16.98 16.86
C VAL B 255 21.24 16.72 15.39
N GLY B 256 20.49 17.34 14.49
CA GLY B 256 20.63 17.02 13.08
C GLY B 256 19.95 18.04 12.20
N ASP B 257 19.90 17.72 10.90
CA ASP B 257 19.38 18.55 9.83
C ASP B 257 20.23 19.80 9.70
N PRO B 258 21.56 19.67 9.69
CA PRO B 258 22.41 20.87 9.78
C PRO B 258 22.28 21.79 8.58
N SER B 259 22.53 23.08 8.84
CA SER B 259 22.68 24.08 7.80
C SER B 259 23.93 24.90 8.11
N ILE B 260 24.74 25.15 7.09
CA ILE B 260 26.05 25.74 7.27
C ILE B 260 26.19 26.94 6.36
N LEU B 261 26.89 27.98 6.83
CA LEU B 261 27.13 29.13 5.98
C LEU B 261 28.47 29.77 6.32
N VAL B 262 29.03 30.43 5.32
CA VAL B 262 30.26 31.19 5.46
C VAL B 262 29.88 32.67 5.52
N ASP B 263 30.23 33.33 6.62
CA ASP B 263 30.22 34.78 6.68
C ASP B 263 31.39 35.28 5.86
N THR B 264 31.14 35.66 4.61
CA THR B 264 32.22 36.00 3.70
C THR B 264 32.93 37.31 4.06
N LYS B 265 32.31 38.14 4.92
CA LYS B 265 32.97 39.34 5.39
C LYS B 265 34.19 39.01 6.24
N THR B 266 34.13 37.91 6.99
CA THR B 266 35.12 37.60 8.02
C THR B 266 35.66 36.18 7.93
N ASN B 267 35.10 35.34 7.05
CA ASN B 267 35.38 33.92 6.93
C ASN B 267 34.95 33.12 8.17
N THR B 268 34.18 33.72 9.07
CA THR B 268 33.62 32.91 10.15
C THR B 268 32.59 31.95 9.57
N VAL B 269 32.63 30.70 10.03
CA VAL B 269 31.72 29.69 9.53
C VAL B 269 30.70 29.37 10.62
N TRP B 270 29.45 29.23 10.22
CA TRP B 270 28.35 28.99 11.14
C TRP B 270 27.63 27.70 10.78
N ILE B 271 27.24 26.95 11.80
CA ILE B 271 26.37 25.80 11.63
C ILE B 271 25.21 25.92 12.61
N VAL B 272 23.98 25.80 12.10
CA VAL B 272 22.77 25.76 12.90
C VAL B 272 22.13 24.38 12.76
N ALA B 273 21.67 23.81 13.87
CA ALA B 273 21.04 22.51 13.84
C ALA B 273 19.96 22.46 14.92
N ALA B 274 19.13 21.40 14.84
CA ALA B 274 17.99 21.22 15.73
C ALA B 274 18.31 20.12 16.74
N TRP B 275 18.31 20.48 18.01
CA TRP B 275 18.60 19.58 19.10
C TRP B 275 17.30 19.17 19.77
N THR B 276 17.02 17.85 19.79
CA THR B 276 15.81 17.32 20.40
C THR B 276 16.18 16.58 21.67
N HIS B 277 15.49 16.92 22.75
CA HIS B 277 15.74 16.42 24.09
C HIS B 277 14.54 15.59 24.52
N GLY B 278 14.77 14.37 25.02
CA GLY B 278 13.67 13.53 25.48
C GLY B 278 12.98 12.88 24.30
N MET B 279 11.66 12.86 24.34
CA MET B 279 10.80 12.41 23.24
C MET B 279 10.89 10.92 22.99
N GLY B 280 11.33 10.15 23.98
CA GLY B 280 11.43 8.71 23.82
C GLY B 280 12.19 8.35 22.57
N ASN B 281 11.60 7.46 21.76
CA ASN B 281 12.18 7.04 20.49
C ASN B 281 11.25 7.37 19.34
N GLN B 282 10.43 8.41 19.52
CA GLN B 282 9.47 8.84 18.51
C GLN B 282 10.08 9.93 17.61
N ARG B 283 9.37 10.22 16.52
CA ARG B 283 9.86 11.18 15.55
C ARG B 283 9.59 12.60 16.01
N ALA B 284 10.63 13.44 15.98
CA ALA B 284 10.50 14.80 16.46
C ALA B 284 9.42 15.56 15.71
N TRP B 285 9.18 15.20 14.44
CA TRP B 285 8.16 15.87 13.65
C TRP B 285 6.81 15.87 14.36
N TRP B 286 6.52 14.82 15.13
CA TRP B 286 5.27 14.72 15.86
C TRP B 286 5.44 14.96 17.35
N SER B 287 6.65 14.81 17.89
CA SER B 287 6.85 14.86 19.33
C SER B 287 7.29 16.23 19.86
N SER B 288 7.83 17.10 19.02
CA SER B 288 8.10 18.48 19.44
C SER B 288 6.78 19.21 19.59
N HIS B 289 6.62 19.94 20.69
CA HIS B 289 5.36 20.58 21.06
C HIS B 289 5.53 22.06 21.36
N PRO B 290 4.42 22.77 21.56
CA PRO B 290 4.51 24.20 21.89
C PRO B 290 5.35 24.42 23.14
N GLY B 291 5.84 25.64 23.27
CA GLY B 291 6.72 26.02 24.37
C GLY B 291 8.05 26.53 23.85
N MET B 292 9.02 26.61 24.76
CA MET B 292 10.31 27.20 24.43
C MET B 292 11.49 26.42 25.00
N ASP B 293 11.34 25.70 26.08
CA ASP B 293 12.44 25.01 26.74
C ASP B 293 12.67 23.63 26.10
N MET B 294 13.79 23.01 26.47
CA MET B 294 14.17 21.73 25.87
C MET B 294 13.28 20.58 26.33
N ASN B 295 12.61 20.70 27.46
CA ASN B 295 11.72 19.64 27.90
C ASN B 295 10.42 19.63 27.13
N HIS B 296 10.20 20.60 26.23
CA HIS B 296 8.97 20.65 25.47
C HIS B 296 9.16 20.70 23.97
N THR B 297 10.23 21.33 23.47
CA THR B 297 10.33 21.62 22.04
C THR B 297 11.77 21.57 21.58
N ALA B 298 11.95 21.28 20.29
CA ALA B 298 13.28 21.26 19.69
C ALA B 298 13.96 22.61 19.84
N GLN B 299 15.26 22.57 20.13
CA GLN B 299 16.06 23.77 20.38
C GLN B 299 16.91 24.09 19.16
N LEU B 300 16.94 25.37 18.79
CA LEU B 300 17.75 25.85 17.67
C LEU B 300 19.12 26.22 18.20
N MET B 301 20.12 25.43 17.83
CA MET B 301 21.46 25.54 18.40
C MET B 301 22.44 25.93 17.31
N MET B 302 23.44 26.73 17.70
CA MET B 302 24.40 27.28 16.74
C MET B 302 25.82 27.13 17.25
N VAL B 303 26.73 26.85 16.31
CA VAL B 303 28.15 26.84 16.58
C VAL B 303 28.85 27.65 15.49
N LYS B 304 30.03 28.16 15.82
CA LYS B 304 30.83 28.93 14.89
C LYS B 304 32.27 28.45 14.93
N SER B 305 32.98 28.66 13.83
CA SER B 305 34.40 28.42 13.74
C SER B 305 35.07 29.67 13.17
N THR B 306 36.13 30.12 13.82
CA THR B 306 36.91 31.26 13.32
C THR B 306 38.30 30.82 12.85
N ASP B 307 38.56 29.52 12.80
CA ASP B 307 39.84 29.05 12.27
C ASP B 307 39.63 28.15 11.05
N ASP B 308 38.80 28.60 10.12
CA ASP B 308 38.59 27.93 8.83
C ASP B 308 38.02 26.52 9.02
N GLY B 309 37.24 26.31 10.08
CA GLY B 309 36.53 25.06 10.28
C GLY B 309 37.28 23.98 11.04
N LYS B 310 38.44 24.29 11.59
CA LYS B 310 39.18 23.25 12.31
C LYS B 310 38.61 23.00 13.70
N THR B 311 38.20 24.05 14.41
CA THR B 311 37.63 23.91 15.75
C THR B 311 36.35 24.72 15.84
N TRP B 312 35.46 24.29 16.74
CA TRP B 312 34.09 24.78 16.82
C TRP B 312 33.74 25.17 18.24
N SER B 313 33.02 26.28 18.35
CA SER B 313 32.60 26.79 19.65
C SER B 313 31.59 25.85 20.30
N GLU B 314 31.39 26.04 21.61
CA GLU B 314 30.31 25.35 22.27
C GLU B 314 28.97 25.85 21.74
N PRO B 315 27.97 24.99 21.69
CA PRO B 315 26.70 25.39 21.07
C PRO B 315 26.07 26.55 21.82
N ILE B 316 25.48 27.47 21.05
CA ILE B 316 24.69 28.58 21.58
C ILE B 316 23.23 28.29 21.30
N ASN B 317 22.38 28.42 22.31
CA ASN B 317 20.95 28.21 22.15
C ASN B 317 20.30 29.53 21.77
N ILE B 318 19.81 29.61 20.54
CA ILE B 318 19.19 30.82 20.02
C ILE B 318 17.68 30.69 19.90
N THR B 319 17.10 29.63 20.46
CA THR B 319 15.67 29.40 20.32
C THR B 319 14.87 30.62 20.74
N GLU B 320 15.18 31.16 21.93
CA GLU B 320 14.43 32.28 22.47
C GLU B 320 14.45 33.50 21.56
N GLN B 321 15.41 33.59 20.65
CA GLN B 321 15.52 34.77 19.82
C GLN B 321 14.52 34.79 18.67
N VAL B 322 14.10 33.62 18.19
CA VAL B 322 13.27 33.63 16.98
C VAL B 322 12.06 32.69 17.04
N LYS B 323 11.96 31.86 18.06
CA LYS B 323 10.85 30.91 18.09
C LYS B 323 9.62 31.57 18.70
N ASP B 324 8.49 31.43 18.03
CA ASP B 324 7.20 31.79 18.63
C ASP B 324 6.75 30.67 19.56
N PRO B 325 6.32 30.97 20.78
CA PRO B 325 5.99 29.89 21.72
C PRO B 325 4.91 28.94 21.22
N SER B 326 3.96 29.42 20.41
CA SER B 326 2.85 28.58 19.98
C SER B 326 3.23 27.57 18.91
N TRP B 327 4.40 27.71 18.29
CA TRP B 327 4.84 26.77 17.27
C TRP B 327 5.17 25.41 17.89
N TYR B 328 4.87 24.34 17.15
CA TYR B 328 5.25 23.00 17.61
C TYR B 328 6.74 22.75 17.41
N PHE B 329 7.33 23.31 16.35
CA PHE B 329 8.65 22.90 15.89
C PHE B 329 9.19 24.01 15.02
N LEU B 330 10.32 24.59 15.42
CA LEU B 330 11.07 25.51 14.59
C LEU B 330 12.43 24.89 14.30
N LEU B 331 12.84 24.88 13.04
CA LEU B 331 14.19 24.44 12.71
C LEU B 331 14.66 25.09 11.42
N GLN B 332 15.97 25.03 11.21
CA GLN B 332 16.57 25.48 9.97
C GLN B 332 16.13 24.59 8.81
N GLY B 333 16.21 25.16 7.61
CA GLY B 333 16.18 24.36 6.40
C GLY B 333 17.55 23.75 6.17
N PRO B 334 17.62 22.42 6.04
CA PRO B 334 18.93 21.80 5.92
C PRO B 334 19.64 22.20 4.63
N GLY B 335 20.95 22.25 4.72
CA GLY B 335 21.77 22.59 3.57
C GLY B 335 22.72 23.71 3.91
N ARG B 336 22.52 24.88 3.32
CA ARG B 336 23.41 26.01 3.54
C ARG B 336 22.59 27.30 3.59
N GLY B 337 23.26 28.34 4.09
CA GLY B 337 22.73 29.70 4.07
C GLY B 337 23.66 30.59 3.26
N ILE B 338 23.47 31.91 3.35
CA ILE B 338 24.19 32.87 2.53
C ILE B 338 24.70 34.02 3.41
N THR B 339 25.57 34.81 2.81
CA THR B 339 25.94 36.13 3.29
C THR B 339 25.53 37.11 2.20
N MET B 340 24.56 37.96 2.49
CA MET B 340 24.07 38.88 1.47
C MET B 340 25.11 39.93 1.13
N SER B 341 24.82 40.70 0.07
CA SER B 341 25.74 41.72 -0.41
C SER B 341 26.04 42.78 0.66
N ASP B 342 25.09 43.06 1.54
CA ASP B 342 25.28 44.09 2.56
C ASP B 342 25.75 43.53 3.89
N GLY B 343 26.17 42.26 3.92
CA GLY B 343 26.70 41.66 5.12
C GLY B 343 25.70 40.91 5.97
N THR B 344 24.42 40.97 5.62
CA THR B 344 23.42 40.21 6.34
C THR B 344 23.64 38.72 6.16
N LEU B 345 23.68 37.97 7.26
CA LEU B 345 23.70 36.51 7.21
C LEU B 345 22.28 36.00 7.25
N VAL B 346 21.99 34.97 6.44
CA VAL B 346 20.63 34.46 6.30
C VAL B 346 20.64 32.93 6.25
N PHE B 347 19.80 32.31 7.10
CA PHE B 347 19.50 30.88 7.08
C PHE B 347 18.03 30.66 6.72
N PRO B 348 17.71 29.79 5.76
CA PRO B 348 16.31 29.38 5.60
C PRO B 348 15.80 28.64 6.82
N THR B 349 14.50 28.72 7.05
CA THR B 349 13.89 28.13 8.24
C THR B 349 12.57 27.48 7.88
N GLN B 350 12.00 26.76 8.85
CA GLN B 350 10.70 26.12 8.68
C GLN B 350 10.10 25.90 10.06
N PHE B 351 8.81 26.21 10.22
CA PHE B 351 8.16 26.05 11.52
C PHE B 351 6.79 25.41 11.32
N ILE B 352 6.44 24.56 12.29
CA ILE B 352 5.11 23.96 12.36
C ILE B 352 4.28 24.81 13.31
N ASP B 353 3.23 25.43 12.79
CA ASP B 353 2.48 26.42 13.55
C ASP B 353 1.51 25.71 14.50
N SER B 354 0.65 26.50 15.15
CA SER B 354 -0.26 25.95 16.15
C SER B 354 -1.32 25.04 15.54
N THR B 355 -1.56 25.15 14.24
CA THR B 355 -2.51 24.30 13.54
C THR B 355 -1.87 23.07 12.92
N ARG B 356 -0.63 22.75 13.31
CA ARG B 356 0.07 21.55 12.85
C ARG B 356 0.43 21.61 11.38
N ILE B 357 0.54 22.80 10.81
CA ILE B 357 0.91 22.98 9.41
C ILE B 357 2.33 23.53 9.35
N PRO B 358 3.19 23.00 8.46
CA PRO B 358 4.55 23.52 8.34
C PRO B 358 4.64 24.63 7.30
N ASN B 359 5.54 25.59 7.57
CA ASN B 359 5.70 26.74 6.69
C ASN B 359 7.16 27.17 6.63
N ALA B 360 7.64 27.46 5.42
CA ALA B 360 9.03 27.85 5.22
C ALA B 360 9.22 29.35 5.41
N GLY B 361 10.46 29.75 5.66
CA GLY B 361 10.79 31.15 5.77
C GLY B 361 12.29 31.34 5.82
N ILE B 362 12.71 32.47 6.40
CA ILE B 362 14.13 32.76 6.59
C ILE B 362 14.32 33.48 7.92
N MET B 363 15.49 33.29 8.51
CA MET B 363 15.96 34.10 9.62
C MET B 363 17.26 34.78 9.20
N TYR B 364 17.58 35.90 9.84
CA TYR B 364 18.74 36.68 9.43
C TYR B 364 19.40 37.35 10.64
N SER B 365 20.66 37.75 10.43
CA SER B 365 21.43 38.50 11.42
C SER B 365 22.14 39.66 10.75
N LYS B 366 22.07 40.84 11.37
CA LYS B 366 22.78 42.01 10.86
C LYS B 366 24.01 42.34 11.70
N ASP B 367 24.32 41.54 12.71
CA ASP B 367 25.50 41.78 13.54
C ASP B 367 26.41 40.56 13.56
N ARG B 368 26.66 39.98 12.38
CA ARG B 368 27.68 38.94 12.20
C ARG B 368 27.34 37.68 13.01
N GLY B 369 26.05 37.42 13.20
CA GLY B 369 25.62 36.19 13.83
C GLY B 369 25.40 36.26 15.32
N LYS B 370 25.54 37.43 15.94
CA LYS B 370 25.30 37.52 17.38
C LYS B 370 23.82 37.40 17.72
N THR B 371 22.94 37.99 16.91
CA THR B 371 21.51 37.95 17.15
C THR B 371 20.78 37.73 15.82
N TRP B 372 19.64 37.01 15.92
CA TRP B 372 18.89 36.50 14.78
C TRP B 372 17.43 36.89 14.90
N LYS B 373 16.76 37.04 13.75
CA LYS B 373 15.39 37.53 13.69
C LYS B 373 14.56 36.84 12.61
N MET B 374 13.28 36.60 12.92
CA MET B 374 12.32 36.04 11.97
C MET B 374 11.08 36.94 11.88
N HIS B 375 10.60 37.16 10.66
CA HIS B 375 9.44 38.02 10.45
C HIS B 375 8.16 37.24 10.14
N ASN B 376 7.97 36.83 8.89
CA ASN B 376 6.73 36.17 8.50
C ASN B 376 7.01 35.03 7.52
N MET B 377 6.13 34.03 7.50
CA MET B 377 6.32 32.88 6.62
C MET B 377 6.22 33.29 5.16
N ALA B 378 6.83 32.48 4.30
CA ALA B 378 6.72 32.70 2.87
C ALA B 378 5.51 32.03 2.23
N ARG B 379 5.06 30.89 2.78
CA ARG B 379 4.02 30.09 2.13
C ARG B 379 3.61 28.96 3.05
N THR B 380 2.33 28.62 3.02
CA THR B 380 1.80 27.59 3.89
C THR B 380 2.13 26.20 3.34
N ASN B 381 2.21 25.22 4.24
CA ASN B 381 2.38 23.83 3.87
C ASN B 381 3.64 23.63 3.03
N THR B 382 4.73 24.28 3.44
CA THR B 382 6.04 24.11 2.85
C THR B 382 6.99 23.76 3.99
N THR B 383 8.08 23.06 3.66
CA THR B 383 9.03 22.67 4.69
C THR B 383 10.45 23.13 4.34
N GLU B 384 11.28 22.20 3.84
CA GLU B 384 12.69 22.48 3.60
C GLU B 384 12.87 23.43 2.43
N ALA B 385 13.77 24.40 2.59
CA ALA B 385 14.00 25.36 1.53
C ALA B 385 15.44 25.85 1.56
N GLN B 386 15.86 26.41 0.43
CA GLN B 386 17.14 27.08 0.31
C GLN B 386 16.90 28.46 -0.27
N VAL B 387 17.84 29.37 -0.03
CA VAL B 387 17.65 30.78 -0.36
C VAL B 387 18.90 31.28 -1.08
N VAL B 388 18.67 32.24 -1.99
CA VAL B 388 19.76 32.97 -2.64
C VAL B 388 19.37 34.45 -2.72
N GLU B 389 20.37 35.29 -2.92
CA GLU B 389 20.15 36.70 -3.24
C GLU B 389 20.13 36.82 -4.75
N ILE B 390 18.94 36.80 -5.35
CA ILE B 390 18.83 36.75 -6.81
C ILE B 390 19.21 38.09 -7.41
N GLU B 391 19.01 39.18 -6.66
CA GLU B 391 19.52 40.50 -6.99
C GLU B 391 19.76 41.23 -5.68
N PRO B 392 20.60 42.27 -5.68
CA PRO B 392 20.92 42.96 -4.41
C PRO B 392 19.67 43.30 -3.62
N GLY B 393 19.60 42.83 -2.38
CA GLY B 393 18.47 43.11 -1.52
C GLY B 393 17.23 42.26 -1.77
N VAL B 394 17.28 41.35 -2.74
CA VAL B 394 16.12 40.57 -3.18
C VAL B 394 16.44 39.10 -2.95
N LEU B 395 15.72 38.47 -2.03
CA LEU B 395 15.96 37.07 -1.68
C LEU B 395 14.94 36.16 -2.35
N MET B 396 15.44 35.05 -2.90
CA MET B 396 14.61 34.02 -3.53
C MET B 396 14.63 32.77 -2.67
N LEU B 397 13.46 32.33 -2.23
CA LEU B 397 13.31 31.15 -1.38
C LEU B 397 12.66 30.04 -2.20
N ASN B 398 13.35 28.89 -2.30
CA ASN B 398 12.95 27.77 -3.14
C ASN B 398 12.58 26.62 -2.20
N MET B 399 11.31 26.17 -2.28
CA MET B 399 10.71 25.43 -1.18
C MET B 399 10.18 24.06 -1.58
N ARG B 400 10.43 23.09 -0.71
CA ARG B 400 9.75 21.80 -0.72
C ARG B 400 8.29 22.00 -0.35
N ASP B 401 7.39 21.55 -1.22
CA ASP B 401 5.96 21.86 -1.13
C ASP B 401 5.17 20.58 -0.94
N ASN B 402 4.38 20.50 0.13
CA ASN B 402 3.62 19.28 0.41
C ASN B 402 2.47 19.05 -0.56
N ARG B 403 2.15 20.02 -1.42
CA ARG B 403 1.13 19.80 -2.44
C ARG B 403 1.61 18.81 -3.50
N GLY B 404 2.91 18.74 -3.74
CA GLY B 404 3.49 17.72 -4.57
C GLY B 404 3.81 18.19 -5.97
N GLY B 405 4.83 17.58 -6.56
CA GLY B 405 5.11 17.74 -7.96
C GLY B 405 6.13 18.80 -8.32
N SER B 406 6.21 19.90 -7.55
CA SER B 406 7.12 20.96 -7.97
C SER B 406 7.43 21.93 -6.81
N ARG B 407 8.61 22.52 -6.91
CA ARG B 407 9.07 23.49 -5.94
C ARG B 407 8.22 24.77 -5.98
N ALA B 408 7.85 25.26 -4.81
CA ALA B 408 7.34 26.63 -4.69
C ALA B 408 8.49 27.61 -4.60
N VAL B 409 8.31 28.78 -5.21
CA VAL B 409 9.38 29.78 -5.27
C VAL B 409 8.80 31.15 -4.95
N SER B 410 9.32 31.80 -3.90
CA SER B 410 8.85 33.12 -3.49
C SER B 410 10.03 34.07 -3.31
N ILE B 411 9.68 35.36 -3.28
CA ILE B 411 10.64 36.46 -3.31
C ILE B 411 10.29 37.43 -2.18
N THR B 412 11.31 37.94 -1.51
CA THR B 412 11.14 39.01 -0.53
C THR B 412 12.23 40.06 -0.70
N LYS B 413 11.83 41.33 -0.65
CA LYS B 413 12.74 42.47 -0.69
C LYS B 413 12.90 43.11 0.68
N ASP B 414 12.28 42.54 1.71
CA ASP B 414 12.37 43.10 3.06
C ASP B 414 12.61 41.99 4.08
N LEU B 415 13.38 40.98 3.72
CA LEU B 415 13.85 39.98 4.67
C LEU B 415 12.69 39.22 5.32
N GLY B 416 11.62 39.00 4.58
CA GLY B 416 10.53 38.17 5.03
C GLY B 416 9.34 38.89 5.64
N LYS B 417 9.35 40.23 5.65
CA LYS B 417 8.15 40.96 6.08
C LYS B 417 6.99 40.72 5.13
N SER B 418 7.26 40.76 3.83
CA SER B 418 6.28 40.48 2.80
C SER B 418 6.91 39.59 1.76
N TRP B 419 6.08 38.81 1.08
CA TRP B 419 6.57 37.86 0.07
C TRP B 419 5.72 37.97 -1.18
N THR B 420 6.36 37.75 -2.31
CA THR B 420 5.73 37.75 -3.62
C THR B 420 6.02 36.43 -4.31
N GLU B 421 5.04 35.92 -5.05
CA GLU B 421 5.19 34.63 -5.71
C GLU B 421 6.04 34.79 -6.97
N HIS B 422 7.06 33.96 -7.10
CA HIS B 422 7.91 34.05 -8.27
C HIS B 422 7.22 33.42 -9.48
N ALA B 423 7.63 33.89 -10.66
CA ALA B 423 7.03 33.40 -11.90
C ALA B 423 7.20 31.89 -12.05
N SER B 424 8.31 31.33 -11.53
CA SER B 424 8.61 29.93 -11.71
C SER B 424 7.95 29.03 -10.67
N SER B 425 7.27 29.59 -9.68
CA SER B 425 6.70 28.77 -8.62
C SER B 425 5.73 27.74 -9.20
N ARG B 426 5.96 26.48 -8.84
CA ARG B 426 5.04 25.39 -9.15
C ARG B 426 4.87 25.17 -10.66
N LYS B 427 5.87 25.55 -11.44
CA LYS B 427 5.83 25.32 -12.88
C LYS B 427 7.21 24.91 -13.39
N ALA B 428 8.22 25.77 -13.20
CA ALA B 428 9.48 25.57 -13.89
C ALA B 428 10.25 24.36 -13.33
N LEU B 429 10.39 24.26 -12.01
CA LEU B 429 11.30 23.30 -11.40
C LEU B 429 10.52 22.10 -10.85
N ASN B 430 10.87 20.91 -11.33
CA ASN B 430 10.23 19.65 -10.96
C ASN B 430 10.67 19.17 -9.57
N GLU B 431 9.90 18.21 -8.98
CA GLU B 431 10.18 17.77 -7.61
C GLU B 431 9.35 16.58 -7.10
N PRO B 432 9.96 15.65 -6.27
CA PRO B 432 9.15 14.58 -5.66
C PRO B 432 8.83 14.81 -4.18
N VAL B 433 8.93 16.06 -3.73
CA VAL B 433 8.83 16.40 -2.32
C VAL B 433 10.05 15.87 -1.59
N CYS B 434 11.12 16.66 -1.62
CA CYS B 434 12.44 16.26 -1.15
C CYS B 434 13.23 17.53 -0.94
N MET B 435 14.37 17.43 -0.25
CA MET B 435 15.27 18.56 -0.14
C MET B 435 15.83 18.88 -1.53
N ALA B 436 16.05 20.16 -1.78
CA ALA B 436 16.71 20.60 -3.00
C ALA B 436 17.71 21.70 -2.66
N SER B 437 18.79 21.76 -3.44
CA SER B 437 19.84 22.76 -3.26
C SER B 437 19.70 23.85 -4.30
N LEU B 438 19.87 25.11 -3.86
CA LEU B 438 19.88 26.28 -4.71
C LEU B 438 21.12 27.10 -4.38
N LEU B 439 21.84 27.53 -5.41
CA LEU B 439 23.07 28.29 -5.24
C LEU B 439 23.25 29.24 -6.42
N ASN B 440 23.47 30.52 -6.13
CA ASN B 440 23.63 31.56 -7.14
C ASN B 440 25.10 31.95 -7.24
N VAL B 441 25.59 32.05 -8.47
CA VAL B 441 27.01 32.30 -8.73
C VAL B 441 27.09 33.60 -9.53
N LYS B 442 27.56 34.67 -8.90
CA LYS B 442 27.60 35.98 -9.53
C LYS B 442 28.62 36.00 -10.67
N ALA B 443 28.37 36.91 -11.62
CA ALA B 443 29.18 36.98 -12.83
C ALA B 443 30.67 37.08 -12.50
N GLN B 444 31.04 37.95 -11.55
CA GLN B 444 32.46 38.15 -11.29
C GLN B 444 33.12 36.98 -10.58
N ASP B 445 32.34 36.03 -10.06
CA ASP B 445 32.88 34.94 -9.28
C ASP B 445 32.95 33.63 -10.05
N ASN B 446 32.77 33.67 -11.37
CA ASN B 446 32.93 32.46 -12.17
C ASN B 446 33.46 32.80 -13.55
N VAL B 447 34.00 31.78 -14.22
CA VAL B 447 34.80 31.96 -15.41
C VAL B 447 33.98 32.30 -16.65
N LEU B 448 32.68 32.03 -16.65
CA LEU B 448 31.85 32.44 -17.77
C LEU B 448 31.41 33.90 -17.68
N ASN B 449 31.71 34.58 -16.56
CA ASN B 449 31.40 36.00 -16.42
C ASN B 449 29.91 36.26 -16.65
N LYS B 450 29.08 35.35 -16.16
CA LYS B 450 27.63 35.46 -16.25
C LYS B 450 27.04 35.03 -14.92
N ASP B 451 25.94 35.68 -14.52
CA ASP B 451 25.17 35.20 -13.38
C ASP B 451 24.59 33.83 -13.70
N ILE B 452 24.83 32.85 -12.82
CA ILE B 452 24.39 31.47 -13.05
C ILE B 452 23.70 30.98 -11.79
N LEU B 453 22.43 30.62 -11.91
CA LEU B 453 21.66 30.04 -10.81
C LEU B 453 21.67 28.52 -10.95
N LEU B 454 22.11 27.83 -9.90
CA LEU B 454 22.24 26.39 -9.92
C LEU B 454 21.27 25.76 -8.95
N PHE B 455 20.79 24.57 -9.32
CA PHE B 455 19.76 23.82 -8.63
C PHE B 455 20.15 22.34 -8.74
N SER B 456 19.92 21.60 -7.67
CA SER B 456 20.19 20.17 -7.69
C SER B 456 19.09 19.44 -6.91
N ASN B 457 18.59 18.34 -7.50
CA ASN B 457 17.61 17.51 -6.80
C ASN B 457 17.31 16.23 -7.59
N PRO B 458 16.44 15.37 -7.07
CA PRO B 458 15.95 14.23 -7.87
C PRO B 458 15.02 14.74 -8.96
N ASN B 459 15.41 14.54 -10.22
CA ASN B 459 14.68 15.14 -11.33
C ASN B 459 13.50 14.28 -11.73
N THR B 460 12.52 14.21 -10.83
CA THR B 460 11.34 13.40 -11.04
C THR B 460 10.15 14.15 -10.49
N VAL B 461 8.97 13.55 -10.61
CA VAL B 461 7.80 13.94 -9.83
C VAL B 461 7.43 12.88 -8.82
N LYS B 462 8.11 11.74 -8.83
CA LYS B 462 7.88 10.66 -7.87
C LYS B 462 9.15 9.81 -7.83
N GLY B 463 9.61 9.48 -6.63
CA GLY B 463 10.83 8.71 -6.51
C GLY B 463 12.07 9.57 -6.36
N ARG B 464 12.96 9.17 -5.47
CA ARG B 464 14.21 9.89 -5.24
C ARG B 464 15.32 9.19 -6.02
N ASP B 465 15.47 9.59 -7.28
CA ASP B 465 16.50 9.08 -8.17
C ASP B 465 16.74 10.13 -9.23
N HIS B 466 17.67 9.83 -10.13
CA HIS B 466 18.06 10.76 -11.17
C HIS B 466 18.47 12.11 -10.56
N ILE B 467 19.38 12.05 -9.59
CA ILE B 467 19.95 13.28 -9.05
C ILE B 467 20.61 14.05 -10.18
N THR B 468 20.24 15.32 -10.31
CA THR B 468 20.56 16.11 -11.49
C THR B 468 20.88 17.54 -11.08
N ILE B 469 21.86 18.13 -11.74
CA ILE B 469 22.18 19.55 -11.58
C ILE B 469 21.61 20.32 -12.76
N LYS B 470 20.86 21.38 -12.47
CA LYS B 470 20.29 22.25 -13.49
C LYS B 470 20.81 23.67 -13.34
N ALA B 471 21.02 24.35 -14.47
CA ALA B 471 21.48 25.72 -14.46
C ALA B 471 20.48 26.61 -15.17
N SER B 472 20.33 27.84 -14.67
CA SER B 472 19.48 28.86 -15.28
C SER B 472 20.32 30.10 -15.55
N LEU B 473 20.18 30.66 -16.76
CA LEU B 473 20.92 31.85 -17.14
C LEU B 473 20.09 33.12 -17.08
N ASP B 474 18.82 33.05 -16.69
CA ASP B 474 17.96 34.22 -16.58
C ASP B 474 17.36 34.31 -15.19
N LYS B 475 18.18 34.02 -14.18
CA LYS B 475 17.84 34.27 -12.77
C LYS B 475 16.67 33.41 -12.31
N GLY B 476 16.53 32.23 -12.90
CA GLY B 476 15.57 31.26 -12.43
C GLY B 476 14.23 31.28 -13.13
N LEU B 477 14.11 32.03 -14.23
CA LEU B 477 12.85 32.04 -14.97
C LEU B 477 12.72 30.81 -15.86
N THR B 478 13.82 30.38 -16.50
CA THR B 478 13.82 29.22 -17.36
C THR B 478 14.98 28.30 -17.00
N TRP B 479 14.76 27.00 -17.19
CA TRP B 479 15.73 25.95 -16.85
C TRP B 479 15.85 25.03 -18.05
N LEU B 480 16.78 25.33 -18.95
CA LEU B 480 16.81 24.70 -20.26
C LEU B 480 17.45 23.32 -20.19
N PRO B 481 16.94 22.35 -20.96
CA PRO B 481 17.47 20.98 -20.85
C PRO B 481 18.95 20.87 -21.14
N GLU B 482 19.46 21.67 -22.07
CA GLU B 482 20.87 21.53 -22.45
C GLU B 482 21.82 21.93 -21.32
N HIS B 483 21.34 22.65 -20.31
CA HIS B 483 22.16 23.10 -19.19
C HIS B 483 21.87 22.29 -17.93
N GLN B 484 21.75 20.97 -18.08
CA GLN B 484 21.48 20.07 -16.97
C GLN B 484 22.43 18.88 -17.09
N LEU B 485 22.71 18.25 -15.95
CA LEU B 485 23.62 17.10 -15.90
C LEU B 485 23.08 16.06 -14.94
N LEU B 486 22.78 14.87 -15.47
CA LEU B 486 22.36 13.75 -14.65
C LEU B 486 23.59 13.12 -13.99
N LEU B 487 23.54 12.98 -12.67
CA LEU B 487 24.65 12.43 -11.91
C LEU B 487 24.43 10.99 -11.48
N ASP B 488 23.19 10.63 -11.12
CA ASP B 488 22.93 9.36 -10.46
C ASP B 488 21.50 8.92 -10.79
N GLU B 489 21.37 7.91 -11.65
CA GLU B 489 20.05 7.48 -12.09
C GLU B 489 19.36 6.58 -11.09
N ASP B 490 20.11 5.97 -10.16
CA ASP B 490 19.53 4.96 -9.29
C ASP B 490 18.93 5.58 -8.04
N PRO B 491 18.10 4.82 -7.32
CA PRO B 491 17.41 5.38 -6.16
C PRO B 491 18.38 5.66 -5.02
N GLY B 492 18.14 6.76 -4.32
CA GLY B 492 18.87 7.11 -3.12
C GLY B 492 17.97 7.81 -2.12
N TRP B 493 18.55 8.45 -1.12
CA TRP B 493 17.74 9.22 -0.18
C TRP B 493 17.49 10.65 -0.62
N GLY B 494 18.22 11.14 -1.62
CA GLY B 494 17.75 12.24 -2.44
C GLY B 494 18.24 13.63 -2.07
N TYR B 495 18.83 13.84 -0.90
CA TYR B 495 19.26 15.17 -0.52
C TYR B 495 20.60 15.52 -1.15
N SER B 496 20.83 16.81 -1.39
CA SER B 496 22.07 17.27 -2.01
C SER B 496 22.40 18.67 -1.53
N CYS B 497 23.66 19.06 -1.69
CA CYS B 497 24.04 20.45 -1.45
C CYS B 497 25.18 20.85 -2.37
N LEU B 498 25.04 22.03 -2.96
CA LEU B 498 25.98 22.55 -3.94
C LEU B 498 26.95 23.58 -3.34
N THR B 499 28.09 23.73 -4.00
CA THR B 499 29.04 24.80 -3.72
C THR B 499 29.88 25.01 -4.98
N MET B 500 30.59 26.14 -5.01
CA MET B 500 31.62 26.35 -6.03
C MET B 500 32.96 25.95 -5.42
N ILE B 501 33.62 24.96 -6.02
CA ILE B 501 34.96 24.61 -5.58
C ILE B 501 35.92 25.73 -5.92
N ASP B 502 35.82 26.26 -7.14
CA ASP B 502 36.55 27.44 -7.57
C ASP B 502 35.73 28.08 -8.68
N LYS B 503 36.29 29.13 -9.29
CA LYS B 503 35.54 29.89 -10.28
C LYS B 503 35.17 29.06 -11.50
N GLU B 504 35.70 27.85 -11.65
CA GLU B 504 35.46 27.04 -12.82
C GLU B 504 34.75 25.73 -12.50
N THR B 505 34.51 25.42 -11.23
CA THR B 505 34.15 24.07 -10.83
C THR B 505 33.10 24.10 -9.74
N ILE B 506 32.01 23.37 -9.99
CA ILE B 506 30.95 23.12 -9.02
C ILE B 506 31.36 21.92 -8.18
N GLY B 507 30.98 21.94 -6.90
CA GLY B 507 31.08 20.77 -6.05
C GLY B 507 29.71 20.43 -5.52
N ILE B 508 29.47 19.13 -5.31
CA ILE B 508 28.18 18.66 -4.80
C ILE B 508 28.44 17.52 -3.84
N LEU B 509 27.78 17.59 -2.68
CA LEU B 509 27.78 16.55 -1.67
C LEU B 509 26.35 16.06 -1.58
N TYR B 510 26.12 14.77 -1.80
CA TYR B 510 24.74 14.29 -1.83
C TYR B 510 24.61 12.82 -1.46
N GLU B 511 23.38 12.50 -1.03
CA GLU B 511 22.96 11.13 -0.80
C GLU B 511 22.73 10.47 -2.16
N SER B 512 23.51 9.44 -2.46
CA SER B 512 23.46 8.79 -3.76
C SER B 512 23.08 7.33 -3.61
N SER B 513 23.00 6.64 -4.74
CA SER B 513 22.77 5.21 -4.74
C SER B 513 24.03 4.42 -4.40
N VAL B 514 25.18 5.07 -4.28
CA VAL B 514 26.43 4.36 -4.05
C VAL B 514 27.11 4.75 -2.74
N ALA B 515 26.78 5.88 -2.13
CA ALA B 515 27.34 6.21 -0.83
C ALA B 515 26.48 7.27 -0.16
N HIS B 516 26.38 7.17 1.17
CA HIS B 516 25.55 8.08 1.95
C HIS B 516 25.96 9.54 1.76
N MET B 517 27.26 9.83 1.70
CA MET B 517 27.77 11.16 1.44
C MET B 517 28.71 11.04 0.24
N THR B 518 28.19 11.41 -0.93
CA THR B 518 28.89 11.27 -2.20
C THR B 518 29.33 12.64 -2.68
N PHE B 519 30.60 12.78 -3.01
CA PHE B 519 31.13 14.06 -3.47
C PHE B 519 31.57 13.95 -4.92
N GLN B 520 31.18 14.93 -5.72
CA GLN B 520 31.58 15.01 -7.12
C GLN B 520 31.93 16.46 -7.47
N ALA B 521 32.86 16.60 -8.41
CA ALA B 521 33.27 17.89 -8.95
C ALA B 521 32.86 17.96 -10.41
N VAL B 522 32.27 19.08 -10.82
CA VAL B 522 31.74 19.21 -12.17
C VAL B 522 32.16 20.57 -12.76
N LYS B 523 32.82 20.55 -13.91
CA LYS B 523 33.20 21.79 -14.57
C LYS B 523 31.97 22.60 -14.95
N LEU B 524 32.05 23.91 -14.73
CA LEU B 524 30.97 24.80 -15.15
C LEU B 524 30.73 24.72 -16.66
N THR B 525 31.80 24.63 -17.45
CA THR B 525 31.64 24.56 -18.89
C THR B 525 30.99 23.27 -19.36
N ASP B 526 30.97 22.22 -18.52
CA ASP B 526 30.24 21.02 -18.86
C ASP B 526 28.73 21.26 -18.79
N LEU B 527 28.29 22.12 -17.87
CA LEU B 527 26.87 22.49 -17.83
C LEU B 527 26.53 23.47 -18.93
N ILE B 528 27.39 24.47 -19.15
CA ILE B 528 27.12 25.58 -20.05
C ILE B 528 28.27 25.65 -21.04
N LYS B 529 28.05 25.14 -22.25
CA LYS B 529 29.12 25.04 -23.25
C LYS B 529 29.16 26.25 -24.16
N ASP C 9 -17.07 41.51 9.43
CA ASP C 9 -16.50 40.22 9.12
C ASP C 9 -15.89 40.29 7.68
N THR C 10 -15.39 39.17 7.21
CA THR C 10 -14.89 38.96 5.86
C THR C 10 -15.68 37.83 5.19
N VAL C 11 -15.91 38.00 3.91
CA VAL C 11 -16.63 36.98 3.15
C VAL C 11 -15.73 36.54 1.96
N PHE C 12 -15.16 35.26 2.03
CA PHE C 12 -14.29 34.77 0.94
C PHE C 12 -15.16 34.49 -0.26
N ILE C 13 -14.72 34.98 -1.41
CA ILE C 13 -15.42 34.77 -2.68
C ILE C 13 -14.47 34.10 -3.65
N ARG C 14 -14.99 33.17 -4.45
CA ARG C 14 -14.22 32.57 -5.53
C ARG C 14 -15.13 32.39 -6.73
N GLU C 15 -14.85 33.11 -7.81
CA GLU C 15 -15.54 32.93 -9.07
C GLU C 15 -14.92 31.75 -9.83
N THR C 16 -15.76 30.97 -10.49
CA THR C 16 -15.29 29.76 -11.15
C THR C 16 -14.80 30.07 -12.55
N GLN C 17 -13.90 29.23 -13.05
CA GLN C 17 -13.40 29.29 -14.42
C GLN C 17 -13.58 27.88 -14.97
N THR C 18 -14.83 27.55 -15.29
CA THR C 18 -15.24 26.20 -15.66
C THR C 18 -16.28 26.30 -16.76
N PRO C 19 -16.35 25.31 -17.64
CA PRO C 19 -17.38 25.35 -18.69
C PRO C 19 -18.77 25.43 -18.09
N ILE C 20 -19.60 26.31 -18.65
CA ILE C 20 -21.03 26.38 -18.34
C ILE C 20 -21.74 25.45 -19.32
N LEU C 21 -22.21 24.31 -18.84
CA LEU C 21 -22.95 23.40 -19.71
C LEU C 21 -24.34 23.96 -19.94
N ILE C 22 -24.69 24.14 -21.22
CA ILE C 22 -25.99 24.72 -21.55
C ILE C 22 -27.11 23.86 -21.01
N GLU C 23 -27.00 22.54 -21.17
CA GLU C 23 -28.07 21.63 -20.83
C GLU C 23 -28.22 21.40 -19.32
N ARG C 24 -27.30 21.89 -18.51
CA ARG C 24 -27.33 21.62 -17.08
C ARG C 24 -28.34 22.52 -16.37
N GLN C 25 -28.98 21.96 -15.34
CA GLN C 25 -29.90 22.72 -14.51
C GLN C 25 -29.18 23.65 -13.56
N ASP C 26 -27.93 23.34 -13.20
CA ASP C 26 -27.10 24.15 -12.34
C ASP C 26 -25.68 24.19 -12.90
N ASN C 27 -24.98 25.29 -12.62
CA ASN C 27 -23.57 25.45 -12.93
C ASN C 27 -23.01 26.34 -11.83
N VAL C 28 -21.91 25.94 -11.22
CA VAL C 28 -21.35 26.74 -10.13
C VAL C 28 -20.68 27.98 -10.71
N LEU C 29 -21.21 29.16 -10.34
CA LEU C 29 -20.65 30.44 -10.77
C LEU C 29 -19.78 31.09 -9.70
N PHE C 30 -20.22 31.06 -8.43
CA PHE C 30 -19.46 31.60 -7.32
C PHE C 30 -19.50 30.64 -6.14
N TYR C 31 -18.37 30.49 -5.45
CA TYR C 31 -18.31 29.89 -4.12
C TYR C 31 -18.22 31.02 -3.09
N ILE C 32 -18.92 30.87 -1.97
CA ILE C 32 -18.94 31.86 -0.89
C ILE C 32 -18.69 31.17 0.45
N ARG C 33 -17.75 31.71 1.22
CA ARG C 33 -17.43 31.19 2.55
C ARG C 33 -17.50 32.33 3.56
N LEU C 34 -18.24 32.10 4.64
CA LEU C 34 -18.37 33.07 5.74
C LEU C 34 -17.82 32.43 7.01
N ASP C 35 -16.89 33.12 7.66
CA ASP C 35 -16.23 32.57 8.84
C ASP C 35 -16.82 33.03 10.16
N ALA C 36 -17.63 34.09 10.15
CA ALA C 36 -18.18 34.61 11.40
C ALA C 36 -18.94 33.52 12.15
N LYS C 37 -18.53 33.26 13.38
CA LYS C 37 -19.23 32.30 14.24
C LYS C 37 -20.33 32.94 15.07
N ASP C 38 -20.30 34.26 15.22
CA ASP C 38 -21.30 35.01 15.99
C ASP C 38 -22.43 35.55 15.13
N SER C 39 -22.44 35.26 13.83
CA SER C 39 -23.43 35.84 12.94
C SER C 39 -24.73 35.03 12.99
N LYS C 40 -25.81 35.69 12.55
CA LYS C 40 -27.15 35.13 12.65
C LYS C 40 -27.91 35.01 11.34
N LEU C 41 -27.72 35.93 10.39
CA LEU C 41 -28.55 35.92 9.20
C LEU C 41 -27.78 36.39 7.97
N LEU C 42 -27.88 35.60 6.89
CA LEU C 42 -27.51 36.07 5.56
C LEU C 42 -28.75 36.72 4.94
N ASN C 43 -28.71 38.04 4.78
CA ASN C 43 -29.89 38.76 4.28
C ASN C 43 -30.05 38.58 2.76
N GLU C 44 -29.04 38.97 2.00
CA GLU C 44 -29.15 38.95 0.55
C GLU C 44 -27.77 38.82 -0.07
N VAL C 45 -27.76 38.52 -1.37
CA VAL C 45 -26.57 38.59 -2.20
C VAL C 45 -26.95 39.33 -3.47
N VAL C 46 -26.08 40.22 -3.93
CA VAL C 46 -26.37 41.07 -5.08
C VAL C 46 -25.38 40.76 -6.19
N LEU C 47 -25.89 40.48 -7.39
CA LEU C 47 -25.09 40.18 -8.56
C LEU C 47 -25.37 41.20 -9.66
N ASP C 48 -24.42 41.37 -10.56
CA ASP C 48 -24.61 42.21 -11.73
C ASP C 48 -23.99 41.56 -12.96
N PHE C 49 -24.80 41.44 -14.01
CA PHE C 49 -24.33 41.00 -15.32
C PHE C 49 -24.11 42.24 -16.19
N SER C 50 -22.90 42.38 -16.73
CA SER C 50 -22.60 43.52 -17.59
C SER C 50 -23.60 43.59 -18.75
N LYS C 51 -23.66 44.75 -19.39
CA LYS C 51 -24.51 44.90 -20.55
C LYS C 51 -24.01 44.08 -21.74
N SER C 52 -22.73 43.70 -21.74
CA SER C 52 -22.23 42.78 -22.76
C SER C 52 -22.87 41.41 -22.63
N THR C 53 -23.29 41.04 -21.43
CA THR C 53 -23.90 39.74 -21.21
C THR C 53 -25.27 39.67 -21.89
N PRO C 54 -25.49 38.74 -22.84
CA PRO C 54 -26.85 38.52 -23.33
C PRO C 54 -27.76 38.01 -22.22
N LEU C 55 -28.52 38.90 -21.60
CA LEU C 55 -29.31 38.49 -20.44
C LEU C 55 -30.49 37.61 -20.85
N HIS C 56 -30.99 37.78 -22.08
CA HIS C 56 -32.10 36.97 -22.55
C HIS C 56 -31.74 35.49 -22.64
N ASP C 57 -30.49 35.12 -22.42
CA ASP C 57 -30.09 33.72 -22.48
C ASP C 57 -30.07 33.03 -21.11
N ILE C 58 -30.23 33.78 -20.03
CA ILE C 58 -30.18 33.20 -18.69
C ILE C 58 -31.58 32.75 -18.29
N GLN C 59 -31.71 31.47 -17.96
CA GLN C 59 -32.98 30.96 -17.47
C GLN C 59 -33.19 31.30 -16.00
N SER C 60 -32.13 31.24 -15.20
CA SER C 60 -32.31 31.39 -13.75
C SER C 60 -30.96 31.54 -13.07
N VAL C 61 -30.97 32.34 -12.00
CA VAL C 61 -29.86 32.46 -11.07
C VAL C 61 -30.36 32.03 -9.69
N LYS C 62 -29.59 31.19 -9.01
CA LYS C 62 -30.02 30.62 -7.73
C LYS C 62 -28.95 30.82 -6.67
N LEU C 63 -29.40 30.91 -5.42
CA LEU C 63 -28.54 30.91 -4.25
C LEU C 63 -28.78 29.61 -3.48
N TYR C 64 -27.69 28.85 -3.25
CA TYR C 64 -27.75 27.59 -2.53
C TYR C 64 -26.95 27.67 -1.24
N TYR C 65 -27.40 26.94 -0.23
CA TYR C 65 -26.69 26.82 1.04
C TYR C 65 -26.03 25.46 1.14
N GLY C 66 -24.74 25.44 1.49
CA GLY C 66 -23.99 24.19 1.52
C GLY C 66 -23.62 23.71 2.89
N GLY C 67 -24.11 24.39 3.92
CA GLY C 67 -23.87 23.94 5.28
C GLY C 67 -22.56 24.43 5.87
N THR C 68 -21.95 23.65 6.75
CA THR C 68 -20.75 24.07 7.44
C THR C 68 -19.64 23.04 7.21
N GLU C 69 -18.55 23.20 7.95
CA GLU C 69 -17.35 22.38 7.81
C GLU C 69 -16.97 21.75 9.13
N ALA C 70 -16.35 20.56 9.06
CA ALA C 70 -15.85 19.91 10.24
C ALA C 70 -14.82 20.79 10.93
N LEU C 71 -14.86 20.80 12.26
CA LEU C 71 -14.03 21.73 13.02
C LEU C 71 -12.55 21.46 12.83
N GLN C 72 -12.16 20.19 12.66
CA GLN C 72 -10.77 19.85 12.43
C GLN C 72 -10.34 20.02 10.98
N HIS C 73 -11.27 20.31 10.08
CA HIS C 73 -10.98 20.46 8.66
C HIS C 73 -11.01 21.92 8.21
N ARG C 74 -11.30 22.86 9.11
CA ARG C 74 -11.36 24.26 8.75
C ARG C 74 -9.98 24.85 8.45
N ASP C 75 -8.91 24.15 8.82
CA ASP C 75 -7.56 24.64 8.54
C ASP C 75 -7.37 24.90 7.06
N LYS C 76 -7.89 24.03 6.21
CA LYS C 76 -7.46 23.96 4.82
C LYS C 76 -8.10 25.00 3.92
N LYS C 77 -9.00 25.82 4.45
CA LYS C 77 -9.55 26.98 3.75
C LYS C 77 -10.01 26.62 2.33
N ARG C 78 -10.85 25.59 2.24
CA ARG C 78 -11.51 25.34 0.98
C ARG C 78 -12.66 26.33 0.82
N MET C 79 -13.43 26.15 -0.25
CA MET C 79 -14.54 27.04 -0.53
C MET C 79 -15.87 26.30 -0.54
N ALA C 80 -15.87 24.99 -0.29
CA ALA C 80 -17.11 24.22 -0.21
C ALA C 80 -16.80 22.93 0.53
N PRO C 81 -17.80 22.32 1.18
CA PRO C 81 -17.53 21.09 1.93
C PRO C 81 -17.53 19.85 1.06
N VAL C 82 -18.04 19.93 -0.16
CA VAL C 82 -18.26 18.77 -1.00
C VAL C 82 -18.46 19.27 -2.44
N GLU C 83 -18.28 18.37 -3.40
CA GLU C 83 -18.58 18.68 -4.80
C GLU C 83 -20.08 18.74 -4.99
N TYR C 84 -20.59 19.93 -5.36
CA TYR C 84 -22.04 20.13 -5.40
C TYR C 84 -22.69 19.51 -6.63
N ILE C 85 -21.99 19.48 -7.76
CA ILE C 85 -22.52 18.95 -9.01
C ILE C 85 -21.46 18.01 -9.56
N SER C 86 -21.87 16.78 -9.87
CA SER C 86 -20.92 15.75 -10.30
C SER C 86 -20.82 15.71 -11.81
N GLY C 87 -19.59 15.63 -12.30
CA GLY C 87 -19.34 15.38 -13.71
C GLY C 87 -19.11 13.93 -14.04
N PHE C 88 -19.21 13.03 -13.06
CA PHE C 88 -18.75 11.65 -13.24
C PHE C 88 -19.70 10.59 -12.70
N HIS C 89 -20.69 10.92 -11.88
CA HIS C 89 -21.64 9.91 -11.41
C HIS C 89 -22.65 9.59 -12.51
N PRO C 90 -22.63 8.38 -13.06
CA PRO C 90 -23.51 8.09 -14.20
C PRO C 90 -24.97 8.41 -13.90
N GLY C 91 -25.60 9.14 -14.83
CA GLY C 91 -27.02 9.42 -14.79
C GLY C 91 -27.44 10.62 -13.98
N THR C 92 -26.52 11.33 -13.32
CA THR C 92 -26.92 12.42 -12.44
C THR C 92 -26.01 13.64 -12.55
N THR C 93 -25.39 13.86 -13.69
CA THR C 93 -24.43 14.95 -13.84
C THR C 93 -25.06 16.28 -14.23
N LEU C 94 -26.38 16.30 -14.52
CA LEU C 94 -27.01 17.49 -15.07
C LEU C 94 -27.73 18.34 -14.03
N SER C 95 -27.76 17.91 -12.77
CA SER C 95 -28.38 18.67 -11.71
C SER C 95 -27.52 18.60 -10.46
N ALA C 96 -27.63 19.61 -9.61
CA ALA C 96 -26.93 19.61 -8.33
C ALA C 96 -27.55 18.57 -7.42
N ASN C 97 -26.69 17.83 -6.71
CA ASN C 97 -27.16 16.86 -5.73
C ASN C 97 -27.99 17.60 -4.68
N PRO C 98 -29.30 17.35 -4.61
CA PRO C 98 -30.13 18.13 -3.69
C PRO C 98 -29.86 17.86 -2.22
N SER C 99 -29.17 16.76 -1.90
CA SER C 99 -28.82 16.49 -0.51
C SER C 99 -27.62 17.29 -0.04
N TYR C 100 -26.83 17.85 -0.97
CA TYR C 100 -25.66 18.64 -0.59
C TYR C 100 -25.94 20.15 -0.56
N SER C 101 -27.06 20.61 -1.13
CA SER C 101 -27.33 22.04 -1.19
C SER C 101 -28.81 22.30 -0.93
N VAL C 102 -29.09 23.35 -0.17
CA VAL C 102 -30.46 23.81 0.06
C VAL C 102 -30.65 25.14 -0.66
N LYS C 103 -31.63 25.18 -1.56
CA LYS C 103 -31.91 26.39 -2.33
C LYS C 103 -32.49 27.47 -1.44
N CYS C 104 -31.83 28.62 -1.37
CA CYS C 104 -32.31 29.75 -0.56
C CYS C 104 -33.05 30.80 -1.38
N ALA C 105 -32.69 31.00 -2.65
CA ALA C 105 -33.25 32.10 -3.41
C ALA C 105 -33.09 31.79 -4.89
N GLU C 106 -33.96 32.42 -5.70
CA GLU C 106 -33.98 32.18 -7.12
C GLU C 106 -34.60 33.38 -7.82
N VAL C 107 -33.90 33.90 -8.83
CA VAL C 107 -34.42 34.92 -9.72
C VAL C 107 -34.46 34.34 -11.12
N VAL C 108 -35.66 34.21 -11.65
CA VAL C 108 -35.88 33.73 -13.01
C VAL C 108 -35.79 34.92 -13.96
N ARG C 109 -35.26 34.68 -15.16
CA ARG C 109 -35.11 35.69 -16.19
C ARG C 109 -34.54 36.97 -15.58
N PRO C 110 -33.28 36.95 -15.14
CA PRO C 110 -32.73 38.10 -14.44
C PRO C 110 -32.53 39.32 -15.34
N SER C 111 -32.49 40.48 -14.70
CA SER C 111 -32.02 41.72 -15.31
C SER C 111 -30.56 41.92 -14.92
N ASN C 112 -30.02 43.09 -15.23
CA ASN C 112 -28.60 43.33 -14.96
C ASN C 112 -28.30 43.20 -13.46
N LYS C 113 -29.07 43.87 -12.62
CA LYS C 113 -28.93 43.73 -11.18
C LYS C 113 -29.84 42.61 -10.70
N VAL C 114 -29.29 41.70 -9.91
CA VAL C 114 -30.01 40.55 -9.37
C VAL C 114 -29.85 40.59 -7.86
N VAL C 115 -30.97 40.59 -7.15
CA VAL C 115 -30.97 40.57 -5.70
C VAL C 115 -31.53 39.22 -5.25
N LEU C 116 -30.68 38.41 -4.63
CA LEU C 116 -31.06 37.09 -4.12
C LEU C 116 -31.38 37.26 -2.63
N LYS C 117 -32.65 37.52 -2.33
CA LYS C 117 -33.10 37.74 -0.97
C LYS C 117 -33.33 36.40 -0.29
N SER C 118 -32.66 36.17 0.82
CA SER C 118 -32.72 34.88 1.49
C SER C 118 -33.14 34.96 2.94
N ASN C 119 -32.64 35.94 3.69
CA ASN C 119 -32.80 35.98 5.14
C ASN C 119 -32.68 34.56 5.71
N TYR C 120 -31.53 33.95 5.43
CA TYR C 120 -31.28 32.56 5.77
C TYR C 120 -30.46 32.47 7.05
N LYS C 121 -30.89 31.64 7.98
CA LYS C 121 -30.27 31.58 9.30
C LYS C 121 -28.96 30.84 9.23
N LEU C 122 -27.94 31.37 9.92
CA LEU C 122 -26.58 30.89 9.78
C LEU C 122 -26.15 30.02 10.96
N PHE C 123 -25.19 29.17 10.71
CA PHE C 123 -24.57 28.26 11.68
C PHE C 123 -23.55 29.02 12.51
N PRO C 124 -23.40 28.70 13.80
CA PRO C 124 -22.35 29.36 14.61
C PRO C 124 -20.97 28.80 14.29
N GLY C 125 -20.47 29.22 13.14
CA GLY C 125 -19.20 28.72 12.59
C GLY C 125 -19.14 29.03 11.11
N VAL C 126 -18.44 28.16 10.37
CA VAL C 126 -18.34 28.33 8.93
C VAL C 126 -19.69 28.09 8.29
N ASN C 127 -20.02 28.92 7.30
CA ASN C 127 -21.20 28.76 6.46
C ASN C 127 -20.77 28.81 5.01
N PHE C 128 -21.18 27.81 4.22
CA PHE C 128 -20.91 27.78 2.79
C PHE C 128 -22.18 28.16 2.02
N PHE C 129 -22.02 29.01 1.01
CA PHE C 129 -23.06 29.25 0.02
C PHE C 129 -22.44 29.16 -1.37
N TRP C 130 -23.29 29.02 -2.39
CA TRP C 130 -22.83 29.18 -3.75
C TRP C 130 -23.97 29.66 -4.64
N ILE C 131 -23.59 30.23 -5.79
CA ILE C 131 -24.52 30.78 -6.76
C ILE C 131 -24.53 29.88 -7.97
N SER C 132 -25.72 29.47 -8.39
CA SER C 132 -25.90 28.60 -9.55
C SER C 132 -26.42 29.43 -10.72
N LEU C 133 -25.93 29.10 -11.92
CA LEU C 133 -26.35 29.74 -13.16
C LEU C 133 -26.95 28.69 -14.08
N GLN C 134 -28.17 28.95 -14.56
CA GLN C 134 -28.86 28.05 -15.48
C GLN C 134 -29.20 28.83 -16.75
N MET C 135 -28.78 28.30 -17.89
CA MET C 135 -29.03 28.93 -19.18
C MET C 135 -30.28 28.34 -19.83
N LYS C 136 -30.82 29.07 -20.79
CA LYS C 136 -31.98 28.60 -21.54
C LYS C 136 -31.56 27.56 -22.57
N LYS C 137 -32.54 26.79 -23.06
CA LYS C 137 -32.24 25.60 -23.85
C LYS C 137 -31.55 25.96 -25.16
N GLY C 138 -32.02 27.00 -25.84
CA GLY C 138 -31.47 27.37 -27.13
C GLY C 138 -30.22 28.21 -27.09
N THR C 139 -29.59 28.36 -25.93
CA THR C 139 -28.44 29.24 -25.81
C THR C 139 -27.34 28.82 -26.79
N SER C 140 -26.62 29.81 -27.29
CA SER C 140 -25.57 29.61 -28.27
C SER C 140 -24.26 29.30 -27.60
N LEU C 141 -23.41 28.54 -28.30
CA LEU C 141 -22.07 28.23 -27.81
C LEU C 141 -21.19 29.46 -27.70
N TYR C 142 -21.62 30.60 -28.23
CA TYR C 142 -20.81 31.81 -28.24
C TYR C 142 -21.22 32.82 -27.18
N THR C 143 -22.29 32.55 -26.46
CA THR C 143 -22.70 33.42 -25.37
C THR C 143 -21.58 33.53 -24.34
N ARG C 144 -21.31 34.75 -23.91
CA ARG C 144 -20.37 35.03 -22.83
C ARG C 144 -21.12 35.63 -21.66
N ILE C 145 -20.75 35.23 -20.45
CA ILE C 145 -21.37 35.73 -19.23
C ILE C 145 -20.28 36.41 -18.40
N ASN C 146 -20.47 37.69 -18.13
CA ASN C 146 -19.63 38.41 -17.18
C ASN C 146 -20.46 38.74 -15.95
N SER C 147 -19.92 38.48 -14.77
CA SER C 147 -20.70 38.56 -13.54
C SER C 147 -19.87 39.17 -12.43
N GLU C 148 -20.46 40.14 -11.74
CA GLU C 148 -19.81 40.88 -10.68
C GLU C 148 -20.60 40.65 -9.39
N LEU C 149 -19.91 40.20 -8.35
CA LEU C 149 -20.53 40.01 -7.04
C LEU C 149 -20.47 41.35 -6.32
N CYS C 150 -21.62 42.04 -6.25
CA CYS C 150 -21.65 43.40 -5.72
C CYS C 150 -21.59 43.41 -4.20
N ALA C 151 -22.43 42.60 -3.54
CA ALA C 151 -22.51 42.67 -2.10
C ALA C 151 -23.01 41.36 -1.49
N VAL C 152 -22.51 41.07 -0.31
CA VAL C 152 -23.02 40.03 0.57
C VAL C 152 -23.38 40.69 1.89
N LYS C 153 -24.67 40.68 2.23
CA LYS C 153 -25.17 41.37 3.40
C LYS C 153 -25.51 40.37 4.50
N VAL C 154 -24.87 40.52 5.64
CA VAL C 154 -25.09 39.66 6.80
C VAL C 154 -25.49 40.56 7.97
N ASP C 155 -26.63 40.27 8.58
CA ASP C 155 -27.08 40.99 9.77
C ASP C 155 -27.14 42.49 9.51
N GLY C 156 -27.59 42.88 8.32
CA GLY C 156 -27.75 44.26 7.96
C GLY C 156 -26.51 44.98 7.51
N LYS C 157 -25.34 44.33 7.59
CA LYS C 157 -24.07 44.94 7.21
C LYS C 157 -23.58 44.33 5.90
N VAL C 158 -23.18 45.18 4.97
CA VAL C 158 -22.44 44.73 3.78
C VAL C 158 -21.00 44.44 4.21
N LEU C 159 -20.56 43.21 3.97
CA LEU C 159 -19.27 42.77 4.46
C LEU C 159 -18.16 43.05 3.44
N ASP C 160 -16.92 42.91 3.91
CA ASP C 160 -15.75 43.05 3.05
C ASP C 160 -15.54 41.77 2.26
N CYS C 161 -15.57 41.86 0.94
CA CYS C 161 -15.36 40.70 0.08
C CYS C 161 -13.89 40.56 -0.24
N LYS C 162 -13.34 39.37 -0.01
CA LYS C 162 -11.97 39.03 -0.36
C LYS C 162 -12.04 37.97 -1.46
N TYR C 163 -11.59 38.33 -2.66
CA TYR C 163 -11.68 37.44 -3.81
C TYR C 163 -10.41 36.62 -3.97
N LEU C 164 -10.61 35.33 -4.23
CA LEU C 164 -9.53 34.37 -4.44
C LEU C 164 -9.29 34.09 -5.91
N SER C 165 -10.03 34.74 -6.79
CA SER C 165 -10.03 34.53 -8.22
C SER C 165 -9.88 35.88 -8.91
N PRO C 166 -9.37 35.88 -10.13
CA PRO C 166 -9.05 37.15 -10.79
C PRO C 166 -10.31 37.90 -11.22
N LYS C 167 -10.08 39.16 -11.58
CA LYS C 167 -11.12 40.03 -12.12
C LYS C 167 -11.31 39.75 -13.61
N ASN C 168 -12.46 40.16 -14.13
CA ASN C 168 -12.75 40.11 -15.56
C ASN C 168 -12.80 38.68 -16.09
N ILE C 169 -13.27 37.74 -15.28
CA ILE C 169 -13.56 36.41 -15.79
C ILE C 169 -14.74 36.50 -16.74
N SER C 170 -14.61 35.88 -17.90
CA SER C 170 -15.72 35.72 -18.84
C SER C 170 -16.07 34.24 -18.90
N HIS C 171 -17.29 33.90 -18.50
CA HIS C 171 -17.73 32.51 -18.43
C HIS C 171 -18.23 32.07 -19.80
N ARG C 172 -17.81 30.88 -20.22
CA ARG C 172 -17.99 30.39 -21.58
C ARG C 172 -18.91 29.17 -21.57
N MET C 173 -19.74 29.07 -22.60
CA MET C 173 -20.65 27.96 -22.70
C MET C 173 -19.91 26.70 -23.17
N ALA C 174 -20.59 25.57 -23.02
CA ALA C 174 -20.10 24.28 -23.49
C ALA C 174 -21.32 23.39 -23.68
N ILE C 175 -21.16 22.33 -24.46
CA ILE C 175 -22.17 21.30 -24.60
C ILE C 175 -21.56 19.93 -24.28
N GLY C 176 -22.26 19.14 -23.48
CA GLY C 176 -21.86 17.78 -23.23
C GLY C 176 -22.29 16.84 -24.35
N VAL C 177 -21.39 16.58 -25.29
CA VAL C 177 -21.72 15.66 -26.38
C VAL C 177 -22.03 14.29 -25.84
N ARG C 178 -21.25 13.83 -24.86
CA ARG C 178 -21.50 12.58 -24.16
C ARG C 178 -21.40 12.85 -22.68
N HIS C 179 -22.31 12.28 -21.89
CA HIS C 179 -22.27 12.39 -20.45
C HIS C 179 -22.21 10.99 -19.85
N ALA C 180 -21.56 10.89 -18.70
CA ALA C 180 -21.51 9.61 -17.97
C ALA C 180 -22.90 8.99 -17.88
N GLY C 181 -23.01 7.74 -18.33
CA GLY C 181 -24.25 7.00 -18.29
C GLY C 181 -25.09 7.09 -19.55
N ASP C 182 -24.74 7.96 -20.49
CA ASP C 182 -25.52 8.09 -21.72
C ASP C 182 -25.52 6.78 -22.49
N ASP C 183 -26.68 6.46 -23.06
CA ASP C 183 -26.83 5.29 -23.92
C ASP C 183 -26.26 4.03 -23.27
N GLY C 184 -26.44 3.94 -21.95
CA GLY C 184 -26.11 2.76 -21.20
C GLY C 184 -24.64 2.58 -20.86
N SER C 185 -23.79 3.55 -21.17
CA SER C 185 -22.35 3.40 -21.00
C SER C 185 -21.92 4.14 -19.76
N ALA C 186 -21.17 3.45 -18.89
CA ALA C 186 -20.66 4.12 -17.70
C ALA C 186 -19.80 5.34 -18.06
N ALA C 187 -19.04 5.26 -19.15
CA ALA C 187 -18.11 6.34 -19.44
C ALA C 187 -17.78 6.47 -20.91
N PHE C 188 -17.18 7.62 -21.21
CA PHE C 188 -16.69 7.99 -22.54
C PHE C 188 -15.32 8.67 -22.36
N ARG C 189 -14.33 8.26 -23.14
CA ARG C 189 -12.96 8.71 -22.96
C ARG C 189 -12.25 8.83 -24.29
N ILE C 190 -11.11 9.53 -24.27
CA ILE C 190 -10.14 9.57 -25.37
C ILE C 190 -10.76 10.24 -26.59
N PRO C 191 -10.82 11.57 -26.63
CA PRO C 191 -11.54 12.22 -27.73
C PRO C 191 -10.68 12.50 -28.95
N GLY C 192 -11.29 12.37 -30.11
CA GLY C 192 -10.72 12.87 -31.35
C GLY C 192 -11.74 13.71 -32.09
N LEU C 193 -11.24 14.67 -32.89
CA LEU C 193 -12.15 15.63 -33.51
C LEU C 193 -11.56 16.19 -34.80
N VAL C 194 -12.38 16.23 -35.86
CA VAL C 194 -12.00 16.82 -37.13
C VAL C 194 -13.17 17.56 -37.76
N THR C 195 -12.83 18.40 -38.74
CA THR C 195 -13.78 19.13 -39.57
C THR C 195 -13.64 18.61 -40.99
N THR C 196 -14.73 18.08 -41.55
CA THR C 196 -14.66 17.62 -42.92
C THR C 196 -14.56 18.81 -43.88
N ASN C 197 -14.39 18.51 -45.16
CA ASN C 197 -14.36 19.55 -46.20
C ASN C 197 -15.70 20.26 -46.34
N LYS C 198 -16.78 19.66 -45.84
CA LYS C 198 -18.10 20.27 -45.89
C LYS C 198 -18.41 21.07 -44.63
N GLY C 199 -17.46 21.19 -43.71
CA GLY C 199 -17.70 21.86 -42.45
C GLY C 199 -18.35 20.99 -41.39
N THR C 200 -18.57 19.71 -41.67
CA THR C 200 -19.12 18.80 -40.69
C THR C 200 -18.10 18.48 -39.60
N LEU C 201 -18.57 18.47 -38.35
CA LEU C 201 -17.74 18.10 -37.22
C LEU C 201 -17.95 16.63 -36.91
N LEU C 202 -16.85 15.89 -36.75
CA LEU C 202 -16.88 14.48 -36.39
C LEU C 202 -16.02 14.27 -35.14
N GLY C 203 -16.65 13.84 -34.05
CA GLY C 203 -15.97 13.58 -32.78
C GLY C 203 -16.08 12.10 -32.46
N VAL C 204 -14.92 11.51 -32.14
CA VAL C 204 -14.83 10.09 -31.83
C VAL C 204 -14.36 9.93 -30.39
N TYR C 205 -14.54 8.71 -29.86
CA TYR C 205 -14.20 8.45 -28.46
C TYR C 205 -14.41 6.97 -28.14
N ASP C 206 -13.81 6.54 -27.03
CA ASP C 206 -14.14 5.25 -26.43
C ASP C 206 -15.53 5.32 -25.82
N VAL C 207 -16.33 4.30 -26.07
CA VAL C 207 -17.55 4.06 -25.30
C VAL C 207 -17.21 2.93 -24.34
N ARG C 208 -16.98 3.27 -23.07
CA ARG C 208 -16.52 2.32 -22.06
C ARG C 208 -17.72 1.93 -21.20
N TYR C 209 -18.37 0.83 -21.61
CA TYR C 209 -19.71 0.53 -21.11
C TYR C 209 -19.72 0.24 -19.62
N ASN C 210 -18.78 -0.57 -19.13
CA ASN C 210 -18.83 -1.08 -17.77
C ASN C 210 -18.22 -0.15 -16.73
N SER C 211 -17.17 0.58 -17.09
CA SER C 211 -16.46 1.44 -16.16
C SER C 211 -15.53 2.30 -16.99
N SER C 212 -14.73 3.13 -16.32
CA SER C 212 -13.80 4.00 -17.01
C SER C 212 -12.45 3.36 -17.29
N VAL C 213 -12.26 2.08 -16.95
CA VAL C 213 -10.93 1.49 -17.04
C VAL C 213 -10.53 1.26 -18.49
N ASP C 214 -9.21 1.27 -18.73
CA ASP C 214 -8.68 1.09 -20.08
C ASP C 214 -8.88 -0.35 -20.56
N LEU C 215 -8.59 -0.56 -21.85
CA LEU C 215 -8.57 -1.92 -22.38
C LEU C 215 -7.64 -2.77 -21.52
N GLN C 216 -7.99 -4.05 -21.35
CA GLN C 216 -9.13 -4.69 -21.99
C GLN C 216 -10.43 -4.56 -21.23
N GLU C 217 -11.52 -4.39 -21.97
CA GLU C 217 -12.87 -4.34 -21.42
C GLU C 217 -13.89 -4.25 -22.55
N TYR C 218 -15.19 -4.16 -22.24
CA TYR C 218 -16.23 -3.95 -23.23
C TYR C 218 -16.19 -2.50 -23.68
N VAL C 219 -15.53 -2.26 -24.81
CA VAL C 219 -15.31 -0.91 -25.31
C VAL C 219 -15.59 -0.89 -26.81
N ASP C 220 -16.35 0.10 -27.27
CA ASP C 220 -16.57 0.38 -28.67
C ASP C 220 -15.99 1.75 -28.99
N VAL C 221 -15.79 2.01 -30.28
CA VAL C 221 -15.47 3.36 -30.76
C VAL C 221 -16.77 4.00 -31.23
N GLY C 222 -17.15 5.11 -30.61
CA GLY C 222 -18.33 5.85 -30.98
C GLY C 222 -18.00 7.15 -31.71
N LEU C 223 -19.05 7.74 -32.30
CA LEU C 223 -18.88 8.96 -33.08
C LEU C 223 -20.12 9.84 -33.02
N SER C 224 -19.90 11.13 -32.78
CA SER C 224 -20.93 12.15 -32.81
C SER C 224 -20.68 13.11 -33.96
N ARG C 225 -21.73 13.43 -34.71
CA ARG C 225 -21.62 14.19 -35.95
C ARG C 225 -22.54 15.40 -35.90
N SER C 226 -21.98 16.57 -36.19
CA SER C 226 -22.71 17.83 -36.14
C SER C 226 -22.57 18.60 -37.45
N THR C 227 -23.69 19.11 -37.94
CA THR C 227 -23.72 19.88 -39.18
C THR C 227 -24.02 21.35 -38.94
N ASP C 228 -24.00 21.79 -37.68
CA ASP C 228 -24.27 23.19 -37.33
C ASP C 228 -23.15 23.75 -36.46
N GLY C 229 -21.92 23.31 -36.71
CA GLY C 229 -20.79 23.86 -35.99
C GLY C 229 -20.69 23.43 -34.54
N GLY C 230 -21.34 22.33 -34.17
CA GLY C 230 -21.28 21.83 -32.82
C GLY C 230 -22.40 22.27 -31.90
N GLU C 231 -23.38 23.03 -32.42
CA GLU C 231 -24.52 23.43 -31.58
C GLU C 231 -25.39 22.23 -31.26
N THR C 232 -25.55 21.31 -32.21
CA THR C 232 -26.31 20.09 -32.00
C THR C 232 -25.54 18.93 -32.63
N TRP C 233 -25.79 17.72 -32.13
CA TRP C 233 -25.05 16.54 -32.52
C TRP C 233 -26.01 15.39 -32.81
N GLU C 234 -25.74 14.64 -33.87
CA GLU C 234 -26.60 13.54 -34.23
C GLU C 234 -26.38 12.34 -33.31
N LYS C 235 -27.36 11.44 -33.34
CA LYS C 235 -27.31 10.23 -32.54
C LYS C 235 -26.00 9.47 -32.74
N MET C 236 -25.46 8.97 -31.63
CA MET C 236 -24.15 8.33 -31.65
C MET C 236 -24.13 7.16 -32.62
N ARG C 237 -23.05 7.09 -33.40
CA ARG C 237 -22.76 5.96 -34.27
C ARG C 237 -21.61 5.15 -33.70
N LEU C 238 -21.46 3.92 -34.19
CA LEU C 238 -20.42 2.99 -33.72
C LEU C 238 -19.57 2.56 -34.90
N PRO C 239 -18.60 3.38 -35.31
CA PRO C 239 -17.76 3.00 -36.46
C PRO C 239 -16.92 1.75 -36.23
N LEU C 240 -16.65 1.35 -34.98
CA LEU C 240 -15.91 0.13 -34.71
C LEU C 240 -16.46 -0.57 -33.48
N SER C 241 -16.81 -1.85 -33.65
CA SER C 241 -17.25 -2.68 -32.54
C SER C 241 -17.11 -4.13 -33.00
N PHE C 242 -16.75 -5.02 -32.09
CA PHE C 242 -16.48 -6.40 -32.45
C PHE C 242 -17.33 -7.41 -31.69
N GLY C 243 -18.23 -6.95 -30.82
CA GLY C 243 -19.16 -7.86 -30.19
C GLY C 243 -18.46 -9.10 -29.65
N GLU C 244 -19.05 -10.26 -29.93
CA GLU C 244 -18.56 -11.54 -29.43
C GLU C 244 -17.73 -12.26 -30.48
N TYR C 245 -16.79 -11.54 -31.09
CA TYR C 245 -15.93 -12.10 -32.13
C TYR C 245 -15.20 -13.33 -31.61
N GLY C 246 -15.20 -14.39 -32.41
CA GLY C 246 -14.56 -15.63 -32.03
C GLY C 246 -15.25 -16.38 -30.93
N GLY C 247 -16.45 -15.96 -30.53
CA GLY C 247 -17.13 -16.58 -29.43
C GLY C 247 -16.72 -16.07 -28.06
N LEU C 248 -15.84 -15.08 -27.99
CA LEU C 248 -15.46 -14.57 -26.69
C LEU C 248 -16.43 -13.49 -26.22
N PRO C 249 -16.55 -13.32 -24.90
CA PRO C 249 -17.41 -12.26 -24.38
C PRO C 249 -17.08 -10.90 -24.99
N LYS C 250 -18.07 -10.02 -24.99
CA LYS C 250 -17.85 -8.67 -25.53
C LYS C 250 -16.73 -7.96 -24.79
N ALA C 251 -16.62 -8.19 -23.47
CA ALA C 251 -15.60 -7.53 -22.67
C ALA C 251 -14.20 -8.04 -22.98
N GLN C 252 -14.09 -9.09 -23.79
CA GLN C 252 -12.79 -9.56 -24.26
C GLN C 252 -12.69 -9.29 -25.75
N ASN C 253 -13.14 -8.10 -26.16
CA ASN C 253 -13.19 -7.75 -27.59
C ASN C 253 -13.21 -6.24 -27.77
N GLY C 254 -12.71 -5.46 -26.80
CA GLY C 254 -12.78 -4.03 -26.90
C GLY C 254 -11.92 -3.48 -28.02
N VAL C 255 -12.31 -2.29 -28.47
CA VAL C 255 -11.54 -1.50 -29.44
C VAL C 255 -11.60 -0.05 -28.99
N GLY C 256 -10.46 0.65 -29.01
CA GLY C 256 -10.43 1.98 -28.45
C GLY C 256 -9.17 2.76 -28.80
N ASP C 257 -9.01 3.89 -28.08
CA ASP C 257 -7.97 4.89 -28.29
C ASP C 257 -8.01 5.42 -29.72
N PRO C 258 -9.16 5.89 -30.18
CA PRO C 258 -9.31 6.21 -31.61
C PRO C 258 -8.49 7.43 -32.02
N SER C 259 -8.05 7.40 -33.28
CA SER C 259 -7.50 8.56 -33.97
C SER C 259 -8.26 8.71 -35.29
N ILE C 260 -8.63 9.94 -35.63
CA ILE C 260 -9.46 10.23 -36.79
C ILE C 260 -8.76 11.26 -37.67
N LEU C 261 -8.91 11.12 -38.99
CA LEU C 261 -8.39 12.15 -39.88
C LEU C 261 -9.26 12.31 -41.12
N VAL C 262 -9.14 13.49 -41.71
CA VAL C 262 -9.83 13.83 -42.95
C VAL C 262 -8.80 13.85 -44.07
N ASP C 263 -8.96 12.99 -45.07
CA ASP C 263 -8.19 13.09 -46.31
C ASP C 263 -8.71 14.32 -47.05
N THR C 264 -8.02 15.46 -46.90
CA THR C 264 -8.50 16.70 -47.51
C THR C 264 -8.56 16.62 -49.03
N LYS C 265 -7.84 15.68 -49.65
CA LYS C 265 -7.86 15.56 -51.09
C LYS C 265 -9.20 15.08 -51.59
N THR C 266 -9.91 14.26 -50.79
CA THR C 266 -11.12 13.58 -51.25
C THR C 266 -12.30 13.67 -50.28
N ASN C 267 -12.12 14.18 -49.07
CA ASN C 267 -13.08 14.18 -47.98
C ASN C 267 -13.41 12.79 -47.47
N THR C 268 -12.63 11.78 -47.84
CA THR C 268 -12.74 10.49 -47.17
C THR C 268 -12.24 10.63 -45.74
N VAL C 269 -12.99 10.09 -44.79
CA VAL C 269 -12.65 10.18 -43.37
C VAL C 269 -12.17 8.81 -42.90
N TRP C 270 -11.09 8.82 -42.11
CA TRP C 270 -10.46 7.60 -41.64
C TRP C 270 -10.41 7.60 -40.11
N ILE C 271 -10.73 6.45 -39.53
CA ILE C 271 -10.59 6.20 -38.10
C ILE C 271 -9.74 4.95 -37.91
N VAL C 272 -8.70 5.05 -37.08
CA VAL C 272 -7.88 3.92 -36.71
C VAL C 272 -8.00 3.70 -35.21
N ALA C 273 -7.97 2.44 -34.79
CA ALA C 273 -8.14 2.11 -33.39
C ALA C 273 -7.48 0.77 -33.09
N ALA C 274 -7.31 0.51 -31.80
CA ALA C 274 -6.65 -0.70 -31.32
C ALA C 274 -7.70 -1.67 -30.81
N TRP C 275 -7.75 -2.87 -31.39
CA TRP C 275 -8.68 -3.92 -31.00
C TRP C 275 -7.93 -4.99 -30.21
N THR C 276 -8.39 -5.25 -28.98
CA THR C 276 -7.80 -6.25 -28.11
C THR C 276 -8.77 -7.41 -27.95
N HIS C 277 -8.27 -8.62 -28.23
CA HIS C 277 -9.03 -9.86 -28.23
C HIS C 277 -8.50 -10.75 -27.10
N GLY C 278 -9.42 -11.31 -26.30
CA GLY C 278 -9.01 -12.15 -25.18
C GLY C 278 -8.48 -11.34 -24.02
N MET C 279 -7.33 -11.73 -23.50
CA MET C 279 -6.59 -11.00 -22.46
C MET C 279 -7.31 -10.93 -21.12
N GLY C 280 -8.35 -11.74 -20.91
CA GLY C 280 -9.06 -11.71 -19.66
C GLY C 280 -9.67 -10.35 -19.40
N ASN C 281 -9.55 -9.91 -18.13
CA ASN C 281 -9.98 -8.58 -17.71
C ASN C 281 -8.79 -7.71 -17.29
N GLN C 282 -7.62 -7.96 -17.86
CA GLN C 282 -6.40 -7.24 -17.53
C GLN C 282 -6.17 -6.09 -18.51
N ARG C 283 -5.23 -5.22 -18.15
CA ARG C 283 -4.92 -4.09 -18.99
C ARG C 283 -4.12 -4.50 -20.22
N ALA C 284 -4.50 -3.96 -21.38
CA ALA C 284 -3.79 -4.28 -22.60
C ALA C 284 -2.34 -3.79 -22.55
N TRP C 285 -2.07 -2.74 -21.78
CA TRP C 285 -0.70 -2.26 -21.67
C TRP C 285 0.26 -3.35 -21.22
N TRP C 286 -0.19 -4.30 -20.39
CA TRP C 286 0.64 -5.43 -19.99
C TRP C 286 0.28 -6.73 -20.71
N SER C 287 -0.92 -6.84 -21.28
CA SER C 287 -1.40 -8.13 -21.76
C SER C 287 -1.16 -8.35 -23.25
N SER C 288 -1.05 -7.29 -24.04
CA SER C 288 -0.63 -7.43 -25.44
C SER C 288 0.81 -7.91 -25.51
N HIS C 289 1.06 -8.94 -26.28
CA HIS C 289 2.37 -9.58 -26.31
C HIS C 289 2.94 -9.67 -27.71
N PRO C 290 4.24 -10.04 -27.82
CA PRO C 290 4.84 -10.22 -29.15
C PRO C 290 4.07 -11.20 -30.00
N GLY C 291 4.22 -11.10 -31.32
CA GLY C 291 3.44 -11.85 -32.28
C GLY C 291 2.74 -10.92 -33.24
N MET C 292 1.81 -11.49 -34.01
CA MET C 292 1.10 -10.70 -34.99
C MET C 292 -0.41 -10.93 -35.00
N ASP C 293 -0.87 -12.12 -34.61
CA ASP C 293 -2.29 -12.42 -34.71
C ASP C 293 -3.03 -12.00 -33.45
N MET C 294 -4.36 -12.02 -33.54
CA MET C 294 -5.19 -11.46 -32.47
C MET C 294 -5.07 -12.24 -31.19
N ASN C 295 -4.72 -13.52 -31.26
CA ASN C 295 -4.60 -14.30 -30.04
C ASN C 295 -3.35 -13.96 -29.25
N HIS C 296 -2.47 -13.11 -29.78
CA HIS C 296 -1.26 -12.73 -29.09
C HIS C 296 -1.13 -11.25 -28.83
N THR C 297 -1.62 -10.39 -29.72
CA THR C 297 -1.26 -8.99 -29.71
C THR C 297 -2.42 -8.14 -30.21
N ALA C 298 -2.49 -6.90 -29.72
CA ALA C 298 -3.52 -5.97 -30.15
C ALA C 298 -3.44 -5.76 -31.65
N GLN C 299 -4.61 -5.62 -32.28
CA GLN C 299 -4.71 -5.44 -33.72
C GLN C 299 -5.02 -3.99 -34.07
N LEU C 300 -4.36 -3.49 -35.11
CA LEU C 300 -4.53 -2.12 -35.59
C LEU C 300 -5.59 -2.12 -36.70
N MET C 301 -6.75 -1.55 -36.41
CA MET C 301 -7.93 -1.66 -37.26
C MET C 301 -8.36 -0.31 -37.80
N MET C 302 -8.86 -0.30 -39.02
CA MET C 302 -9.16 0.94 -39.71
C MET C 302 -10.52 0.83 -40.40
N VAL C 303 -11.29 1.90 -40.31
CA VAL C 303 -12.54 2.05 -41.05
C VAL C 303 -12.50 3.39 -41.78
N LYS C 304 -13.26 3.48 -42.87
CA LYS C 304 -13.35 4.70 -43.65
C LYS C 304 -14.80 5.03 -43.94
N SER C 305 -15.05 6.31 -44.20
CA SER C 305 -16.36 6.78 -44.64
C SER C 305 -16.19 7.71 -45.84
N THR C 306 -17.05 7.52 -46.85
CA THR C 306 -17.04 8.36 -48.03
C THR C 306 -18.32 9.16 -48.21
N ASP C 307 -19.19 9.19 -47.19
CA ASP C 307 -20.40 10.00 -47.20
C ASP C 307 -20.39 10.97 -46.03
N ASP C 308 -19.23 11.61 -45.80
CA ASP C 308 -19.12 12.72 -44.85
C ASP C 308 -19.40 12.28 -43.41
N GLY C 309 -19.09 11.02 -43.11
CA GLY C 309 -19.19 10.51 -41.75
C GLY C 309 -20.47 9.79 -41.42
N LYS C 310 -21.41 9.72 -42.36
CA LYS C 310 -22.71 9.14 -42.05
C LYS C 310 -22.64 7.62 -41.90
N THR C 311 -21.84 6.95 -42.73
CA THR C 311 -21.73 5.49 -42.68
C THR C 311 -20.27 5.08 -42.80
N TRP C 312 -19.98 3.85 -42.37
CA TRP C 312 -18.61 3.40 -42.17
C TRP C 312 -18.41 1.97 -42.68
N SER C 313 -17.27 1.76 -43.33
CA SER C 313 -16.90 0.45 -43.87
C SER C 313 -16.66 -0.56 -42.74
N GLU C 314 -16.54 -1.81 -43.13
CA GLU C 314 -16.13 -2.83 -42.16
C GLU C 314 -14.63 -2.69 -41.87
N PRO C 315 -14.20 -3.10 -40.68
CA PRO C 315 -12.81 -2.85 -40.28
C PRO C 315 -11.81 -3.54 -41.19
N ILE C 316 -10.71 -2.83 -41.48
CA ILE C 316 -9.56 -3.39 -42.18
C ILE C 316 -8.44 -3.57 -41.16
N ASN C 317 -7.86 -4.77 -41.14
CA ASN C 317 -6.75 -5.09 -40.26
C ASN C 317 -5.46 -4.74 -40.99
N ILE C 318 -4.78 -3.70 -40.54
CA ILE C 318 -3.53 -3.29 -41.17
C ILE C 318 -2.31 -3.69 -40.33
N THR C 319 -2.50 -4.48 -39.28
CA THR C 319 -1.40 -4.84 -38.39
C THR C 319 -0.17 -5.30 -39.17
N GLU C 320 -0.37 -6.24 -40.10
CA GLU C 320 0.77 -6.84 -40.80
C GLU C 320 1.52 -5.83 -41.64
N GLN C 321 0.89 -4.71 -41.99
CA GLN C 321 1.58 -3.73 -42.83
C GLN C 321 2.62 -2.94 -42.08
N VAL C 322 2.45 -2.76 -40.77
CA VAL C 322 3.29 -1.83 -40.02
C VAL C 322 3.91 -2.43 -38.78
N LYS C 323 3.41 -3.51 -38.21
CA LYS C 323 3.88 -3.96 -36.90
C LYS C 323 5.08 -4.90 -37.03
N ASP C 324 6.13 -4.58 -36.29
CA ASP C 324 7.26 -5.48 -36.11
C ASP C 324 6.87 -6.59 -35.15
N PRO C 325 7.11 -7.86 -35.51
CA PRO C 325 6.59 -8.96 -34.66
C PRO C 325 7.14 -8.96 -33.23
N SER C 326 8.31 -8.38 -32.99
CA SER C 326 8.87 -8.40 -31.64
C SER C 326 8.23 -7.39 -30.70
N TRP C 327 7.55 -6.37 -31.21
CA TRP C 327 6.89 -5.40 -30.34
C TRP C 327 5.79 -6.06 -29.51
N TYR C 328 5.62 -5.58 -28.28
CA TYR C 328 4.53 -6.09 -27.44
C TYR C 328 3.18 -5.53 -27.89
N PHE C 329 3.16 -4.28 -28.34
CA PHE C 329 1.94 -3.49 -28.45
C PHE C 329 2.22 -2.39 -29.45
N LEU C 330 1.48 -2.35 -30.56
CA LEU C 330 1.50 -1.22 -31.48
C LEU C 330 0.11 -0.63 -31.53
N LEU C 331 0.01 0.69 -31.38
CA LEU C 331 -1.27 1.36 -31.54
C LEU C 331 -1.05 2.79 -32.03
N GLN C 332 -2.13 3.39 -32.51
CA GLN C 332 -2.12 4.78 -32.92
C GLN C 332 -2.01 5.69 -31.71
N GLY C 333 -1.55 6.91 -31.94
CA GLY C 333 -1.66 7.97 -30.97
C GLY C 333 -3.06 8.54 -31.00
N PRO C 334 -3.77 8.53 -29.86
CA PRO C 334 -5.18 8.95 -29.90
C PRO C 334 -5.30 10.41 -30.28
N GLY C 335 -6.45 10.76 -30.86
CA GLY C 335 -6.74 12.11 -31.24
C GLY C 335 -7.01 12.20 -32.72
N ARG C 336 -6.12 12.84 -33.48
CA ARG C 336 -6.31 12.97 -34.91
C ARG C 336 -5.00 12.78 -35.65
N GLY C 337 -5.14 12.65 -36.97
CA GLY C 337 -4.02 12.68 -37.87
C GLY C 337 -4.22 13.77 -38.90
N ILE C 338 -3.45 13.76 -39.98
CA ILE C 338 -3.42 14.89 -40.92
C ILE C 338 -3.32 14.40 -42.36
N THR C 339 -3.60 15.34 -43.27
CA THR C 339 -3.23 15.23 -44.68
C THR C 339 -2.14 16.27 -44.95
N MET C 340 -1.00 15.81 -45.44
CA MET C 340 0.06 16.73 -45.83
C MET C 340 -0.31 17.41 -47.15
N SER C 341 0.38 18.52 -47.45
CA SER C 341 0.11 19.24 -48.68
C SER C 341 0.21 18.34 -49.91
N ASP C 342 1.19 17.44 -49.94
CA ASP C 342 1.40 16.57 -51.09
C ASP C 342 0.43 15.39 -51.11
N GLY C 343 -0.53 15.34 -50.18
CA GLY C 343 -1.53 14.29 -50.19
C GLY C 343 -1.22 13.10 -49.29
N THR C 344 -0.04 13.06 -48.68
CA THR C 344 0.28 11.99 -47.76
C THR C 344 -0.61 12.04 -46.53
N LEU C 345 -1.15 10.90 -46.13
CA LEU C 345 -1.92 10.79 -44.90
C LEU C 345 -1.00 10.27 -43.79
N VAL C 346 -1.12 10.85 -42.60
CA VAL C 346 -0.20 10.57 -41.50
C VAL C 346 -1.01 10.38 -40.22
N PHE C 347 -0.74 9.28 -39.50
CA PHE C 347 -1.27 9.01 -38.18
C PHE C 347 -0.13 8.86 -37.20
N PRO C 348 -0.10 9.59 -36.10
CA PRO C 348 0.90 9.30 -35.07
C PRO C 348 0.71 7.89 -34.54
N THR C 349 1.81 7.26 -34.12
CA THR C 349 1.79 5.90 -33.60
C THR C 349 2.66 5.81 -32.34
N GLN C 350 2.55 4.66 -31.67
CA GLN C 350 3.34 4.36 -30.47
C GLN C 350 3.44 2.84 -30.38
N PHE C 351 4.63 2.34 -30.04
CA PHE C 351 4.81 0.90 -29.85
C PHE C 351 5.69 0.63 -28.63
N ILE C 352 5.34 -0.44 -27.93
CA ILE C 352 6.15 -0.99 -26.85
C ILE C 352 7.08 -2.03 -27.48
N ASP C 353 8.39 -1.79 -27.41
CA ASP C 353 9.34 -2.67 -28.06
C ASP C 353 9.69 -3.86 -27.16
N SER C 354 10.59 -4.71 -27.65
CA SER C 354 10.92 -5.94 -26.92
C SER C 354 11.49 -5.66 -25.52
N THR C 355 12.00 -4.46 -25.28
CA THR C 355 12.54 -4.09 -23.99
C THR C 355 11.46 -3.57 -23.05
N ARG C 356 10.20 -3.58 -23.45
CA ARG C 356 9.07 -3.03 -22.69
C ARG C 356 9.13 -1.52 -22.56
N ILE C 357 9.82 -0.84 -23.47
CA ILE C 357 9.88 0.62 -23.50
C ILE C 357 8.97 1.11 -24.63
N PRO C 358 8.10 2.08 -24.38
CA PRO C 358 7.28 2.65 -25.45
C PRO C 358 7.98 3.79 -26.17
N ASN C 359 7.65 3.93 -27.46
CA ASN C 359 8.30 4.89 -28.35
C ASN C 359 7.28 5.44 -29.33
N ALA C 360 7.22 6.76 -29.46
CA ALA C 360 6.31 7.41 -30.39
C ALA C 360 6.92 7.51 -31.79
N GLY C 361 6.05 7.55 -32.78
CA GLY C 361 6.46 7.70 -34.17
C GLY C 361 5.25 8.07 -35.01
N ILE C 362 5.36 7.84 -36.32
CA ILE C 362 4.26 8.06 -37.25
C ILE C 362 4.20 6.90 -38.23
N MET C 363 3.00 6.65 -38.76
CA MET C 363 2.77 5.78 -39.90
C MET C 363 2.13 6.63 -41.00
N TYR C 364 2.33 6.24 -42.26
CA TYR C 364 1.88 7.07 -43.36
C TYR C 364 1.40 6.24 -44.53
N SER C 365 0.53 6.86 -45.34
CA SER C 365 0.04 6.29 -46.58
C SER C 365 0.25 7.28 -47.71
N LYS C 366 0.83 6.82 -48.82
CA LYS C 366 0.99 7.62 -50.02
C LYS C 366 -0.05 7.28 -51.09
N ASP C 367 -0.97 6.37 -50.80
CA ASP C 367 -1.96 5.92 -51.80
C ASP C 367 -3.38 6.06 -51.27
N ARG C 368 -3.66 7.16 -50.60
CA ARG C 368 -5.00 7.50 -50.14
C ARG C 368 -5.54 6.54 -49.10
N GLY C 369 -4.65 5.86 -48.38
CA GLY C 369 -5.04 5.01 -47.28
C GLY C 369 -5.09 3.53 -47.58
N LYS C 370 -4.70 3.11 -48.78
CA LYS C 370 -4.79 1.70 -49.12
C LYS C 370 -3.69 0.88 -48.46
N THR C 371 -2.50 1.45 -48.32
CA THR C 371 -1.39 0.80 -47.62
C THR C 371 -0.69 1.83 -46.74
N TRP C 372 -0.09 1.35 -45.65
CA TRP C 372 0.54 2.18 -44.63
C TRP C 372 1.95 1.65 -44.31
N LYS C 373 2.82 2.54 -43.84
CA LYS C 373 4.22 2.21 -43.58
C LYS C 373 4.75 2.94 -42.34
N MET C 374 5.62 2.25 -41.59
CA MET C 374 6.34 2.83 -40.45
C MET C 374 7.84 2.64 -40.65
N HIS C 375 8.62 3.65 -40.25
CA HIS C 375 10.07 3.58 -40.38
C HIS C 375 10.78 3.37 -39.04
N ASN C 376 11.00 4.44 -38.28
CA ASN C 376 11.74 4.36 -37.03
C ASN C 376 11.09 5.24 -35.96
N MET C 377 11.34 4.91 -34.70
CA MET C 377 10.78 5.70 -33.60
C MET C 377 11.38 7.09 -33.57
N ALA C 378 10.62 8.04 -33.02
CA ALA C 378 11.09 9.40 -32.91
C ALA C 378 11.91 9.64 -31.65
N ARG C 379 11.57 8.97 -30.55
CA ARG C 379 12.24 9.21 -29.26
C ARG C 379 11.85 8.09 -28.32
N THR C 380 12.78 7.69 -27.46
CA THR C 380 12.54 6.58 -26.57
C THR C 380 11.70 7.02 -25.38
N ASN C 381 10.94 6.08 -24.84
CA ASN C 381 10.17 6.30 -23.62
C ASN C 381 9.18 7.45 -23.80
N THR C 382 8.48 7.44 -24.94
CA THR C 382 7.38 8.36 -25.22
C THR C 382 6.18 7.53 -25.63
N THR C 383 4.99 8.10 -25.45
CA THR C 383 3.79 7.34 -25.78
C THR C 383 2.89 8.11 -26.75
N GLU C 384 1.85 8.74 -26.23
CA GLU C 384 0.85 9.39 -27.08
C GLU C 384 1.42 10.66 -27.71
N ALA C 385 1.23 10.80 -29.03
CA ALA C 385 1.70 12.01 -29.68
C ALA C 385 0.70 12.47 -30.71
N GLN C 386 0.88 13.72 -31.15
CA GLN C 386 0.14 14.32 -32.25
C GLN C 386 1.12 15.04 -33.16
N VAL C 387 0.74 15.16 -34.44
CA VAL C 387 1.65 15.59 -35.48
C VAL C 387 1.01 16.69 -36.32
N VAL C 388 1.86 17.58 -36.87
CA VAL C 388 1.44 18.59 -37.83
C VAL C 388 2.53 18.73 -38.88
N GLU C 389 2.14 19.22 -40.06
CA GLU C 389 3.10 19.62 -41.10
C GLU C 389 3.44 21.09 -40.85
N ILE C 390 4.58 21.33 -40.19
CA ILE C 390 4.89 22.69 -39.74
C ILE C 390 5.48 23.51 -40.87
N GLU C 391 6.11 22.88 -41.84
CA GLU C 391 6.49 23.47 -43.11
C GLU C 391 6.36 22.38 -44.16
N PRO C 392 6.34 22.75 -45.45
CA PRO C 392 6.14 21.72 -46.49
C PRO C 392 7.14 20.57 -46.38
N GLY C 393 6.63 19.35 -46.25
CA GLY C 393 7.47 18.17 -46.14
C GLY C 393 8.15 17.98 -44.80
N VAL C 394 7.85 18.82 -43.82
CA VAL C 394 8.49 18.77 -42.50
C VAL C 394 7.41 18.48 -41.46
N LEU C 395 7.49 17.30 -40.84
CA LEU C 395 6.54 16.90 -39.81
C LEU C 395 7.08 17.23 -38.42
N MET C 396 6.20 17.75 -37.57
CA MET C 396 6.52 18.01 -36.17
C MET C 396 5.69 17.05 -35.32
N LEU C 397 6.36 16.28 -34.46
CA LEU C 397 5.72 15.32 -33.58
C LEU C 397 5.88 15.80 -32.14
N ASN C 398 4.75 15.95 -31.45
CA ASN C 398 4.67 16.50 -30.09
C ASN C 398 4.18 15.40 -29.16
N MET C 399 4.99 15.04 -28.14
CA MET C 399 4.94 13.73 -27.53
C MET C 399 4.78 13.77 -26.01
N ARG C 400 3.91 12.89 -25.51
CA ARG C 400 3.87 12.55 -24.09
C ARG C 400 5.15 11.81 -23.71
N ASP C 401 5.89 12.34 -22.74
CA ASP C 401 7.23 11.86 -22.40
C ASP C 401 7.22 11.34 -20.96
N ASN C 402 7.61 10.09 -20.79
CA ASN C 402 7.55 9.47 -19.46
C ASN C 402 8.60 10.01 -18.49
N ARG C 403 9.63 10.70 -18.97
CA ARG C 403 10.58 11.34 -18.06
C ARG C 403 9.90 12.34 -17.16
N GLY C 404 8.86 13.00 -17.66
CA GLY C 404 8.03 13.86 -16.84
C GLY C 404 8.34 15.33 -17.05
N GLY C 405 7.35 16.16 -16.75
CA GLY C 405 7.52 17.60 -16.77
C GLY C 405 7.12 18.32 -18.04
N SER C 406 7.45 17.77 -19.22
CA SER C 406 7.24 18.56 -20.42
C SER C 406 7.19 17.68 -21.65
N ARG C 407 6.54 18.22 -22.68
CA ARG C 407 6.38 17.54 -23.95
C ARG C 407 7.70 17.49 -24.71
N ALA C 408 7.99 16.32 -25.29
CA ALA C 408 9.06 16.19 -26.26
C ALA C 408 8.55 16.62 -27.61
N VAL C 409 9.44 17.24 -28.40
CA VAL C 409 9.10 17.71 -29.74
C VAL C 409 10.24 17.37 -30.69
N SER C 410 9.92 16.67 -31.77
CA SER C 410 10.91 16.26 -32.75
C SER C 410 10.38 16.52 -34.16
N ILE C 411 11.33 16.61 -35.09
CA ILE C 411 11.07 17.01 -36.47
C ILE C 411 11.57 15.91 -37.38
N THR C 412 10.84 15.63 -38.45
CA THR C 412 11.30 14.70 -39.46
C THR C 412 10.97 15.21 -40.86
N LYS C 413 11.98 15.19 -41.74
CA LYS C 413 11.80 15.62 -43.12
C LYS C 413 11.75 14.47 -44.11
N ASP C 414 11.78 13.21 -43.63
CA ASP C 414 11.74 12.02 -44.48
C ASP C 414 10.74 11.01 -43.92
N LEU C 415 9.62 11.51 -43.40
CA LEU C 415 8.52 10.66 -42.94
C LEU C 415 8.97 9.64 -41.90
N GLY C 416 9.91 10.02 -41.05
CA GLY C 416 10.28 9.20 -39.92
C GLY C 416 11.47 8.28 -40.10
N LYS C 417 12.22 8.40 -41.20
CA LYS C 417 13.47 7.65 -41.31
C LYS C 417 14.52 8.24 -40.37
N SER C 418 14.57 9.55 -40.26
CA SER C 418 15.49 10.22 -39.34
C SER C 418 14.74 11.33 -38.62
N TRP C 419 15.13 11.59 -37.38
CA TRP C 419 14.46 12.56 -36.53
C TRP C 419 15.49 13.53 -35.98
N THR C 420 15.04 14.74 -35.69
CA THR C 420 15.82 15.79 -35.06
C THR C 420 15.04 16.35 -33.88
N GLU C 421 15.73 16.62 -32.78
CA GLU C 421 15.09 17.27 -31.65
C GLU C 421 14.81 18.74 -31.99
N HIS C 422 13.57 19.16 -31.80
CA HIS C 422 13.15 20.53 -32.05
C HIS C 422 13.61 21.44 -30.92
N ALA C 423 13.82 22.71 -31.25
CA ALA C 423 14.33 23.67 -30.26
C ALA C 423 13.38 23.83 -29.07
N SER C 424 12.08 23.65 -29.29
CA SER C 424 11.11 23.77 -28.21
C SER C 424 11.03 22.52 -27.33
N SER C 425 11.75 21.46 -27.67
CA SER C 425 11.55 20.18 -27.00
C SER C 425 11.95 20.26 -25.53
N ARG C 426 11.10 19.67 -24.69
CA ARG C 426 11.37 19.49 -23.26
C ARG C 426 11.71 20.80 -22.55
N LYS C 427 11.15 21.92 -23.00
CA LYS C 427 11.35 23.16 -22.27
C LYS C 427 10.07 23.96 -22.17
N ALA C 428 9.41 24.20 -23.31
CA ALA C 428 8.35 25.21 -23.35
C ALA C 428 7.00 24.69 -22.86
N LEU C 429 6.60 23.49 -23.27
CA LEU C 429 5.24 23.00 -23.01
C LEU C 429 5.24 22.04 -21.83
N ASN C 430 4.79 22.54 -20.68
CA ASN C 430 4.69 21.76 -19.46
C ASN C 430 3.50 20.79 -19.54
N GLU C 431 3.64 19.64 -18.90
CA GLU C 431 2.55 18.68 -18.89
C GLU C 431 2.63 17.82 -17.64
N PRO C 432 1.52 17.24 -17.21
CA PRO C 432 1.56 16.27 -16.10
C PRO C 432 1.69 14.84 -16.60
N VAL C 433 2.21 14.66 -17.81
CA VAL C 433 2.28 13.36 -18.49
C VAL C 433 0.87 12.93 -18.89
N CYS C 434 0.41 13.41 -20.04
CA CYS C 434 -0.98 13.26 -20.45
C CYS C 434 -1.06 13.48 -21.96
N MET C 435 -2.18 13.05 -22.55
CA MET C 435 -2.42 13.35 -23.95
C MET C 435 -2.51 14.87 -24.13
N ALA C 436 -2.05 15.34 -25.28
CA ALA C 436 -2.15 16.74 -25.68
C ALA C 436 -2.50 16.79 -27.15
N SER C 437 -3.23 17.82 -27.54
CA SER C 437 -3.60 18.04 -28.93
C SER C 437 -2.70 19.11 -29.55
N LEU C 438 -2.37 18.93 -30.82
CA LEU C 438 -1.60 19.90 -31.59
C LEU C 438 -2.26 20.03 -32.95
N LEU C 439 -2.38 21.28 -33.41
CA LEU C 439 -3.04 21.57 -34.68
C LEU C 439 -2.43 22.82 -35.28
N ASN C 440 -2.07 22.74 -36.56
CA ASN C 440 -1.46 23.85 -37.26
C ASN C 440 -2.47 24.46 -38.23
N VAL C 441 -2.56 25.78 -38.24
CA VAL C 441 -3.53 26.50 -39.07
C VAL C 441 -2.75 27.51 -39.90
N LYS C 442 -2.72 27.29 -41.22
CA LYS C 442 -1.98 28.15 -42.12
C LYS C 442 -2.63 29.52 -42.25
N ALA C 443 -1.81 30.51 -42.58
CA ALA C 443 -2.30 31.90 -42.61
C ALA C 443 -3.51 32.05 -43.53
N GLN C 444 -3.51 31.35 -44.65
CA GLN C 444 -4.57 31.52 -45.61
C GLN C 444 -5.89 30.93 -45.15
N ASP C 445 -5.88 30.12 -44.09
CA ASP C 445 -7.07 29.42 -43.64
C ASP C 445 -7.67 29.98 -42.36
N ASN C 446 -7.22 31.14 -41.91
CA ASN C 446 -7.81 31.74 -40.71
C ASN C 446 -7.83 33.25 -40.84
N VAL C 447 -8.71 33.87 -40.04
CA VAL C 447 -9.06 35.27 -40.22
C VAL C 447 -7.94 36.21 -39.79
N LEU C 448 -6.99 35.75 -38.99
CA LEU C 448 -5.88 36.62 -38.61
C LEU C 448 -4.79 36.71 -39.67
N ASN C 449 -4.85 35.88 -40.72
CA ASN C 449 -3.87 35.86 -41.79
C ASN C 449 -2.45 35.73 -41.22
N LYS C 450 -2.30 34.89 -40.22
CA LYS C 450 -1.02 34.52 -39.64
C LYS C 450 -0.99 33.01 -39.49
N ASP C 451 0.18 32.41 -39.71
CA ASP C 451 0.37 31.00 -39.39
C ASP C 451 0.30 30.81 -37.88
N ILE C 452 -0.55 29.89 -37.44
CA ILE C 452 -0.84 29.72 -36.01
C ILE C 452 -0.77 28.24 -35.66
N LEU C 453 0.08 27.91 -34.70
CA LEU C 453 0.13 26.57 -34.12
C LEU C 453 -0.63 26.57 -32.79
N LEU C 454 -1.56 25.63 -32.66
CA LEU C 454 -2.41 25.54 -31.47
C LEU C 454 -2.10 24.25 -30.70
N PHE C 455 -2.16 24.36 -29.37
CA PHE C 455 -1.82 23.30 -28.43
C PHE C 455 -2.88 23.31 -27.33
N SER C 456 -3.30 22.12 -26.89
CA SER C 456 -4.24 22.00 -25.78
C SER C 456 -3.81 20.85 -24.90
N ASN C 457 -3.85 21.05 -23.60
CA ASN C 457 -3.15 20.22 -22.62
C ASN C 457 -3.55 20.71 -21.23
N PRO C 458 -3.50 19.85 -20.21
CA PRO C 458 -3.64 20.35 -18.83
C PRO C 458 -2.40 21.15 -18.43
N ASN C 459 -2.59 22.44 -18.19
CA ASN C 459 -1.47 23.37 -18.01
C ASN C 459 -0.91 23.26 -16.59
N THR C 460 -0.28 22.12 -16.34
CA THR C 460 0.26 21.83 -15.03
C THR C 460 1.51 20.98 -15.21
N VAL C 461 2.15 20.65 -14.09
CA VAL C 461 3.15 19.59 -14.04
C VAL C 461 2.70 18.42 -13.19
N LYS C 462 1.56 18.53 -12.52
CA LYS C 462 0.97 17.47 -11.71
C LYS C 462 -0.54 17.71 -11.70
N GLY C 463 -1.32 16.68 -11.98
CA GLY C 463 -2.76 16.82 -11.94
C GLY C 463 -3.38 17.21 -13.27
N ARG C 464 -4.51 16.60 -13.61
CA ARG C 464 -5.18 16.85 -14.89
C ARG C 464 -6.29 17.87 -14.65
N ASP C 465 -5.89 19.13 -14.61
CA ASP C 465 -6.81 20.25 -14.44
C ASP C 465 -6.24 21.43 -15.24
N HIS C 466 -6.99 22.54 -15.21
CA HIS C 466 -6.61 23.74 -15.93
C HIS C 466 -6.34 23.43 -17.41
N ILE C 467 -7.29 22.73 -18.01
CA ILE C 467 -7.28 22.54 -19.46
C ILE C 467 -7.18 23.90 -20.12
N THR C 468 -6.18 24.06 -20.99
CA THR C 468 -5.84 25.36 -21.56
C THR C 468 -5.48 25.20 -23.03
N ILE C 469 -5.88 26.19 -23.83
CA ILE C 469 -5.43 26.30 -25.21
C ILE C 469 -4.29 27.30 -25.24
N LYS C 470 -3.19 26.94 -25.90
CA LYS C 470 -2.06 27.84 -26.09
C LYS C 470 -1.80 27.99 -27.59
N ALA C 471 -1.33 29.17 -27.99
CA ALA C 471 -1.08 29.45 -29.40
C ALA C 471 0.34 29.96 -29.58
N SER C 472 0.96 29.55 -30.69
CA SER C 472 2.30 29.99 -31.06
C SER C 472 2.24 30.64 -32.44
N LEU C 473 2.91 31.77 -32.58
CA LEU C 473 2.91 32.52 -33.83
C LEU C 473 4.23 32.38 -34.59
N ASP C 474 5.20 31.64 -34.06
CA ASP C 474 6.48 31.41 -34.70
C ASP C 474 6.74 29.93 -34.87
N LYS C 475 5.71 29.19 -35.30
CA LYS C 475 5.84 27.77 -35.64
C LYS C 475 6.30 26.93 -34.45
N GLY C 476 5.88 27.32 -33.25
CA GLY C 476 6.12 26.53 -32.08
C GLY C 476 7.43 26.79 -31.40
N LEU C 477 8.16 27.85 -31.78
CA LEU C 477 9.36 28.20 -31.06
C LEU C 477 9.02 28.83 -29.72
N THR C 478 7.96 29.63 -29.65
CA THR C 478 7.59 30.30 -28.40
C THR C 478 6.09 30.22 -28.18
N TRP C 479 5.72 30.13 -26.90
CA TRP C 479 4.33 30.05 -26.45
C TRP C 479 4.13 31.16 -25.43
N LEU C 480 3.69 32.33 -25.93
CA LEU C 480 3.61 33.52 -25.07
C LEU C 480 2.37 33.45 -24.17
N PRO C 481 2.51 33.83 -22.90
CA PRO C 481 1.39 33.66 -21.97
C PRO C 481 0.13 34.39 -22.39
N GLU C 482 0.25 35.54 -23.04
CA GLU C 482 -0.93 36.31 -23.42
C GLU C 482 -1.75 35.63 -24.49
N HIS C 483 -1.20 34.62 -25.15
CA HIS C 483 -1.90 33.85 -26.17
C HIS C 483 -2.37 32.50 -25.65
N GLN C 484 -2.89 32.48 -24.41
CA GLN C 484 -3.37 31.27 -23.77
C GLN C 484 -4.72 31.55 -23.14
N LEU C 485 -5.58 30.53 -23.12
CA LEU C 485 -6.91 30.66 -22.53
C LEU C 485 -7.19 29.46 -21.63
N LEU C 486 -7.49 29.74 -20.37
CA LEU C 486 -7.93 28.70 -19.44
C LEU C 486 -9.39 28.36 -19.72
N LEU C 487 -9.67 27.09 -19.98
CA LEU C 487 -11.05 26.64 -20.21
C LEU C 487 -11.66 25.95 -18.99
N ASP C 488 -10.88 25.21 -18.20
CA ASP C 488 -11.45 24.37 -17.14
C ASP C 488 -10.42 24.19 -16.02
N GLU C 489 -10.65 24.86 -14.89
CA GLU C 489 -9.71 24.81 -13.78
C GLU C 489 -9.88 23.58 -12.91
N ASP C 490 -11.03 22.91 -12.99
CA ASP C 490 -11.32 21.77 -12.12
C ASP C 490 -10.75 20.47 -12.68
N PRO C 491 -10.72 19.42 -11.87
CA PRO C 491 -10.05 18.18 -12.30
C PRO C 491 -10.91 17.31 -13.23
N GLY C 492 -10.23 16.64 -14.17
CA GLY C 492 -10.85 15.73 -15.11
C GLY C 492 -9.82 14.73 -15.60
N TRP C 493 -10.25 13.95 -16.61
CA TRP C 493 -9.40 12.89 -17.14
C TRP C 493 -8.37 13.41 -18.16
N GLY C 494 -8.52 14.63 -18.68
CA GLY C 494 -7.41 15.39 -19.20
C GLY C 494 -7.23 15.39 -20.70
N TYR C 495 -7.84 14.46 -21.44
CA TYR C 495 -7.53 14.43 -22.87
C TYR C 495 -8.33 15.48 -23.62
N SER C 496 -7.81 15.89 -24.77
CA SER C 496 -8.45 16.92 -25.58
C SER C 496 -8.04 16.77 -27.05
N CYS C 497 -8.88 17.31 -27.93
CA CYS C 497 -8.54 17.33 -29.35
C CYS C 497 -9.15 18.55 -30.03
N LEU C 498 -8.33 19.24 -30.83
CA LEU C 498 -8.72 20.50 -31.45
C LEU C 498 -9.10 20.33 -32.91
N THR C 499 -9.91 21.27 -33.39
CA THR C 499 -10.18 21.41 -34.81
C THR C 499 -10.54 22.86 -35.07
N MET C 500 -10.52 23.25 -36.35
CA MET C 500 -11.06 24.54 -36.76
C MET C 500 -12.51 24.33 -37.17
N ILE C 501 -13.43 24.99 -36.47
CA ILE C 501 -14.83 25.00 -36.90
C ILE C 501 -14.96 25.80 -38.19
N ASP C 502 -14.34 26.98 -38.22
CA ASP C 502 -14.30 27.83 -39.41
C ASP C 502 -13.07 28.70 -39.33
N LYS C 503 -12.90 29.58 -40.32
CA LYS C 503 -11.70 30.41 -40.40
C LYS C 503 -11.55 31.32 -39.19
N GLU C 504 -12.62 31.54 -38.43
CA GLU C 504 -12.56 32.41 -37.28
C GLU C 504 -12.62 31.67 -35.94
N THR C 505 -12.82 30.37 -35.94
CA THR C 505 -13.17 29.69 -34.69
C THR C 505 -12.49 28.34 -34.51
N ILE C 506 -12.04 28.11 -33.28
CA ILE C 506 -11.51 26.82 -32.84
C ILE C 506 -12.62 26.01 -32.19
N GLY C 507 -12.67 24.71 -32.49
CA GLY C 507 -13.49 23.76 -31.75
C GLY C 507 -12.59 22.84 -30.93
N ILE C 508 -13.05 22.48 -29.72
CA ILE C 508 -12.32 21.58 -28.85
C ILE C 508 -13.27 20.58 -28.21
N LEU C 509 -12.93 19.29 -28.33
CA LEU C 509 -13.63 18.20 -27.66
C LEU C 509 -12.69 17.62 -26.62
N TYR C 510 -13.11 17.61 -25.35
CA TYR C 510 -12.17 17.20 -24.31
C TYR C 510 -12.91 16.65 -23.10
N GLU C 511 -12.15 15.90 -22.31
CA GLU C 511 -12.59 15.38 -21.02
C GLU C 511 -12.50 16.49 -19.99
N SER C 512 -13.63 16.88 -19.44
CA SER C 512 -13.67 18.04 -18.58
C SER C 512 -14.18 17.66 -17.19
N SER C 513 -14.18 18.65 -16.31
CA SER C 513 -14.73 18.49 -14.96
C SER C 513 -16.25 18.42 -14.95
N VAL C 514 -16.90 18.67 -16.08
CA VAL C 514 -18.35 18.76 -16.13
C VAL C 514 -18.99 17.77 -17.10
N ALA C 515 -18.24 17.19 -18.04
CA ALA C 515 -18.80 16.18 -18.93
C ALA C 515 -17.67 15.38 -19.56
N HIS C 516 -17.96 14.09 -19.79
CA HIS C 516 -16.94 13.18 -20.31
C HIS C 516 -16.45 13.61 -21.69
N MET C 517 -17.36 14.06 -22.54
CA MET C 517 -17.05 14.60 -23.85
C MET C 517 -17.65 16.01 -23.90
N THR C 518 -16.81 17.01 -23.63
CA THR C 518 -17.23 18.41 -23.56
C THR C 518 -16.76 19.13 -24.82
N PHE C 519 -17.67 19.88 -25.44
CA PHE C 519 -17.38 20.65 -26.64
C PHE C 519 -17.49 22.16 -26.37
N GLN C 520 -16.48 22.90 -26.83
CA GLN C 520 -16.52 24.36 -26.74
C GLN C 520 -15.99 24.96 -28.04
N ALA C 521 -16.45 26.18 -28.34
CA ALA C 521 -16.02 26.97 -29.49
C ALA C 521 -15.34 28.22 -28.98
N VAL C 522 -14.15 28.51 -29.53
CA VAL C 522 -13.30 29.60 -29.04
C VAL C 522 -12.84 30.45 -30.23
N LYS C 523 -13.16 31.74 -30.19
CA LYS C 523 -12.75 32.63 -31.28
C LYS C 523 -11.24 32.82 -31.25
N LEU C 524 -10.62 32.67 -32.43
CA LEU C 524 -9.20 32.96 -32.57
C LEU C 524 -8.82 34.31 -31.97
N THR C 525 -9.72 35.29 -32.06
CA THR C 525 -9.41 36.64 -31.58
C THR C 525 -9.46 36.75 -30.05
N ASP C 526 -10.03 35.77 -29.35
CA ASP C 526 -9.86 35.72 -27.91
C ASP C 526 -8.44 35.28 -27.55
N LEU C 527 -7.86 34.41 -28.37
CA LEU C 527 -6.51 33.94 -28.12
C LEU C 527 -5.46 34.94 -28.58
N ILE C 528 -5.64 35.53 -29.76
CA ILE C 528 -4.67 36.43 -30.37
C ILE C 528 -5.37 37.77 -30.57
N LYS C 529 -5.12 38.72 -29.68
CA LYS C 529 -5.78 40.02 -29.73
C LYS C 529 -4.88 41.09 -30.34
N ASP D 9 -6.46 -34.33 -20.36
CA ASP D 9 -6.23 -33.06 -19.72
C ASP D 9 -6.82 -33.11 -18.28
N THR D 10 -6.77 -32.01 -17.58
CA THR D 10 -7.38 -31.80 -16.27
C THR D 10 -8.36 -30.63 -16.35
N VAL D 11 -9.43 -30.76 -15.66
CA VAL D 11 -10.42 -29.67 -15.68
C VAL D 11 -10.56 -29.11 -14.17
N PHE D 12 -10.03 -27.96 -13.81
CA PHE D 12 -10.24 -27.37 -12.46
C PHE D 12 -11.69 -26.99 -12.32
N ILE D 13 -12.23 -27.44 -11.22
CA ILE D 13 -13.59 -27.19 -10.85
C ILE D 13 -13.57 -26.54 -9.47
N ARG D 14 -14.37 -25.49 -9.30
CA ARG D 14 -14.56 -24.88 -7.98
C ARG D 14 -16.04 -24.63 -7.74
N GLU D 15 -16.61 -25.40 -6.81
CA GLU D 15 -17.99 -25.22 -6.41
C GLU D 15 -18.07 -24.15 -5.35
N THR D 16 -19.10 -23.30 -5.43
CA THR D 16 -19.20 -22.12 -4.58
C THR D 16 -19.87 -22.46 -3.25
N GLN D 17 -19.60 -21.61 -2.26
CA GLN D 17 -20.26 -21.67 -0.96
C GLN D 17 -20.76 -20.25 -0.66
N THR D 18 -21.82 -19.88 -1.36
CA THR D 18 -22.36 -18.53 -1.36
C THR D 18 -23.88 -18.61 -1.33
N PRO D 19 -24.54 -17.58 -0.79
CA PRO D 19 -26.01 -17.59 -0.77
C PRO D 19 -26.59 -17.62 -2.18
N ILE D 20 -27.63 -18.42 -2.36
CA ILE D 20 -28.41 -18.42 -3.60
C ILE D 20 -29.58 -17.47 -3.38
N LEU D 21 -29.53 -16.31 -4.03
CA LEU D 21 -30.63 -15.36 -3.91
C LEU D 21 -31.81 -15.87 -4.73
N ILE D 22 -32.94 -16.11 -4.06
CA ILE D 22 -34.11 -16.63 -4.77
C ILE D 22 -34.45 -15.74 -5.96
N GLU D 23 -34.44 -14.44 -5.75
CA GLU D 23 -34.88 -13.49 -6.76
C GLU D 23 -33.87 -13.26 -7.89
N ARG D 24 -32.67 -13.87 -7.82
CA ARG D 24 -31.64 -13.59 -8.81
C ARG D 24 -31.85 -14.39 -10.09
N GLN D 25 -31.53 -13.77 -11.22
CA GLN D 25 -31.60 -14.47 -12.49
C GLN D 25 -30.44 -15.46 -12.67
N ASP D 26 -29.29 -15.17 -12.09
CA ASP D 26 -28.13 -16.05 -12.14
C ASP D 26 -27.52 -16.15 -10.75
N ASN D 27 -27.00 -17.33 -10.42
CA ASN D 27 -26.24 -17.57 -9.20
C ASN D 27 -25.09 -18.49 -9.58
N VAL D 28 -23.87 -18.12 -9.23
CA VAL D 28 -22.72 -18.93 -9.61
C VAL D 28 -22.71 -20.19 -8.75
N LEU D 29 -22.83 -21.36 -9.40
CA LEU D 29 -22.78 -22.65 -8.75
C LEU D 29 -21.40 -23.29 -8.87
N PHE D 30 -20.83 -23.28 -10.08
CA PHE D 30 -19.52 -23.84 -10.35
C PHE D 30 -18.71 -22.90 -11.23
N TYR D 31 -17.41 -22.78 -10.93
CA TYR D 31 -16.42 -22.25 -11.85
C TYR D 31 -15.67 -23.41 -12.49
N ILE D 32 -15.36 -23.29 -13.78
CA ILE D 32 -14.67 -24.31 -14.54
C ILE D 32 -13.53 -23.63 -15.29
N ARG D 33 -12.34 -24.24 -15.27
CA ARG D 33 -11.20 -23.70 -15.99
C ARG D 33 -10.47 -24.82 -16.72
N LEU D 34 -10.20 -24.62 -18.01
CA LEU D 34 -9.48 -25.56 -18.85
C LEU D 34 -8.20 -24.91 -19.37
N ASP D 35 -7.07 -25.59 -19.20
CA ASP D 35 -5.76 -25.02 -19.52
C ASP D 35 -5.22 -25.48 -20.87
N ALA D 36 -5.71 -26.58 -21.44
CA ALA D 36 -5.15 -27.12 -22.67
C ALA D 36 -5.28 -26.14 -23.82
N LYS D 37 -4.18 -25.95 -24.57
CA LYS D 37 -4.15 -25.00 -25.68
C LYS D 37 -4.49 -25.65 -27.01
N ASP D 38 -4.48 -26.97 -27.07
CA ASP D 38 -4.69 -27.73 -28.31
C ASP D 38 -6.14 -28.15 -28.50
N SER D 39 -7.01 -27.82 -27.56
CA SER D 39 -8.38 -28.28 -27.61
C SER D 39 -9.22 -27.39 -28.51
N LYS D 40 -10.34 -27.96 -28.98
CA LYS D 40 -11.17 -27.32 -29.99
C LYS D 40 -12.61 -27.14 -29.55
N LEU D 41 -13.17 -28.10 -28.82
CA LEU D 41 -14.59 -28.08 -28.54
C LEU D 41 -14.88 -28.58 -27.13
N LEU D 42 -15.73 -27.85 -26.42
CA LEU D 42 -16.35 -28.35 -25.20
C LEU D 42 -17.69 -28.96 -25.62
N ASN D 43 -17.80 -30.29 -25.54
CA ASN D 43 -19.01 -30.97 -25.99
C ASN D 43 -20.15 -30.73 -25.01
N GLU D 44 -19.98 -31.14 -23.76
CA GLU D 44 -21.05 -31.03 -22.79
C GLU D 44 -20.48 -31.02 -21.39
N VAL D 45 -21.33 -30.65 -20.43
CA VAL D 45 -21.08 -30.75 -19.00
C VAL D 45 -22.27 -31.44 -18.38
N VAL D 46 -22.02 -32.38 -17.48
CA VAL D 46 -23.09 -33.20 -16.89
C VAL D 46 -23.12 -32.98 -15.40
N LEU D 47 -24.32 -32.72 -14.87
CA LEU D 47 -24.57 -32.50 -13.46
C LEU D 47 -25.62 -33.46 -12.94
N ASP D 48 -25.68 -33.61 -11.62
CA ASP D 48 -26.69 -34.43 -10.97
C ASP D 48 -27.11 -33.76 -9.67
N PHE D 49 -28.41 -33.52 -9.51
CA PHE D 49 -28.98 -32.97 -8.29
C PHE D 49 -29.62 -34.09 -7.49
N SER D 50 -29.18 -34.26 -6.25
CA SER D 50 -29.61 -35.39 -5.44
C SER D 50 -31.12 -35.32 -5.18
N LYS D 51 -31.67 -36.46 -4.75
CA LYS D 51 -33.10 -36.53 -4.43
C LYS D 51 -33.44 -35.84 -3.12
N SER D 52 -32.45 -35.55 -2.27
CA SER D 52 -32.69 -34.66 -1.14
C SER D 52 -33.02 -33.25 -1.62
N THR D 53 -32.51 -32.87 -2.77
CA THR D 53 -32.85 -31.59 -3.37
C THR D 53 -34.36 -31.53 -3.66
N PRO D 54 -35.08 -30.50 -3.17
CA PRO D 54 -36.39 -30.21 -3.76
C PRO D 54 -36.17 -29.89 -5.23
N LEU D 55 -36.34 -30.88 -6.12
CA LEU D 55 -35.99 -30.68 -7.52
C LEU D 55 -36.98 -29.76 -8.21
N HIS D 56 -38.24 -29.77 -7.78
CA HIS D 56 -39.26 -28.93 -8.39
C HIS D 56 -39.02 -27.44 -8.16
N ASP D 57 -38.03 -27.07 -7.35
CA ASP D 57 -37.79 -25.68 -7.02
C ASP D 57 -36.76 -25.01 -7.90
N ILE D 58 -36.05 -25.76 -8.73
CA ILE D 58 -35.04 -25.19 -9.62
C ILE D 58 -35.72 -24.76 -10.91
N GLN D 59 -35.61 -23.48 -11.24
CA GLN D 59 -36.16 -23.00 -12.51
C GLN D 59 -35.24 -23.34 -13.68
N SER D 60 -33.93 -23.22 -13.50
CA SER D 60 -33.04 -23.33 -14.65
C SER D 60 -31.60 -23.53 -14.22
N VAL D 61 -30.87 -24.34 -14.98
CA VAL D 61 -29.43 -24.47 -14.88
C VAL D 61 -28.84 -24.08 -16.22
N LYS D 62 -27.83 -23.21 -16.21
CA LYS D 62 -27.24 -22.70 -17.43
C LYS D 62 -25.71 -22.87 -17.42
N LEU D 63 -25.14 -22.95 -18.62
CA LEU D 63 -23.70 -23.00 -18.81
C LEU D 63 -23.28 -21.75 -19.57
N TYR D 64 -22.36 -20.99 -18.97
CA TYR D 64 -21.83 -19.76 -19.54
C TYR D 64 -20.35 -19.91 -19.87
N TYR D 65 -19.92 -19.23 -20.92
CA TYR D 65 -18.51 -19.15 -21.29
C TYR D 65 -17.97 -17.78 -20.90
N GLY D 66 -16.82 -17.77 -20.23
CA GLY D 66 -16.23 -16.56 -19.73
C GLY D 66 -14.98 -16.12 -20.44
N GLY D 67 -14.59 -16.79 -21.53
CA GLY D 67 -13.46 -16.37 -22.32
C GLY D 67 -12.14 -16.96 -21.86
N THR D 68 -11.07 -16.20 -22.05
CA THR D 68 -9.72 -16.66 -21.74
C THR D 68 -9.08 -15.72 -20.72
N GLU D 69 -7.78 -15.91 -20.51
CA GLU D 69 -7.00 -15.20 -19.51
C GLU D 69 -5.83 -14.52 -20.18
N ALA D 70 -5.43 -13.38 -19.62
CA ALA D 70 -4.20 -12.73 -20.06
C ALA D 70 -3.01 -13.64 -19.84
N LEU D 71 -2.08 -13.65 -20.80
CA LEU D 71 -1.02 -14.65 -20.79
C LEU D 71 -0.11 -14.53 -19.58
N GLN D 72 0.14 -13.30 -19.12
CA GLN D 72 1.03 -13.11 -17.97
C GLN D 72 0.31 -13.32 -16.64
N HIS D 73 -0.99 -13.59 -16.68
CA HIS D 73 -1.83 -13.77 -15.51
C HIS D 73 -2.16 -15.23 -15.26
N ARG D 74 -1.82 -16.12 -16.20
CA ARG D 74 -2.27 -17.51 -16.12
C ARG D 74 -1.57 -18.30 -15.00
N ASP D 75 -0.37 -17.89 -14.60
CA ASP D 75 0.33 -18.59 -13.54
C ASP D 75 -0.48 -18.58 -12.25
N LYS D 76 -1.31 -17.56 -12.05
CA LYS D 76 -2.01 -17.39 -10.77
C LYS D 76 -3.15 -18.37 -10.56
N LYS D 77 -3.61 -19.07 -11.60
CA LYS D 77 -4.63 -20.11 -11.45
C LYS D 77 -5.94 -19.55 -10.89
N ARG D 78 -6.32 -18.37 -11.36
CA ARG D 78 -7.65 -17.84 -11.08
C ARG D 78 -8.70 -18.69 -11.77
N MET D 79 -9.86 -18.84 -11.12
CA MET D 79 -10.94 -19.68 -11.62
C MET D 79 -11.92 -18.94 -12.50
N ALA D 80 -11.74 -17.63 -12.69
CA ALA D 80 -12.53 -16.82 -13.60
C ALA D 80 -11.69 -15.60 -13.97
N PRO D 81 -11.99 -14.95 -15.10
CA PRO D 81 -11.23 -13.74 -15.46
C PRO D 81 -11.75 -12.50 -14.77
N VAL D 82 -12.96 -12.56 -14.23
CA VAL D 82 -13.66 -11.37 -13.77
C VAL D 82 -14.82 -11.83 -12.89
N GLU D 83 -15.34 -10.93 -12.09
CA GLU D 83 -16.59 -11.18 -11.36
C GLU D 83 -17.75 -11.22 -12.36
N TYR D 84 -18.42 -12.37 -12.47
CA TYR D 84 -19.47 -12.50 -13.47
C TYR D 84 -20.77 -11.82 -13.05
N ILE D 85 -21.03 -11.75 -11.75
CA ILE D 85 -22.24 -11.14 -11.20
C ILE D 85 -21.80 -10.23 -10.06
N SER D 86 -22.32 -9.02 -10.03
CA SER D 86 -21.94 -8.07 -8.99
C SER D 86 -23.01 -8.02 -7.90
N GLY D 87 -22.56 -8.02 -6.65
CA GLY D 87 -23.42 -7.74 -5.52
C GLY D 87 -23.40 -6.30 -5.05
N PHE D 88 -22.78 -5.39 -5.82
CA PHE D 88 -22.50 -4.05 -5.33
C PHE D 88 -22.75 -2.93 -6.32
N HIS D 89 -22.82 -3.18 -7.62
CA HIS D 89 -23.10 -2.11 -8.58
C HIS D 89 -24.59 -1.77 -8.58
N PRO D 90 -24.98 -0.55 -8.19
CA PRO D 90 -26.41 -0.27 -8.00
C PRO D 90 -27.25 -0.56 -9.25
N GLY D 91 -28.36 -1.26 -9.03
CA GLY D 91 -29.35 -1.49 -10.06
C GLY D 91 -29.12 -2.70 -10.93
N THR D 92 -27.99 -3.41 -10.79
CA THR D 92 -27.70 -4.50 -11.70
C THR D 92 -27.16 -5.74 -10.99
N THR D 93 -27.55 -5.95 -9.74
CA THR D 93 -27.01 -7.06 -8.97
C THR D 93 -27.78 -8.36 -9.16
N LEU D 94 -28.92 -8.34 -9.84
CA LEU D 94 -29.79 -9.50 -9.91
C LEU D 94 -29.54 -10.35 -11.14
N SER D 95 -28.63 -9.95 -12.01
CA SER D 95 -28.40 -10.65 -13.27
C SER D 95 -26.91 -10.67 -13.55
N ALA D 96 -26.46 -11.68 -14.30
CA ALA D 96 -25.08 -11.75 -14.74
C ALA D 96 -24.81 -10.67 -15.79
N ASN D 97 -23.66 -10.00 -15.65
CA ASN D 97 -23.26 -8.99 -16.61
C ASN D 97 -23.09 -9.63 -17.99
N PRO D 98 -23.94 -9.31 -18.96
CA PRO D 98 -23.88 -10.05 -20.24
C PRO D 98 -22.61 -9.80 -21.05
N SER D 99 -21.89 -8.71 -20.78
CA SER D 99 -20.64 -8.49 -21.52
C SER D 99 -19.51 -9.38 -21.02
N TYR D 100 -19.70 -10.09 -19.90
CA TYR D 100 -18.66 -10.94 -19.33
C TYR D 100 -18.89 -12.43 -19.58
N SER D 101 -20.09 -12.84 -19.99
CA SER D 101 -20.41 -14.25 -20.13
C SER D 101 -21.27 -14.47 -21.36
N VAL D 102 -21.08 -15.61 -22.02
CA VAL D 102 -21.85 -16.00 -23.19
C VAL D 102 -22.57 -17.30 -22.85
N LYS D 103 -23.90 -17.27 -22.86
CA LYS D 103 -24.69 -18.44 -22.50
C LYS D 103 -24.49 -19.51 -23.58
N CYS D 104 -24.01 -20.69 -23.17
CA CYS D 104 -23.80 -21.80 -24.09
C CYS D 104 -24.90 -22.84 -24.04
N ALA D 105 -25.58 -22.99 -22.91
CA ALA D 105 -26.57 -24.06 -22.77
C ALA D 105 -27.47 -23.79 -21.58
N GLU D 106 -28.61 -24.48 -21.56
CA GLU D 106 -29.65 -24.25 -20.57
C GLU D 106 -30.56 -25.47 -20.50
N VAL D 107 -30.87 -25.90 -19.28
CA VAL D 107 -31.89 -26.90 -19.02
C VAL D 107 -32.92 -26.27 -18.09
N VAL D 108 -34.14 -26.11 -18.59
CA VAL D 108 -35.24 -25.54 -17.82
C VAL D 108 -35.96 -26.66 -17.07
N ARG D 109 -36.43 -26.36 -15.87
CA ARG D 109 -37.08 -27.32 -14.99
C ARG D 109 -36.30 -28.66 -14.99
N PRO D 110 -35.06 -28.62 -14.49
CA PRO D 110 -34.21 -29.80 -14.61
C PRO D 110 -34.74 -30.97 -13.80
N SER D 111 -34.35 -32.18 -14.22
CA SER D 111 -34.55 -33.37 -13.42
C SER D 111 -33.27 -33.62 -12.63
N ASN D 112 -33.11 -34.83 -12.09
CA ASN D 112 -31.89 -35.15 -11.35
C ASN D 112 -30.67 -35.03 -12.25
N LYS D 113 -30.75 -35.60 -13.45
CA LYS D 113 -29.66 -35.53 -14.42
C LYS D 113 -29.82 -34.29 -15.28
N VAL D 114 -28.75 -33.52 -15.41
CA VAL D 114 -28.71 -32.34 -16.26
C VAL D 114 -27.53 -32.48 -17.22
N VAL D 115 -27.82 -32.38 -18.52
CA VAL D 115 -26.82 -32.53 -19.56
C VAL D 115 -26.82 -31.26 -20.38
N LEU D 116 -25.79 -30.44 -20.21
CA LEU D 116 -25.67 -29.15 -20.88
C LEU D 116 -24.82 -29.34 -22.12
N LYS D 117 -25.49 -29.55 -23.25
CA LYS D 117 -24.82 -29.75 -24.53
C LYS D 117 -24.49 -28.40 -25.16
N SER D 118 -23.21 -28.11 -25.32
CA SER D 118 -22.74 -26.83 -25.84
C SER D 118 -21.97 -26.93 -27.14
N ASN D 119 -21.12 -27.98 -27.30
CA ASN D 119 -20.21 -28.08 -28.43
C ASN D 119 -19.74 -26.69 -28.79
N TYR D 120 -19.05 -26.04 -27.85
CA TYR D 120 -18.60 -24.68 -27.98
C TYR D 120 -17.13 -24.65 -28.36
N LYS D 121 -16.79 -23.79 -29.31
CA LYS D 121 -15.42 -23.68 -29.79
C LYS D 121 -14.55 -22.99 -28.76
N LEU D 122 -13.35 -23.51 -28.58
CA LEU D 122 -12.46 -23.10 -27.51
C LEU D 122 -11.32 -22.25 -28.04
N PHE D 123 -10.79 -21.41 -27.17
CA PHE D 123 -9.62 -20.58 -27.41
C PHE D 123 -8.36 -21.45 -27.34
N PRO D 124 -7.32 -21.14 -28.14
CA PRO D 124 -6.04 -21.85 -27.99
C PRO D 124 -5.30 -21.36 -26.76
N GLY D 125 -5.80 -21.75 -25.59
CA GLY D 125 -5.26 -21.28 -24.33
C GLY D 125 -6.21 -21.61 -23.20
N VAL D 126 -6.17 -20.78 -22.16
CA VAL D 126 -7.10 -20.96 -21.05
C VAL D 126 -8.52 -20.71 -21.52
N ASN D 127 -9.46 -21.50 -21.00
CA ASN D 127 -10.88 -21.32 -21.28
C ASN D 127 -11.62 -21.34 -19.95
N PHE D 128 -12.48 -20.35 -19.73
CA PHE D 128 -13.28 -20.27 -18.52
C PHE D 128 -14.73 -20.60 -18.83
N PHE D 129 -15.37 -21.34 -17.93
CA PHE D 129 -16.81 -21.59 -18.01
C PHE D 129 -17.39 -21.49 -16.62
N TRP D 130 -18.71 -21.29 -16.55
CA TRP D 130 -19.36 -21.42 -15.24
C TRP D 130 -20.81 -21.88 -15.39
N ILE D 131 -21.33 -22.38 -14.28
CA ILE D 131 -22.68 -22.93 -14.19
C ILE D 131 -23.51 -22.00 -13.32
N SER D 132 -24.65 -21.57 -13.86
CA SER D 132 -25.58 -20.70 -13.17
C SER D 132 -26.79 -21.51 -12.70
N LEU D 133 -27.27 -21.20 -11.50
CA LEU D 133 -28.45 -21.83 -10.91
C LEU D 133 -29.49 -20.75 -10.70
N GLN D 134 -30.70 -21.00 -11.19
CA GLN D 134 -31.81 -20.05 -11.06
C GLN D 134 -32.99 -20.75 -10.41
N MET D 135 -33.43 -20.22 -9.29
CA MET D 135 -34.53 -20.81 -8.53
C MET D 135 -35.88 -20.28 -9.01
N LYS D 136 -36.93 -21.06 -8.73
CA LYS D 136 -38.29 -20.62 -9.01
C LYS D 136 -38.68 -19.52 -8.02
N LYS D 137 -39.60 -18.65 -8.45
CA LYS D 137 -39.83 -17.40 -7.74
C LYS D 137 -40.33 -17.65 -6.32
N GLY D 138 -41.21 -18.63 -6.13
CA GLY D 138 -41.80 -18.85 -4.83
C GLY D 138 -41.02 -19.80 -3.94
N THR D 139 -39.74 -20.00 -4.25
CA THR D 139 -38.96 -21.00 -3.54
C THR D 139 -38.88 -20.69 -2.06
N SER D 140 -38.81 -21.75 -1.26
CA SER D 140 -38.72 -21.62 0.19
C SER D 140 -37.31 -21.31 0.64
N LEU D 141 -37.22 -20.54 1.73
CA LEU D 141 -35.93 -20.25 2.35
C LEU D 141 -35.23 -21.49 2.88
N TYR D 142 -35.92 -22.62 3.00
CA TYR D 142 -35.34 -23.83 3.56
C TYR D 142 -34.91 -24.81 2.49
N THR D 143 -35.19 -24.51 1.24
CA THR D 143 -34.70 -25.33 0.14
C THR D 143 -33.17 -25.40 0.19
N ARG D 144 -32.65 -26.62 0.11
CA ARG D 144 -31.22 -26.88 0.04
C ARG D 144 -30.94 -27.62 -1.24
N ILE D 145 -29.88 -27.21 -1.95
CA ILE D 145 -29.54 -27.74 -3.26
C ILE D 145 -28.20 -28.44 -3.15
N ASN D 146 -28.17 -29.72 -3.48
CA ASN D 146 -26.94 -30.50 -3.62
C ASN D 146 -26.73 -30.82 -5.09
N SER D 147 -25.49 -30.69 -5.55
CA SER D 147 -25.19 -30.80 -6.97
C SER D 147 -23.85 -31.49 -7.17
N GLU D 148 -23.83 -32.52 -8.01
CA GLU D 148 -22.61 -33.24 -8.35
C GLU D 148 -22.23 -32.91 -9.78
N LEU D 149 -21.00 -32.44 -9.98
CA LEU D 149 -20.46 -32.29 -11.34
C LEU D 149 -19.98 -33.66 -11.79
N CYS D 150 -20.70 -34.27 -12.73
CA CYS D 150 -20.39 -35.63 -13.14
C CYS D 150 -19.28 -35.66 -14.20
N ALA D 151 -19.37 -34.80 -15.21
CA ALA D 151 -18.40 -34.91 -16.28
C ALA D 151 -18.24 -33.62 -17.08
N VAL D 152 -17.02 -33.39 -17.54
CA VAL D 152 -16.67 -32.36 -18.51
C VAL D 152 -16.04 -33.07 -19.70
N LYS D 153 -16.66 -32.93 -20.87
CA LYS D 153 -16.27 -33.67 -22.06
C LYS D 153 -15.70 -32.68 -23.07
N VAL D 154 -14.44 -32.86 -23.43
CA VAL D 154 -13.73 -31.99 -24.36
C VAL D 154 -13.18 -32.83 -25.49
N ASP D 155 -13.49 -32.45 -26.73
CA ASP D 155 -12.97 -33.10 -27.92
C ASP D 155 -13.23 -34.61 -27.90
N GLY D 156 -14.38 -34.98 -27.35
CA GLY D 156 -14.78 -36.37 -27.31
C GLY D 156 -14.27 -37.16 -26.12
N LYS D 157 -13.39 -36.58 -25.30
CA LYS D 157 -12.88 -37.27 -24.12
C LYS D 157 -13.46 -36.64 -22.86
N VAL D 158 -13.89 -37.50 -21.95
CA VAL D 158 -14.26 -37.07 -20.60
C VAL D 158 -12.97 -36.85 -19.82
N LEU D 159 -12.77 -35.64 -19.32
CA LEU D 159 -11.50 -35.28 -18.70
C LEU D 159 -11.51 -35.59 -17.21
N ASP D 160 -10.30 -35.67 -16.65
CA ASP D 160 -10.13 -35.84 -15.21
C ASP D 160 -10.34 -34.51 -14.51
N CYS D 161 -11.19 -34.52 -13.47
CA CYS D 161 -11.54 -33.31 -12.74
C CYS D 161 -10.68 -33.15 -11.48
N LYS D 162 -10.15 -31.95 -11.29
CA LYS D 162 -9.44 -31.58 -10.07
C LYS D 162 -10.25 -30.52 -9.34
N TYR D 163 -10.72 -30.86 -8.14
CA TYR D 163 -11.66 -30.01 -7.40
C TYR D 163 -10.90 -29.14 -6.40
N LEU D 164 -11.25 -27.86 -6.36
CA LEU D 164 -10.67 -26.92 -5.42
C LEU D 164 -11.60 -26.60 -4.26
N SER D 165 -12.70 -27.34 -4.13
CA SER D 165 -13.71 -27.11 -3.10
C SER D 165 -14.07 -28.42 -2.45
N PRO D 166 -14.63 -28.39 -1.24
CA PRO D 166 -14.98 -29.64 -0.55
C PRO D 166 -16.20 -30.31 -1.14
N LYS D 167 -16.30 -31.62 -0.92
CA LYS D 167 -17.47 -32.37 -1.34
C LYS D 167 -18.60 -32.18 -0.33
N ASN D 168 -19.81 -32.51 -0.75
CA ASN D 168 -21.01 -32.49 0.08
C ASN D 168 -21.46 -31.08 0.43
N ILE D 169 -21.10 -30.08 -0.39
CA ILE D 169 -21.62 -28.74 -0.16
C ILE D 169 -23.13 -28.77 -0.30
N SER D 170 -23.82 -28.09 0.61
CA SER D 170 -25.25 -27.84 0.52
C SER D 170 -25.46 -26.35 0.29
N HIS D 171 -26.08 -26.01 -0.84
CA HIS D 171 -26.31 -24.63 -1.22
C HIS D 171 -27.61 -24.14 -0.59
N ARG D 172 -27.54 -22.99 0.08
CA ARG D 172 -28.68 -22.47 0.82
C ARG D 172 -29.27 -21.25 0.13
N MET D 173 -30.52 -20.99 0.42
CA MET D 173 -31.26 -19.88 -0.14
C MET D 173 -31.04 -18.62 0.69
N ALA D 174 -31.35 -17.48 0.06
CA ALA D 174 -31.35 -16.20 0.73
C ALA D 174 -32.33 -15.30 0.02
N ILE D 175 -32.79 -14.27 0.70
CA ILE D 175 -33.56 -13.20 0.08
C ILE D 175 -32.77 -11.92 0.30
N GLY D 176 -32.65 -11.11 -0.76
CA GLY D 176 -32.08 -9.79 -0.63
C GLY D 176 -33.11 -8.79 -0.16
N VAL D 177 -33.20 -8.58 1.15
CA VAL D 177 -34.15 -7.61 1.67
C VAL D 177 -33.86 -6.24 1.07
N ARG D 178 -32.58 -5.91 0.89
CA ARG D 178 -32.18 -4.69 0.22
C ARG D 178 -31.04 -5.01 -0.74
N HIS D 179 -31.09 -4.43 -1.93
CA HIS D 179 -30.00 -4.55 -2.89
C HIS D 179 -29.48 -3.15 -3.20
N ALA D 180 -28.20 -3.08 -3.60
CA ALA D 180 -27.63 -1.82 -4.06
C ALA D 180 -28.53 -1.16 -5.08
N GLY D 181 -28.90 0.10 -4.81
CA GLY D 181 -29.73 0.87 -5.70
C GLY D 181 -31.20 0.86 -5.37
N ASP D 182 -31.65 -0.01 -4.46
CA ASP D 182 -33.07 -0.09 -4.14
C ASP D 182 -33.57 1.25 -3.61
N ASP D 183 -34.80 1.60 -4.00
CA ASP D 183 -35.47 2.81 -3.52
C ASP D 183 -34.57 4.04 -3.59
N GLY D 184 -33.77 4.10 -4.65
CA GLY D 184 -32.96 5.27 -4.91
C GLY D 184 -31.72 5.40 -4.05
N SER D 185 -31.45 4.44 -3.19
CA SER D 185 -30.28 4.49 -2.31
C SER D 185 -29.16 3.66 -2.91
N ALA D 186 -27.97 4.27 -2.99
CA ALA D 186 -26.82 3.55 -3.53
C ALA D 186 -26.45 2.37 -2.66
N ALA D 187 -26.64 2.47 -1.34
CA ALA D 187 -26.15 1.40 -0.47
C ALA D 187 -26.96 1.30 0.82
N PHE D 188 -26.88 0.11 1.42
CA PHE D 188 -27.46 -0.22 2.72
C PHE D 188 -26.41 -0.95 3.55
N ARG D 189 -26.30 -0.57 4.83
CA ARG D 189 -25.26 -1.12 5.68
C ARG D 189 -25.74 -1.25 7.12
N ILE D 190 -24.88 -1.84 7.97
CA ILE D 190 -25.02 -1.92 9.42
C ILE D 190 -26.36 -2.53 9.81
N PRO D 191 -26.53 -3.84 9.75
CA PRO D 191 -27.84 -4.44 10.01
C PRO D 191 -28.11 -4.72 11.48
N GLY D 192 -29.40 -4.61 11.82
CA GLY D 192 -29.89 -5.11 13.09
C GLY D 192 -31.15 -5.92 12.84
N LEU D 193 -31.42 -6.85 13.75
CA LEU D 193 -32.53 -7.78 13.54
C LEU D 193 -33.07 -8.31 14.86
N VAL D 194 -34.40 -8.27 15.01
CA VAL D 194 -35.09 -8.84 16.16
C VAL D 194 -36.40 -9.48 15.73
N THR D 195 -36.94 -10.30 16.63
CA THR D 195 -38.23 -10.96 16.50
C THR D 195 -39.11 -10.47 17.64
N THR D 196 -40.27 -9.90 17.30
CA THR D 196 -41.15 -9.37 18.34
C THR D 196 -41.81 -10.52 19.11
N ASN D 197 -42.55 -10.16 20.17
CA ASN D 197 -43.31 -11.15 20.91
C ASN D 197 -44.36 -11.83 20.05
N LYS D 198 -44.77 -11.18 18.95
CA LYS D 198 -45.76 -11.73 18.04
C LYS D 198 -45.14 -12.51 16.89
N GLY D 199 -43.82 -12.73 16.94
CA GLY D 199 -43.13 -13.44 15.88
C GLY D 199 -42.76 -12.61 14.66
N THR D 200 -43.01 -11.30 14.68
CA THR D 200 -42.72 -10.43 13.56
C THR D 200 -41.23 -10.12 13.48
N LEU D 201 -40.68 -10.18 12.28
CA LEU D 201 -39.26 -9.89 12.07
C LEU D 201 -39.07 -8.43 11.69
N LEU D 202 -38.16 -7.75 12.39
CA LEU D 202 -37.85 -6.35 12.14
C LEU D 202 -36.36 -6.21 11.91
N GLY D 203 -35.97 -5.81 10.70
CA GLY D 203 -34.57 -5.59 10.35
C GLY D 203 -34.34 -4.12 10.07
N VAL D 204 -33.32 -3.57 10.74
CA VAL D 204 -32.94 -2.17 10.58
C VAL D 204 -31.58 -2.09 9.87
N TYR D 205 -31.29 -0.92 9.31
CA TYR D 205 -30.06 -0.71 8.56
C TYR D 205 -29.91 0.77 8.22
N ASP D 206 -28.67 1.16 7.90
CA ASP D 206 -28.41 2.46 7.28
C ASP D 206 -28.96 2.46 5.86
N VAL D 207 -29.67 3.52 5.49
CA VAL D 207 -29.98 3.83 4.10
C VAL D 207 -28.97 4.89 3.68
N ARG D 208 -27.93 4.47 2.95
CA ARG D 208 -26.83 5.37 2.57
C ARG D 208 -27.02 5.80 1.12
N TYR D 209 -27.63 6.97 0.93
CA TYR D 209 -28.20 7.33 -0.37
C TYR D 209 -27.13 7.64 -1.39
N ASN D 210 -26.08 8.36 -1.01
CA ASN D 210 -25.10 8.85 -1.98
C ASN D 210 -24.00 7.83 -2.26
N SER D 211 -23.55 7.11 -1.24
CA SER D 211 -22.47 6.15 -1.42
C SER D 211 -22.46 5.24 -0.21
N SER D 212 -21.47 4.35 -0.17
CA SER D 212 -21.31 3.43 0.94
C SER D 212 -20.55 4.04 2.11
N VAL D 213 -20.14 5.28 2.04
CA VAL D 213 -19.22 5.82 3.03
C VAL D 213 -19.95 6.12 4.33
N ASP D 214 -19.22 6.03 5.44
CA ASP D 214 -19.77 6.25 6.76
C ASP D 214 -20.24 7.70 6.93
N LEU D 215 -21.01 7.90 8.01
CA LEU D 215 -21.30 9.25 8.47
C LEU D 215 -20.00 10.05 8.59
N GLN D 216 -20.05 11.34 8.28
CA GLN D 216 -21.26 12.07 7.98
C GLN D 216 -21.66 11.98 6.52
N GLU D 217 -22.97 11.89 6.27
CA GLU D 217 -23.52 11.87 4.92
C GLU D 217 -25.06 11.85 4.97
N TYR D 218 -25.70 11.84 3.80
CA TYR D 218 -27.14 11.69 3.69
C TYR D 218 -27.51 10.25 4.03
N VAL D 219 -27.85 10.00 5.30
CA VAL D 219 -28.11 8.66 5.80
C VAL D 219 -29.37 8.69 6.66
N ASP D 220 -30.28 7.75 6.40
CA ASP D 220 -31.43 7.47 7.26
C ASP D 220 -31.27 6.09 7.89
N VAL D 221 -32.09 5.83 8.91
CA VAL D 221 -32.25 4.49 9.45
C VAL D 221 -33.56 3.93 8.88
N GLY D 222 -33.46 2.86 8.10
CA GLY D 222 -34.62 2.23 7.50
C GLY D 222 -34.94 0.92 8.19
N LEU D 223 -36.11 0.38 7.87
CA LEU D 223 -36.60 -0.82 8.53
C LEU D 223 -37.49 -1.63 7.58
N SER D 224 -37.23 -2.94 7.53
CA SER D 224 -38.04 -3.89 6.79
C SER D 224 -38.75 -4.81 7.79
N ARG D 225 -40.03 -5.09 7.52
CA ARG D 225 -40.90 -5.81 8.44
C ARG D 225 -41.49 -7.02 7.74
N SER D 226 -41.43 -8.18 8.39
CA SER D 226 -41.92 -9.41 7.83
C SER D 226 -42.84 -10.10 8.83
N THR D 227 -44.00 -10.54 8.35
CA THR D 227 -44.99 -11.22 9.18
C THR D 227 -45.06 -12.71 8.88
N ASP D 228 -44.17 -13.23 8.05
CA ASP D 228 -44.19 -14.63 7.65
C ASP D 228 -42.83 -15.27 7.81
N GLY D 229 -42.11 -14.89 8.87
CA GLY D 229 -40.83 -15.51 9.14
C GLY D 229 -39.73 -15.16 8.16
N GLY D 230 -39.88 -14.06 7.44
CA GLY D 230 -38.84 -13.58 6.55
C GLY D 230 -38.97 -13.99 5.10
N GLU D 231 -40.06 -14.66 4.73
CA GLU D 231 -40.24 -15.03 3.32
C GLU D 231 -40.58 -13.79 2.49
N THR D 232 -41.33 -12.85 3.08
CA THR D 232 -41.65 -11.59 2.42
C THR D 232 -41.45 -10.45 3.41
N TRP D 233 -41.21 -9.26 2.87
CA TRP D 233 -40.88 -8.09 3.66
C TRP D 233 -41.71 -6.92 3.16
N GLU D 234 -42.19 -6.11 4.10
CA GLU D 234 -43.02 -4.97 3.78
C GLU D 234 -42.14 -3.82 3.28
N LYS D 235 -42.78 -2.90 2.55
CA LYS D 235 -42.12 -1.71 2.05
C LYS D 235 -41.34 -1.01 3.16
N MET D 236 -40.15 -0.53 2.80
CA MET D 236 -39.25 0.05 3.77
C MET D 236 -39.89 1.25 4.46
N ARG D 237 -39.74 1.30 5.78
CA ARG D 237 -40.09 2.45 6.60
C ARG D 237 -38.81 3.18 6.99
N LEU D 238 -38.96 4.39 7.52
CA LEU D 238 -37.82 5.21 7.93
C LEU D 238 -38.00 5.65 9.39
N PRO D 239 -37.72 4.77 10.34
CA PRO D 239 -37.91 5.13 11.75
C PRO D 239 -37.12 6.35 12.20
N LEU D 240 -35.98 6.66 11.56
CA LEU D 240 -35.23 7.85 11.92
C LEU D 240 -34.70 8.54 10.68
N SER D 241 -34.97 9.83 10.57
CA SER D 241 -34.46 10.68 9.51
C SER D 241 -34.65 12.12 9.96
N PHE D 242 -33.66 12.96 9.68
CA PHE D 242 -33.68 14.33 10.17
C PHE D 242 -33.65 15.38 9.07
N GLY D 243 -33.58 14.98 7.82
CA GLY D 243 -33.69 15.92 6.72
C GLY D 243 -32.79 17.12 6.89
N GLU D 244 -33.37 18.29 6.61
CA GLU D 244 -32.64 19.57 6.65
C GLU D 244 -32.79 20.27 7.99
N TYR D 245 -32.67 19.52 9.09
CA TYR D 245 -32.83 20.10 10.41
C TYR D 245 -31.86 21.27 10.60
N GLY D 246 -32.36 22.34 11.20
CA GLY D 246 -31.52 23.49 11.44
C GLY D 246 -31.16 24.27 10.20
N GLY D 247 -31.77 23.96 9.06
CA GLY D 247 -31.43 24.59 7.81
C GLY D 247 -30.24 24.00 7.08
N LEU D 248 -29.59 22.99 7.64
CA LEU D 248 -28.41 22.43 6.99
C LEU D 248 -28.81 21.35 6.00
N PRO D 249 -27.95 21.07 5.02
CA PRO D 249 -28.30 20.08 3.99
C PRO D 249 -28.56 18.71 4.59
N LYS D 250 -29.31 17.89 3.84
CA LYS D 250 -29.60 16.53 4.30
C LYS D 250 -28.31 15.76 4.58
N ALA D 251 -27.28 15.94 3.76
CA ALA D 251 -26.04 15.20 3.94
C ALA D 251 -25.24 15.68 5.16
N GLN D 252 -25.67 16.76 5.79
CA GLN D 252 -25.14 17.17 7.08
C GLN D 252 -26.17 16.97 8.19
N ASN D 253 -26.84 15.83 8.13
CA ASN D 253 -27.90 15.48 9.09
C ASN D 253 -28.08 13.98 9.19
N GLY D 254 -27.10 13.17 8.80
CA GLY D 254 -27.30 11.74 8.77
C GLY D 254 -27.50 11.15 10.15
N VAL D 255 -28.15 9.98 10.15
CA VAL D 255 -28.37 9.19 11.35
C VAL D 255 -28.17 7.73 10.97
N GLY D 256 -27.41 6.99 11.76
CA GLY D 256 -27.09 5.64 11.36
C GLY D 256 -26.54 4.80 12.49
N ASP D 257 -25.95 3.64 12.12
CA ASP D 257 -25.41 2.64 13.02
C ASP D 257 -26.50 2.17 13.98
N PRO D 258 -27.64 1.75 13.47
CA PRO D 258 -28.79 1.48 14.35
C PRO D 258 -28.56 0.28 15.25
N SER D 259 -29.21 0.32 16.41
CA SER D 259 -29.36 -0.83 17.30
C SER D 259 -30.81 -0.91 17.74
N ILE D 260 -31.36 -2.12 17.71
CA ILE D 260 -32.78 -2.33 17.97
C ILE D 260 -32.95 -3.40 19.04
N LEU D 261 -33.93 -3.21 19.91
CA LEU D 261 -34.30 -4.24 20.87
C LEU D 261 -35.81 -4.31 21.03
N VAL D 262 -36.28 -5.48 21.44
CA VAL D 262 -37.67 -5.72 21.80
C VAL D 262 -37.76 -5.80 23.30
N ASP D 263 -38.54 -4.89 23.90
CA ASP D 263 -38.89 -4.98 25.32
C ASP D 263 -39.89 -6.11 25.48
N THR D 264 -39.40 -7.28 25.91
CA THR D 264 -40.23 -8.48 25.92
C THR D 264 -41.35 -8.42 26.97
N LYS D 265 -41.25 -7.52 27.96
CA LYS D 265 -42.29 -7.41 28.96
C LYS D 265 -43.56 -6.79 28.38
N THR D 266 -43.42 -5.98 27.32
CA THR D 266 -44.55 -5.23 26.78
C THR D 266 -44.66 -5.29 25.26
N ASN D 267 -43.65 -5.79 24.55
CA ASN D 267 -43.56 -5.80 23.09
C ASN D 267 -43.32 -4.41 22.50
N THR D 268 -43.00 -3.43 23.32
CA THR D 268 -42.50 -2.16 22.80
C THR D 268 -41.12 -2.37 22.16
N VAL D 269 -40.92 -1.80 20.98
CA VAL D 269 -39.68 -1.93 20.22
C VAL D 269 -38.94 -0.61 20.25
N TRP D 270 -37.62 -0.67 20.45
CA TRP D 270 -36.78 0.52 20.54
C TRP D 270 -35.67 0.49 19.50
N ILE D 271 -35.38 1.66 18.93
CA ILE D 271 -34.26 1.85 18.02
C ILE D 271 -33.46 3.04 18.52
N VAL D 272 -32.17 2.84 18.72
CA VAL D 272 -31.25 3.94 19.06
C VAL D 272 -30.27 4.08 17.91
N ALA D 273 -29.91 5.33 17.59
CA ALA D 273 -29.01 5.61 16.49
C ALA D 273 -28.30 6.91 16.76
N ALA D 274 -27.22 7.17 16.01
CA ALA D 274 -26.38 8.34 16.20
C ALA D 274 -26.66 9.33 15.09
N TRP D 275 -27.02 10.56 15.49
CA TRP D 275 -27.36 11.64 14.57
C TRP D 275 -26.22 12.63 14.55
N THR D 276 -25.63 12.83 13.38
CA THR D 276 -24.54 13.77 13.17
C THR D 276 -25.06 15.01 12.46
N HIS D 277 -24.77 16.18 13.04
CA HIS D 277 -25.25 17.47 12.55
C HIS D 277 -24.03 18.29 12.14
N GLY D 278 -24.04 18.78 10.91
CA GLY D 278 -22.91 19.56 10.41
C GLY D 278 -21.76 18.68 9.95
N MET D 279 -20.54 19.05 10.35
CA MET D 279 -19.33 18.26 10.13
C MET D 279 -18.93 18.17 8.66
N GLY D 280 -19.37 19.11 7.83
CA GLY D 280 -19.00 19.07 6.43
C GLY D 280 -19.34 17.72 5.84
N ASN D 281 -18.46 17.23 4.96
CA ASN D 281 -18.56 15.90 4.37
C ASN D 281 -17.50 14.97 4.94
N GLN D 282 -17.08 15.23 6.17
CA GLN D 282 -16.03 14.44 6.80
C GLN D 282 -16.63 13.32 7.64
N ARG D 283 -15.77 12.41 8.07
CA ARG D 283 -16.21 11.27 8.84
C ARG D 283 -16.46 11.66 10.29
N ALA D 284 -17.58 11.19 10.84
CA ALA D 284 -17.96 11.56 12.20
C ALA D 284 -16.97 11.01 13.23
N TRP D 285 -16.30 9.91 12.91
CA TRP D 285 -15.32 9.34 13.82
C TRP D 285 -14.26 10.37 14.21
N TRP D 286 -13.94 11.30 13.31
CA TRP D 286 -12.96 12.35 13.57
C TRP D 286 -13.60 13.72 13.76
N SER D 287 -14.86 13.89 13.39
CA SER D 287 -15.49 15.21 13.39
C SER D 287 -16.34 15.48 14.63
N SER D 288 -16.84 14.45 15.30
CA SER D 288 -17.52 14.64 16.57
C SER D 288 -16.49 15.07 17.62
N HIS D 289 -16.82 16.11 18.37
CA HIS D 289 -15.91 16.70 19.35
C HIS D 289 -16.57 16.84 20.70
N PRO D 290 -15.79 17.17 21.73
CA PRO D 290 -16.37 17.37 23.07
C PRO D 290 -17.47 18.42 23.04
N GLY D 291 -18.37 18.32 24.02
CA GLY D 291 -19.55 19.12 24.12
C GLY D 291 -20.75 18.23 24.32
N MET D 292 -21.94 18.81 24.12
CA MET D 292 -23.17 18.07 24.29
C MET D 292 -24.25 18.41 23.27
N ASP D 293 -24.25 19.59 22.67
CA ASP D 293 -25.28 19.92 21.70
C ASP D 293 -24.87 19.45 20.30
N MET D 294 -25.84 19.49 19.39
CA MET D 294 -25.63 18.94 18.06
C MET D 294 -24.54 19.66 17.28
N ASN D 295 -24.31 20.94 17.58
CA ASN D 295 -23.29 21.70 16.86
C ASN D 295 -21.88 21.30 17.26
N HIS D 296 -21.71 20.42 18.25
CA HIS D 296 -20.39 20.00 18.69
C HIS D 296 -20.16 18.50 18.62
N THR D 297 -21.20 17.68 18.86
CA THR D 297 -20.99 16.25 19.09
C THR D 297 -22.21 15.49 18.59
N ALA D 298 -21.98 14.23 18.22
CA ALA D 298 -23.06 13.37 17.76
C ALA D 298 -24.11 13.20 18.85
N GLN D 299 -25.37 13.08 18.42
CA GLN D 299 -26.51 13.01 19.33
C GLN D 299 -27.07 11.59 19.34
N LEU D 300 -27.39 11.11 20.54
CA LEU D 300 -27.92 9.77 20.74
C LEU D 300 -29.45 9.85 20.75
N MET D 301 -30.07 9.35 19.69
CA MET D 301 -31.50 9.51 19.46
C MET D 301 -32.18 8.16 19.52
N MET D 302 -33.39 8.13 20.09
CA MET D 302 -34.13 6.90 20.28
C MET D 302 -35.58 7.08 19.85
N VAL D 303 -36.11 6.06 19.17
CA VAL D 303 -37.53 6.01 18.81
C VAL D 303 -38.10 4.71 19.35
N LYS D 304 -39.42 4.69 19.52
CA LYS D 304 -40.10 3.49 19.99
C LYS D 304 -41.34 3.24 19.14
N SER D 305 -41.75 1.98 19.14
CA SER D 305 -42.97 1.56 18.48
C SER D 305 -43.79 0.74 19.46
N THR D 306 -45.06 1.09 19.61
CA THR D 306 -45.98 0.35 20.46
C THR D 306 -47.00 -0.43 19.63
N ASP D 307 -46.85 -0.49 18.32
CA ASP D 307 -47.74 -1.24 17.45
C ASP D 307 -46.97 -2.26 16.61
N ASP D 308 -46.03 -2.98 17.24
CA ASP D 308 -45.35 -4.11 16.61
C ASP D 308 -44.50 -3.67 15.42
N GLY D 309 -43.98 -2.45 15.47
CA GLY D 309 -43.05 -1.97 14.47
C GLY D 309 -43.67 -1.24 13.29
N LYS D 310 -44.99 -1.11 13.24
CA LYS D 310 -45.62 -0.53 12.06
C LYS D 310 -45.42 0.98 11.99
N THR D 311 -45.47 1.67 13.11
CA THR D 311 -45.24 3.12 13.13
C THR D 311 -44.30 3.46 14.27
N TRP D 312 -43.71 4.65 14.20
CA TRP D 312 -42.58 5.02 15.03
C TRP D 312 -42.73 6.44 15.54
N SER D 313 -42.31 6.64 16.79
CA SER D 313 -42.41 7.93 17.42
C SER D 313 -41.44 8.91 16.80
N GLU D 314 -41.54 10.15 17.25
CA GLU D 314 -40.54 11.16 16.90
C GLU D 314 -39.31 10.96 17.77
N PRO D 315 -38.11 11.17 17.21
CA PRO D 315 -36.89 10.94 17.99
C PRO D 315 -36.86 11.65 19.33
N ILE D 316 -36.28 10.97 20.31
CA ILE D 316 -36.03 11.51 21.64
C ILE D 316 -34.52 11.63 21.80
N ASN D 317 -34.05 12.81 22.20
CA ASN D 317 -32.63 13.04 22.39
C ASN D 317 -32.25 12.65 23.81
N ILE D 318 -31.58 11.51 23.96
CA ILE D 318 -31.18 11.02 25.26
C ILE D 318 -29.70 11.30 25.53
N THR D 319 -29.07 12.16 24.72
CA THR D 319 -27.65 12.42 24.88
C THR D 319 -27.30 12.84 26.31
N GLU D 320 -28.06 13.79 26.84
CA GLU D 320 -27.73 14.36 28.15
C GLU D 320 -27.83 13.34 29.28
N GLN D 321 -28.61 12.28 29.09
CA GLN D 321 -28.79 11.31 30.17
C GLN D 321 -27.53 10.47 30.38
N VAL D 322 -26.70 10.30 29.35
CA VAL D 322 -25.64 9.29 29.39
C VAL D 322 -24.28 9.81 28.99
N LYS D 323 -24.16 10.94 28.29
CA LYS D 323 -22.88 11.33 27.72
C LYS D 323 -22.10 12.23 28.68
N ASP D 324 -20.87 11.83 28.98
CA ASP D 324 -19.93 12.71 29.66
C ASP D 324 -19.44 13.78 28.69
N PRO D 325 -19.53 15.06 29.05
CA PRO D 325 -19.15 16.11 28.09
C PRO D 325 -17.71 16.01 27.59
N SER D 326 -16.80 15.37 28.34
CA SER D 326 -15.42 15.28 27.89
C SER D 326 -15.24 14.33 26.72
N TRP D 327 -16.25 13.51 26.43
CA TRP D 327 -16.16 12.51 25.37
C TRP D 327 -16.23 13.15 23.99
N TYR D 328 -15.44 12.61 23.06
CA TYR D 328 -15.51 13.08 21.67
C TYR D 328 -16.77 12.59 20.95
N PHE D 329 -17.22 11.38 21.27
CA PHE D 329 -18.20 10.68 20.45
C PHE D 329 -18.81 9.57 21.28
N LEU D 330 -20.10 9.64 21.52
CA LEU D 330 -20.83 8.55 22.15
C LEU D 330 -21.88 8.02 21.20
N LEU D 331 -21.94 6.70 21.04
CA LEU D 331 -22.98 6.11 20.23
C LEU D 331 -23.26 4.70 20.70
N GLN D 332 -24.37 4.15 20.23
CA GLN D 332 -24.72 2.77 20.51
C GLN D 332 -23.79 1.82 19.79
N GLY D 333 -23.82 0.55 20.21
CA GLY D 333 -23.21 -0.52 19.46
C GLY D 333 -24.20 -1.04 18.44
N PRO D 334 -23.81 -1.08 17.16
CA PRO D 334 -24.78 -1.45 16.12
C PRO D 334 -25.22 -2.89 16.24
N GLY D 335 -26.44 -3.15 15.79
CA GLY D 335 -27.01 -4.47 15.86
C GLY D 335 -28.29 -4.50 16.69
N ARG D 336 -28.25 -5.16 17.84
CA ARG D 336 -29.44 -5.31 18.67
C ARG D 336 -29.06 -5.16 20.14
N GLY D 337 -30.10 -5.06 20.97
CA GLY D 337 -29.96 -5.07 22.41
C GLY D 337 -30.82 -6.15 23.01
N ILE D 338 -31.17 -6.07 24.30
CA ILE D 338 -31.85 -7.16 24.99
C ILE D 338 -32.76 -6.65 26.09
N THR D 339 -33.64 -7.53 26.56
CA THR D 339 -34.33 -7.39 27.84
C THR D 339 -33.81 -8.45 28.79
N MET D 340 -33.28 -8.02 29.94
CA MET D 340 -32.86 -8.99 30.95
C MET D 340 -34.07 -9.65 31.60
N SER D 341 -33.81 -10.77 32.28
CA SER D 341 -34.87 -11.50 32.95
C SER D 341 -35.67 -10.60 33.88
N ASP D 342 -35.01 -9.69 34.58
CA ASP D 342 -35.68 -8.82 35.54
C ASP D 342 -36.32 -7.58 34.89
N GLY D 343 -36.31 -7.49 33.57
CA GLY D 343 -36.95 -6.39 32.88
C GLY D 343 -36.05 -5.25 32.49
N THR D 344 -34.80 -5.24 32.93
CA THR D 344 -33.87 -4.21 32.49
C THR D 344 -33.65 -4.32 30.98
N LEU D 345 -33.74 -3.18 30.30
CA LEU D 345 -33.36 -3.09 28.89
C LEU D 345 -31.92 -2.62 28.82
N VAL D 346 -31.17 -3.20 27.88
CA VAL D 346 -29.73 -2.93 27.77
C VAL D 346 -29.36 -2.73 26.31
N PHE D 347 -28.62 -1.65 26.03
CA PHE D 347 -28.02 -1.42 24.73
C PHE D 347 -26.50 -1.39 24.88
N PRO D 348 -25.75 -2.17 24.10
CA PRO D 348 -24.30 -1.94 24.00
C PRO D 348 -24.02 -0.51 23.59
N THR D 349 -22.84 -0.02 23.97
CA THR D 349 -22.45 1.35 23.67
C THR D 349 -20.95 1.42 23.43
N GLN D 350 -20.51 2.58 22.96
CA GLN D 350 -19.09 2.84 22.73
C GLN D 350 -18.87 4.35 22.77
N PHE D 351 -17.81 4.77 23.44
CA PHE D 351 -17.48 6.19 23.47
C PHE D 351 -15.99 6.41 23.22
N ILE D 352 -15.68 7.50 22.53
CA ILE D 352 -14.31 7.97 22.35
C ILE D 352 -14.02 8.95 23.48
N ASP D 353 -13.05 8.61 24.32
CA ASP D 353 -12.80 9.43 25.51
C ASP D 353 -11.93 10.62 25.16
N SER D 354 -11.63 11.44 26.18
CA SER D 354 -10.93 12.70 25.96
C SER D 354 -9.57 12.51 25.31
N THR D 355 -9.00 11.31 25.40
CA THR D 355 -7.71 11.00 24.78
C THR D 355 -7.88 10.39 23.39
N ARG D 356 -9.09 10.40 22.83
CA ARG D 356 -9.37 9.90 21.49
C ARG D 356 -9.20 8.38 21.38
N ILE D 357 -9.44 7.66 22.46
CA ILE D 357 -9.42 6.20 22.47
C ILE D 357 -10.86 5.72 22.65
N PRO D 358 -11.31 4.74 21.87
CA PRO D 358 -12.68 4.23 22.04
C PRO D 358 -12.71 3.10 23.06
N ASN D 359 -13.85 3.02 23.76
CA ASN D 359 -14.04 2.03 24.80
C ASN D 359 -15.49 1.58 24.77
N ALA D 360 -15.70 0.26 24.79
CA ALA D 360 -17.04 -0.28 24.75
C ALA D 360 -17.64 -0.39 26.16
N GLY D 361 -18.97 -0.43 26.22
CA GLY D 361 -19.70 -0.61 27.45
C GLY D 361 -21.16 -0.89 27.19
N ILE D 362 -22.02 -0.56 28.16
CA ILE D 362 -23.46 -0.74 28.02
C ILE D 362 -24.18 0.40 28.72
N MET D 363 -25.40 0.68 28.24
CA MET D 363 -26.36 1.52 28.91
C MET D 363 -27.60 0.68 29.20
N TYR D 364 -28.37 1.09 30.21
CA TYR D 364 -29.49 0.28 30.68
C TYR D 364 -30.61 1.18 31.17
N SER D 365 -31.84 0.67 31.07
CA SER D 365 -33.02 1.34 31.57
C SER D 365 -33.83 0.38 32.42
N LYS D 366 -34.19 0.81 33.63
CA LYS D 366 -35.05 0.03 34.51
C LYS D 366 -36.49 0.54 34.52
N ASP D 367 -36.82 1.54 33.72
CA ASP D 367 -38.15 2.12 33.68
C ASP D 367 -38.75 2.06 32.28
N ARG D 368 -38.49 0.96 31.59
CA ARG D 368 -39.14 0.64 30.31
C ARG D 368 -38.69 1.57 29.19
N GLY D 369 -37.51 2.16 29.32
CA GLY D 369 -36.94 2.98 28.27
C GLY D 369 -37.09 4.46 28.48
N LYS D 370 -37.64 4.90 29.61
CA LYS D 370 -37.84 6.34 29.78
C LYS D 370 -36.57 7.06 30.19
N THR D 371 -35.68 6.38 30.91
CA THR D 371 -34.40 6.93 31.32
C THR D 371 -33.32 5.86 31.13
N TRP D 372 -32.13 6.28 30.72
CA TRP D 372 -31.00 5.40 30.45
C TRP D 372 -29.78 5.88 31.23
N LYS D 373 -28.87 4.96 31.53
CA LYS D 373 -27.69 5.28 32.33
C LYS D 373 -26.48 4.44 31.92
N MET D 374 -25.29 5.01 32.05
CA MET D 374 -24.02 4.34 31.76
C MET D 374 -23.12 4.43 32.98
N HIS D 375 -22.53 3.30 33.38
CA HIS D 375 -21.71 3.25 34.60
C HIS D 375 -20.21 3.37 34.32
N ASN D 376 -19.62 2.42 33.59
CA ASN D 376 -18.18 2.42 33.34
C ASN D 376 -17.88 1.58 32.11
N MET D 377 -16.75 1.86 31.47
CA MET D 377 -16.35 1.10 30.29
C MET D 377 -15.95 -0.32 30.66
N ALA D 378 -16.07 -1.22 29.69
CA ALA D 378 -15.65 -2.61 29.90
C ALA D 378 -14.17 -2.85 29.59
N ARG D 379 -13.59 -2.11 28.66
CA ARG D 379 -12.23 -2.39 28.20
C ARG D 379 -11.79 -1.27 27.27
N THR D 380 -10.52 -0.88 27.37
CA THR D 380 -10.00 0.19 26.54
C THR D 380 -9.76 -0.29 25.11
N ASN D 381 -9.82 0.66 24.17
CA ASN D 381 -9.49 0.42 22.77
C ASN D 381 -10.35 -0.69 22.17
N THR D 382 -11.63 -0.69 22.52
CA THR D 382 -12.64 -1.53 21.91
C THR D 382 -13.74 -0.64 21.36
N THR D 383 -14.48 -1.14 20.37
CA THR D 383 -15.52 -0.32 19.76
C THR D 383 -16.87 -1.04 19.77
N GLU D 384 -17.22 -1.66 18.65
CA GLU D 384 -18.57 -2.23 18.51
C GLU D 384 -18.70 -3.48 19.35
N ALA D 385 -19.80 -3.59 20.08
CA ALA D 385 -20.04 -4.76 20.91
C ALA D 385 -21.51 -5.15 20.88
N GLN D 386 -21.75 -6.41 21.22
CA GLN D 386 -23.07 -6.95 21.49
C GLN D 386 -23.04 -7.59 22.87
N VAL D 387 -24.21 -7.67 23.50
CA VAL D 387 -24.34 -8.11 24.89
C VAL D 387 -25.39 -9.19 24.98
N VAL D 388 -25.22 -10.07 25.97
CA VAL D 388 -26.22 -11.08 26.27
C VAL D 388 -26.23 -11.34 27.78
N GLU D 389 -27.36 -11.84 28.27
CA GLU D 389 -27.50 -12.26 29.67
C GLU D 389 -27.12 -13.74 29.72
N ILE D 390 -25.86 -14.02 30.09
CA ILE D 390 -25.35 -15.38 29.99
C ILE D 390 -25.81 -16.23 31.19
N GLU D 391 -26.06 -15.60 32.32
CA GLU D 391 -26.76 -16.18 33.46
C GLU D 391 -27.70 -15.11 34.00
N PRO D 392 -28.76 -15.52 34.72
CA PRO D 392 -29.63 -14.51 35.34
C PRO D 392 -28.84 -13.47 36.11
N GLY D 393 -28.96 -12.20 35.71
CA GLY D 393 -28.23 -11.12 36.35
C GLY D 393 -26.78 -10.95 35.93
N VAL D 394 -26.29 -11.73 34.98
CA VAL D 394 -24.89 -11.69 34.56
C VAL D 394 -24.85 -11.36 33.08
N LEU D 395 -24.29 -10.19 32.73
CA LEU D 395 -24.17 -9.76 31.35
C LEU D 395 -22.79 -10.06 30.79
N MET D 396 -22.75 -10.53 29.55
CA MET D 396 -21.53 -10.79 28.80
C MET D 396 -21.44 -9.83 27.62
N LEU D 397 -20.34 -9.10 27.53
CA LEU D 397 -20.11 -8.15 26.43
C LEU D 397 -18.99 -8.65 25.52
N ASN D 398 -19.29 -8.71 24.22
CA ASN D 398 -18.42 -9.30 23.20
C ASN D 398 -18.02 -8.20 22.23
N MET D 399 -16.72 -7.88 22.15
CA MET D 399 -16.27 -6.60 21.65
C MET D 399 -15.30 -6.70 20.48
N ARG D 400 -15.49 -5.82 19.50
CA ARG D 400 -14.50 -5.55 18.45
C ARG D 400 -13.28 -4.86 19.07
N ASP D 401 -12.11 -5.47 18.92
CA ASP D 401 -10.91 -5.04 19.64
C ASP D 401 -9.87 -4.53 18.64
N ASN D 402 -9.44 -3.28 18.82
CA ASN D 402 -8.50 -2.65 17.89
C ASN D 402 -7.10 -3.23 17.97
N ARG D 403 -6.83 -4.08 18.97
CA ARG D 403 -5.56 -4.79 18.99
C ARG D 403 -5.48 -5.79 17.84
N GLY D 404 -6.62 -6.28 17.38
CA GLY D 404 -6.65 -7.12 16.20
C GLY D 404 -6.64 -8.60 16.53
N GLY D 405 -7.28 -9.38 15.66
CA GLY D 405 -7.16 -10.82 15.66
C GLY D 405 -8.27 -11.56 16.38
N SER D 406 -8.87 -10.96 17.42
CA SER D 406 -9.84 -11.72 18.19
C SER D 406 -10.74 -10.82 19.04
N ARG D 407 -11.93 -11.33 19.30
CA ARG D 407 -12.91 -10.61 20.10
C ARG D 407 -12.51 -10.59 21.56
N ALA D 408 -12.70 -9.44 22.20
CA ALA D 408 -12.61 -9.32 23.66
C ALA D 408 -13.96 -9.66 24.29
N VAL D 409 -13.92 -10.32 25.45
CA VAL D 409 -15.14 -10.76 26.13
C VAL D 409 -15.01 -10.43 27.62
N SER D 410 -16.03 -9.74 28.15
CA SER D 410 -16.03 -9.33 29.55
C SER D 410 -17.40 -9.55 30.17
N ILE D 411 -17.42 -9.64 31.50
CA ILE D 411 -18.62 -9.97 32.27
C ILE D 411 -18.86 -8.86 33.30
N THR D 412 -20.14 -8.56 33.53
CA THR D 412 -20.51 -7.64 34.60
C THR D 412 -21.77 -8.12 35.30
N LYS D 413 -21.73 -8.10 36.64
CA LYS D 413 -22.88 -8.49 37.44
C LYS D 413 -23.59 -7.29 38.04
N ASP D 414 -23.16 -6.07 37.70
CA ASP D 414 -23.70 -4.85 38.29
C ASP D 414 -23.96 -3.81 37.22
N LEU D 415 -24.43 -4.27 36.06
CA LEU D 415 -24.83 -3.38 34.96
C LEU D 415 -23.71 -2.43 34.56
N GLY D 416 -22.47 -2.90 34.67
CA GLY D 416 -21.33 -2.14 34.18
C GLY D 416 -20.57 -1.32 35.20
N LYS D 417 -20.86 -1.51 36.49
CA LYS D 417 -20.11 -0.78 37.51
C LYS D 417 -18.68 -1.31 37.62
N SER D 418 -18.52 -2.62 37.48
CA SER D 418 -17.24 -3.29 37.53
C SER D 418 -17.28 -4.43 36.52
N TRP D 419 -16.12 -4.76 35.94
CA TRP D 419 -16.07 -5.75 34.88
C TRP D 419 -15.04 -6.82 35.16
N THR D 420 -15.27 -8.01 34.61
CA THR D 420 -14.35 -9.13 34.68
C THR D 420 -14.04 -9.62 33.28
N GLU D 421 -12.78 -9.96 33.02
CA GLU D 421 -12.41 -10.54 31.73
C GLU D 421 -12.85 -12.00 31.70
N HIS D 422 -13.60 -12.37 30.66
CA HIS D 422 -14.08 -13.73 30.50
C HIS D 422 -12.96 -14.65 30.02
N ALA D 423 -13.09 -15.93 30.36
CA ALA D 423 -12.06 -16.90 30.00
C ALA D 423 -11.88 -17.01 28.50
N SER D 424 -12.91 -16.75 27.71
CA SER D 424 -12.78 -16.88 26.27
C SER D 424 -12.12 -15.65 25.64
N SER D 425 -11.86 -14.60 26.42
CA SER D 425 -11.51 -13.32 25.84
C SER D 425 -10.18 -13.40 25.10
N ARG D 426 -10.13 -12.74 23.94
CA ARG D 426 -8.91 -12.63 23.15
C ARG D 426 -8.28 -13.98 22.89
N LYS D 427 -9.09 -15.03 22.86
CA LYS D 427 -8.56 -16.32 22.45
C LYS D 427 -9.45 -17.07 21.46
N ALA D 428 -10.72 -17.24 21.82
CA ALA D 428 -11.53 -18.29 21.22
C ALA D 428 -12.22 -17.83 19.95
N LEU D 429 -12.55 -16.55 19.84
CA LEU D 429 -13.30 -16.04 18.69
C LEU D 429 -12.44 -15.07 17.90
N ASN D 430 -11.93 -15.53 16.75
CA ASN D 430 -11.14 -14.73 15.84
C ASN D 430 -12.01 -13.76 15.06
N GLU D 431 -11.42 -12.61 14.71
CA GLU D 431 -12.12 -11.61 13.92
C GLU D 431 -11.11 -10.80 13.13
N PRO D 432 -11.55 -10.17 12.02
CA PRO D 432 -10.67 -9.23 11.31
C PRO D 432 -10.83 -7.80 11.79
N VAL D 433 -11.43 -7.61 12.97
CA VAL D 433 -11.76 -6.29 13.51
C VAL D 433 -12.97 -5.78 12.75
N CYS D 434 -14.16 -6.16 13.21
CA CYS D 434 -15.39 -6.01 12.44
C CYS D 434 -16.55 -6.18 13.42
N MET D 435 -17.73 -5.75 13.02
CA MET D 435 -18.91 -6.00 13.83
C MET D 435 -19.17 -7.50 13.91
N ALA D 436 -19.59 -7.95 15.08
CA ALA D 436 -19.99 -9.34 15.28
C ALA D 436 -21.28 -9.36 16.11
N SER D 437 -22.11 -10.35 15.85
CA SER D 437 -23.39 -10.52 16.52
C SER D 437 -23.31 -11.66 17.54
N LEU D 438 -23.87 -11.41 18.72
CA LEU D 438 -23.98 -12.41 19.78
C LEU D 438 -25.42 -12.50 20.23
N LEU D 439 -25.92 -13.72 20.38
CA LEU D 439 -27.31 -13.91 20.79
C LEU D 439 -27.42 -15.18 21.62
N ASN D 440 -28.02 -15.06 22.81
CA ASN D 440 -28.21 -16.20 23.69
C ASN D 440 -29.65 -16.69 23.59
N VAL D 441 -29.81 -18.00 23.44
CA VAL D 441 -31.12 -18.63 23.30
C VAL D 441 -31.29 -19.57 24.49
N LYS D 442 -32.16 -19.18 25.42
CA LYS D 442 -32.33 -19.93 26.65
C LYS D 442 -32.96 -21.29 26.38
N ALA D 443 -32.65 -22.26 27.25
CA ALA D 443 -33.16 -23.62 27.09
C ALA D 443 -34.68 -23.62 26.94
N GLN D 444 -35.36 -22.77 27.71
CA GLN D 444 -36.83 -22.75 27.67
C GLN D 444 -37.39 -22.24 26.35
N ASP D 445 -36.56 -21.61 25.51
CA ASP D 445 -37.04 -20.97 24.28
C ASP D 445 -36.62 -21.68 23.01
N ASN D 446 -36.02 -22.87 23.09
CA ASN D 446 -35.63 -23.58 21.88
C ASN D 446 -35.84 -25.08 22.06
N VAL D 447 -35.91 -25.78 20.93
CA VAL D 447 -36.37 -27.16 20.92
C VAL D 447 -35.34 -28.14 21.48
N LEU D 448 -34.08 -27.74 21.57
CA LEU D 448 -33.09 -28.63 22.18
C LEU D 448 -33.12 -28.59 23.70
N ASN D 449 -33.88 -27.67 24.29
CA ASN D 449 -34.00 -27.54 25.74
C ASN D 449 -32.62 -27.42 26.39
N LYS D 450 -31.72 -26.69 25.72
CA LYS D 450 -30.40 -26.39 26.25
C LYS D 450 -30.07 -24.94 25.91
N ASP D 451 -29.37 -24.26 26.81
CA ASP D 451 -28.90 -22.91 26.53
C ASP D 451 -27.89 -22.95 25.39
N ILE D 452 -28.13 -22.15 24.35
CA ILE D 452 -27.26 -22.10 23.17
C ILE D 452 -26.86 -20.65 22.94
N LEU D 453 -25.55 -20.41 22.88
CA LEU D 453 -25.01 -19.09 22.56
C LEU D 453 -24.60 -19.09 21.09
N LEU D 454 -25.11 -18.13 20.34
CA LEU D 454 -24.85 -18.03 18.91
C LEU D 454 -24.01 -16.80 18.61
N PHE D 455 -23.13 -16.92 17.61
CA PHE D 455 -22.17 -15.89 17.24
C PHE D 455 -22.09 -15.89 15.72
N SER D 456 -21.96 -14.70 15.13
CA SER D 456 -21.84 -14.62 13.68
C SER D 456 -20.87 -13.51 13.31
N ASN D 457 -19.94 -13.82 12.42
CA ASN D 457 -18.99 -12.83 11.92
C ASN D 457 -18.18 -13.40 10.76
N PRO D 458 -17.27 -12.61 10.17
CA PRO D 458 -16.35 -13.15 9.17
C PRO D 458 -15.29 -13.99 9.88
N ASN D 459 -15.22 -15.26 9.52
CA ASN D 459 -14.42 -16.23 10.29
C ASN D 459 -12.98 -16.20 9.80
N THR D 460 -12.32 -15.08 10.07
CA THR D 460 -10.93 -14.88 9.66
C THR D 460 -10.23 -14.01 10.69
N VAL D 461 -8.96 -13.71 10.43
CA VAL D 461 -8.21 -12.67 11.12
C VAL D 461 -7.81 -11.54 10.18
N LYS D 462 -8.15 -11.64 8.90
CA LYS D 462 -7.93 -10.56 7.95
C LYS D 462 -8.96 -10.73 6.84
N GLY D 463 -9.65 -9.67 6.49
CA GLY D 463 -10.59 -9.73 5.40
C GLY D 463 -12.01 -10.09 5.82
N ARG D 464 -12.99 -9.41 5.23
CA ARG D 464 -14.40 -9.62 5.56
C ARG D 464 -14.98 -10.60 4.55
N ASP D 465 -14.75 -11.88 4.81
CA ASP D 465 -15.29 -12.96 4.02
C ASP D 465 -15.54 -14.15 4.93
N HIS D 466 -16.13 -15.20 4.35
CA HIS D 466 -16.45 -16.42 5.08
C HIS D 466 -17.34 -16.14 6.29
N ILE D 467 -18.46 -15.45 6.03
CA ILE D 467 -19.44 -15.18 7.08
C ILE D 467 -19.96 -16.49 7.64
N THR D 468 -19.85 -16.66 8.96
CA THR D 468 -20.10 -17.94 9.61
C THR D 468 -20.92 -17.75 10.87
N ILE D 469 -21.83 -18.68 11.13
CA ILE D 469 -22.52 -18.79 12.40
C ILE D 469 -21.84 -19.88 13.22
N LYS D 470 -21.51 -19.57 14.47
CA LYS D 470 -20.94 -20.53 15.40
C LYS D 470 -21.83 -20.65 16.63
N ALA D 471 -21.83 -21.83 17.25
CA ALA D 471 -22.65 -22.10 18.41
C ALA D 471 -21.81 -22.66 19.54
N SER D 472 -22.11 -22.21 20.77
CA SER D 472 -21.44 -22.68 21.97
C SER D 472 -22.48 -23.29 22.91
N LEU D 473 -22.18 -24.45 23.47
CA LEU D 473 -23.08 -25.12 24.39
C LEU D 473 -22.66 -24.99 25.84
N ASP D 474 -21.59 -24.26 26.13
CA ASP D 474 -21.07 -24.12 27.48
C ASP D 474 -20.94 -22.66 27.85
N LYS D 475 -21.94 -21.86 27.48
CA LYS D 475 -21.98 -20.44 27.82
C LYS D 475 -20.77 -19.67 27.28
N GLY D 476 -20.29 -20.10 26.12
CA GLY D 476 -19.27 -19.37 25.41
C GLY D 476 -17.84 -19.72 25.77
N LEU D 477 -17.62 -20.80 26.51
CA LEU D 477 -16.25 -21.17 26.85
C LEU D 477 -15.56 -21.85 25.66
N THR D 478 -16.28 -22.68 24.91
CA THR D 478 -15.70 -23.31 23.74
C THR D 478 -16.68 -23.22 22.56
N TRP D 479 -16.10 -23.11 21.37
CA TRP D 479 -16.84 -23.03 20.11
C TRP D 479 -16.31 -24.16 19.23
N LEU D 480 -16.97 -25.31 19.28
CA LEU D 480 -16.49 -26.49 18.58
C LEU D 480 -16.74 -26.33 17.08
N PRO D 481 -15.82 -26.83 16.24
CA PRO D 481 -15.97 -26.60 14.80
C PRO D 481 -17.20 -27.25 14.20
N GLU D 482 -17.66 -28.38 14.76
CA GLU D 482 -18.79 -29.07 14.17
C GLU D 482 -20.11 -28.32 14.35
N HIS D 483 -20.15 -27.33 15.24
CA HIS D 483 -21.36 -26.54 15.48
C HIS D 483 -21.25 -25.18 14.80
N GLN D 484 -20.78 -25.14 13.57
CA GLN D 484 -20.61 -23.92 12.81
C GLN D 484 -21.08 -24.15 11.40
N LEU D 485 -21.60 -23.10 10.77
CA LEU D 485 -22.05 -23.17 9.39
C LEU D 485 -21.48 -21.99 8.61
N LEU D 486 -20.72 -22.30 7.57
CA LEU D 486 -20.26 -21.28 6.64
C LEU D 486 -21.40 -20.84 5.73
N LEU D 487 -21.68 -19.53 5.70
CA LEU D 487 -22.76 -18.98 4.89
C LEU D 487 -22.30 -18.31 3.61
N ASP D 488 -21.15 -17.63 3.61
CA ASP D 488 -20.76 -16.81 2.47
C ASP D 488 -19.24 -16.73 2.40
N GLU D 489 -18.64 -17.45 1.45
CA GLU D 489 -17.19 -17.52 1.38
C GLU D 489 -16.57 -16.29 0.73
N ASP D 490 -17.35 -15.49 0.01
CA ASP D 490 -16.82 -14.39 -0.78
C ASP D 490 -16.77 -13.10 0.02
N PRO D 491 -16.11 -12.08 -0.52
CA PRO D 491 -15.94 -10.84 0.24
C PRO D 491 -17.21 -10.00 0.27
N GLY D 492 -17.45 -9.38 1.42
CA GLY D 492 -18.49 -8.39 1.60
C GLY D 492 -18.10 -7.37 2.67
N TRP D 493 -19.04 -6.61 3.17
CA TRP D 493 -18.76 -5.60 4.18
C TRP D 493 -18.82 -6.13 5.61
N GLY D 494 -19.36 -7.33 5.84
CA GLY D 494 -19.01 -8.11 7.00
C GLY D 494 -19.95 -8.04 8.19
N TYR D 495 -20.84 -7.05 8.26
CA TYR D 495 -21.69 -6.91 9.43
C TYR D 495 -22.86 -7.88 9.37
N SER D 496 -23.34 -8.28 10.56
CA SER D 496 -24.43 -9.25 10.63
C SER D 496 -25.20 -9.09 11.94
N CYS D 497 -26.42 -9.63 11.96
CA CYS D 497 -27.22 -9.66 13.18
C CYS D 497 -28.12 -10.89 13.20
N LEU D 498 -28.11 -11.59 14.32
CA LEU D 498 -28.84 -12.84 14.49
C LEU D 498 -30.12 -12.60 15.28
N THR D 499 -31.07 -13.53 15.08
CA THR D 499 -32.30 -13.58 15.86
C THR D 499 -32.84 -14.99 15.75
N MET D 500 -33.72 -15.37 16.68
CA MET D 500 -34.47 -16.62 16.55
C MET D 500 -35.75 -16.32 15.79
N ILE D 501 -35.94 -16.99 14.65
CA ILE D 501 -37.22 -16.90 13.96
C ILE D 501 -38.31 -17.59 14.77
N ASP D 502 -38.03 -18.80 15.23
CA ASP D 502 -38.94 -19.51 16.13
C ASP D 502 -38.11 -20.41 17.02
N LYS D 503 -38.79 -21.18 17.88
CA LYS D 503 -38.10 -22.00 18.87
C LYS D 503 -37.11 -22.96 18.24
N GLU D 504 -37.19 -23.19 16.92
CA GLU D 504 -36.25 -24.12 16.30
C GLU D 504 -35.47 -23.53 15.13
N THR D 505 -35.60 -22.22 14.85
CA THR D 505 -35.01 -21.67 13.64
C THR D 505 -34.34 -20.34 13.91
N ILE D 506 -33.09 -20.23 13.44
CA ILE D 506 -32.30 -19.00 13.49
C ILE D 506 -32.57 -18.18 12.23
N GLY D 507 -32.68 -16.86 12.40
CA GLY D 507 -32.67 -15.94 11.27
C GLY D 507 -31.43 -15.06 11.34
N ILE D 508 -30.90 -14.70 10.16
CA ILE D 508 -29.73 -13.83 10.08
C ILE D 508 -29.90 -12.82 8.96
N LEU D 509 -29.65 -11.55 9.26
CA LEU D 509 -29.57 -10.47 8.29
C LEU D 509 -28.14 -9.96 8.29
N TYR D 510 -27.50 -9.96 7.11
CA TYR D 510 -26.09 -9.61 7.06
C TYR D 510 -25.69 -9.02 5.72
N GLU D 511 -24.57 -8.29 5.74
CA GLU D 511 -23.94 -7.74 4.55
C GLU D 511 -23.16 -8.85 3.87
N SER D 512 -23.59 -9.25 2.67
CA SER D 512 -23.01 -10.41 2.00
C SER D 512 -22.36 -10.03 0.69
N SER D 513 -21.80 -11.05 0.02
CA SER D 513 -21.23 -10.89 -1.32
C SER D 513 -22.30 -10.82 -2.40
N VAL D 514 -23.56 -11.07 -2.08
CA VAL D 514 -24.60 -11.06 -3.09
C VAL D 514 -25.65 -9.99 -2.86
N ALA D 515 -25.78 -9.43 -1.66
CA ALA D 515 -26.74 -8.34 -1.45
C ALA D 515 -26.40 -7.60 -0.17
N HIS D 516 -26.63 -6.28 -0.20
CA HIS D 516 -26.28 -5.44 0.94
C HIS D 516 -26.98 -5.90 2.21
N MET D 517 -28.25 -6.27 2.11
CA MET D 517 -29.03 -6.78 3.26
C MET D 517 -29.55 -8.14 2.84
N THR D 518 -28.85 -9.19 3.28
CA THR D 518 -29.14 -10.57 2.93
C THR D 518 -29.77 -11.27 4.12
N PHE D 519 -30.87 -11.99 3.90
CA PHE D 519 -31.56 -12.72 4.95
C PHE D 519 -31.57 -14.21 4.66
N GLN D 520 -31.25 -15.00 5.68
CA GLN D 520 -31.22 -16.45 5.57
C GLN D 520 -31.82 -17.06 6.83
N ALA D 521 -32.27 -18.31 6.71
CA ALA D 521 -32.91 -19.05 7.80
C ALA D 521 -32.21 -20.39 7.95
N VAL D 522 -31.87 -20.75 9.18
CA VAL D 522 -31.07 -21.93 9.46
C VAL D 522 -31.70 -22.72 10.60
N LYS D 523 -31.92 -24.02 10.37
CA LYS D 523 -32.45 -24.88 11.43
C LYS D 523 -31.43 -25.05 12.54
N LEU D 524 -31.87 -24.86 13.78
CA LEU D 524 -30.98 -25.10 14.90
C LEU D 524 -30.35 -26.49 14.83
N THR D 525 -31.11 -27.47 14.35
CA THR D 525 -30.60 -28.84 14.28
C THR D 525 -29.57 -29.00 13.17
N ASP D 526 -29.44 -28.03 12.27
CA ASP D 526 -28.34 -28.05 11.31
C ASP D 526 -27.02 -27.68 11.97
N LEU D 527 -27.04 -26.77 12.94
CA LEU D 527 -25.83 -26.43 13.67
C LEU D 527 -25.50 -27.47 14.73
N ILE D 528 -26.52 -28.00 15.41
CA ILE D 528 -26.34 -28.94 16.50
C ILE D 528 -27.11 -30.20 16.13
N LYS D 529 -26.41 -31.19 15.61
CA LYS D 529 -27.02 -32.46 15.21
C LYS D 529 -26.89 -33.46 16.35
C1 DAN E . 7.56 -18.60 7.56
C2 DAN E . 7.93 -19.57 6.38
C3 DAN E . 9.07 -20.15 6.03
C4 DAN E . 9.33 -20.92 4.73
C5 DAN E . 8.34 -20.45 3.57
C6 DAN E . 7.12 -20.74 4.56
C7 DAN E . 5.84 -20.90 3.78
C8 DAN E . 4.52 -20.92 4.54
C9 DAN E . 3.36 -21.08 3.57
C10 DAN E . 9.54 -21.45 1.78
C11 DAN E . 9.55 -22.30 0.58
N5 DAN E . 8.38 -21.20 2.38
O1A DAN E . 6.44 -18.11 7.43
O1B DAN E . 8.34 -18.34 8.50
O4 DAN E . 10.73 -20.85 4.51
O6 DAN E . 6.90 -19.74 5.55
O7 DAN E . 5.83 -19.89 2.81
O8 DAN E . 4.54 -22.04 5.40
O9 DAN E . 3.02 -19.91 2.88
O10 DAN E . 10.53 -20.90 2.21
H3 DAN E . 9.79 -20.08 6.63
H4 DAN E . 9.08 -21.85 4.79
H5 DAN E . 8.45 -19.58 3.15
H6 DAN E . 7.33 -21.52 5.06
H7 DAN E . 5.91 -21.82 3.47
H8 DAN E . 4.43 -20.08 5.04
H111 DAN E . 9.06 -21.88 -0.14
H112 DAN E . 10.47 -22.45 0.28
H113 DAN E . 9.15 -23.16 0.77
HN5 DAN E . 7.64 -21.49 2.05
HO4 DAN E . 11.05 -21.63 4.58
HO7 DAN E . 5.93 -19.14 3.20
HO8 DAN E . 4.26 -22.72 4.97
HO9 DAN E . 3.46 -19.89 2.16
C1 DAN F . 13.14 13.12 4.56
C2 DAN F . 13.19 14.09 5.76
C3 DAN F . 14.25 14.39 6.54
C4 DAN F . 14.26 15.34 7.72
C5 DAN F . 12.77 15.46 8.12
C6 DAN F . 12.00 15.82 6.84
C7 DAN F . 10.56 16.28 7.16
C8 DAN F . 9.71 16.68 5.94
C9 DAN F . 8.39 17.25 6.40
C10 DAN F . 12.50 15.91 10.45
C11 DAN F . 12.22 16.92 11.53
N5 DAN F . 12.49 16.36 9.19
O1A DAN F . 12.01 12.92 4.16
O1B DAN F . 14.15 12.65 4.10
O4 DAN F . 15.08 14.79 8.74
O6 DAN F . 12.00 14.72 5.92
O7 DAN F . 9.98 15.22 7.89
O8 DAN F . 10.51 17.63 5.28
O9 DAN F . 7.47 16.22 6.58
O10 DAN F . 12.74 14.74 10.69
H3 DAN F . 15.06 13.97 6.33
H4 DAN F . 14.63 16.22 7.51
H5 DAN F . 12.51 14.61 8.48
H6 DAN F . 12.44 16.55 6.36
H7 DAN F . 10.65 17.10 7.66
H8 DAN F . 9.51 15.92 5.37
H111 DAN F . 11.99 16.47 12.35
H112 DAN F . 12.99 17.48 11.67
H113 DAN F . 11.47 17.48 11.28
HN5 DAN F . 12.30 17.18 9.02
HO4 DAN F . 15.87 15.07 8.62
HO7 DAN F . 10.13 14.49 7.48
HO8 DAN F . 10.58 18.31 5.79
HO9 DAN F . 6.76 16.54 6.91
C1 DAN G . -4.43 7.50 -19.75
C2 DAN G . -4.21 6.35 -20.80
C3 DAN G . -5.07 5.81 -21.67
C4 DAN G . -4.84 4.57 -22.55
C5 DAN G . -3.66 3.72 -21.92
C6 DAN G . -2.69 4.98 -21.86
C7 DAN G . -1.24 4.55 -21.72
C8 DAN G . -0.23 5.61 -21.30
C9 DAN G . 1.18 5.03 -21.22
C10 DAN G . -4.04 1.67 -23.02
C11 DAN G . -3.57 0.55 -23.85
N5 DAN G . -3.18 2.63 -22.67
O1A DAN G . -3.52 7.63 -18.93
O1B DAN G . -5.43 8.21 -19.78
O4 DAN G . -6.11 3.96 -22.70
O6 DAN G . -2.97 5.92 -20.80
O7 DAN G . -1.25 3.49 -20.79
O8 DAN G . -0.25 6.61 -22.29
O9 DAN G . 1.37 4.29 -20.05
O10 DAN G . -5.19 1.75 -22.61
H3 DAN G . -5.90 6.22 -21.76
H4 DAN G . -4.51 4.76 -23.44
H5 DAN G . -3.87 3.24 -21.11
H6 DAN G . -2.84 5.48 -22.67
H7 DAN G . -0.97 4.32 -22.63
H8 DAN G . -0.48 5.95 -20.42
H111 DAN G . -4.09 -0.25 -23.68
H112 DAN G . -3.66 0.78 -24.80
H113 DAN G . -2.64 0.36 -23.68
HN5 DAN G . -2.35 2.59 -22.91
HO4 DAN G . -6.45 4.21 -23.44
HO7 DAN G . -1.65 3.75 -20.10
HO8 DAN G . 0.13 6.29 -22.99
HO9 DAN G . 2.12 3.90 -20.10
C1 DAN H . -17.07 -0.01 9.17
C2 DAN H . -17.68 0.97 10.22
C3 DAN H . -18.86 1.62 10.16
C4 DAN H . -19.35 2.71 11.12
C5 DAN H . -18.04 3.34 11.69
C6 DAN H . -17.37 2.04 12.23
C7 DAN H . -16.22 2.36 13.18
C8 DAN H . -15.23 1.28 13.60
C9 DAN H . -14.08 2.01 14.30
C10 DAN H . -18.77 5.52 12.33
C11 DAN H . -18.91 6.52 13.43
N5 DAN H . -18.18 4.37 12.65
O1A DAN H . -16.62 -1.06 9.58
O1B DAN H . -16.96 0.41 8.04
O4 DAN H . -20.20 3.56 10.39
O6 DAN H . -16.84 1.18 11.23
O7 DAN H . -15.54 3.43 12.55
O8 DAN H . -15.90 0.45 14.50
O9 DAN H . -12.81 1.62 13.81
O10 DAN H . -19.19 5.72 11.20
H3 DAN H . -19.43 1.39 9.47
H4 DAN H . -19.87 2.39 11.87
H5 DAN H . -17.56 3.84 11.02
H6 DAN H . -18.06 1.53 12.68
H7 DAN H . -16.67 2.54 14.03
H8 DAN H . -14.91 0.76 12.85
H111 DAN H . -19.12 7.40 13.06
H112 DAN H . -19.62 6.28 14.03
H113 DAN H . -18.09 6.60 13.93
HN5 DAN H . -17.87 4.25 13.46
HO4 DAN H . -20.97 3.51 10.73
HO7 DAN H . -15.25 3.16 11.80
HO8 DAN H . -16.39 -0.09 14.06
HO9 DAN H . -12.61 0.87 14.15
#